data_7ZKT
#
_entry.id   7ZKT
#
_cell.length_a   65.010
_cell.length_b   138.430
_cell.length_c   129.780
_cell.angle_alpha   90.000
_cell.angle_beta   94.030
_cell.angle_gamma   90.000
#
_symmetry.space_group_name_H-M   'P 1 21 1'
#
loop_
_entity.id
_entity.type
_entity.pdbx_description
1 polymer 'N-acetyltransferase domain-containing protein'
2 non-polymer 'COENZYME A'
3 non-polymer LYSINE
4 non-polymer 'SODIUM ION'
5 non-polymer 1,2-ETHANEDIOL
6 non-polymer 'SULFATE ION'
7 water water
#
_entity_poly.entity_id   1
_entity_poly.type   'polypeptide(L)'
_entity_poly.pdbx_seq_one_letter_code
;MGSSHHHHHHSSGLVPRGSHMAMEGTLTATVRLATPADAPSIAKLIRELADFEELSHACVVTEEKLHSSLWKLPPFQGPT
VLMLEVCQQEENVVEVKEDWHAEGEVFEPIVRSVVLKNPIDDSAREGFRSPSTGTHTTVGFVLFFPNYSTFLAKGGYYIE
DLYVRKPYRGTGLGTILLKSVVQQAKKLRAGRVEWCVLDWNVNAIKFYEGLGAKVMPEWRICRLTGEALEACAL
;
_entity_poly.pdbx_strand_id   A,B,C,D,E,F,G,H
#
loop_
_chem_comp.id
_chem_comp.type
_chem_comp.name
_chem_comp.formula
COA non-polymer 'COENZYME A' 'C21 H36 N7 O16 P3 S'
EDO non-polymer 1,2-ETHANEDIOL 'C2 H6 O2'
NA non-polymer 'SODIUM ION' 'Na 1'
SO4 non-polymer 'SULFATE ION' 'O4 S -2'
#
# COMPACT_ATOMS: atom_id res chain seq x y z
N ALA A 22 -53.29 33.16 -15.41
CA ALA A 22 -53.40 32.67 -16.79
C ALA A 22 -54.21 31.37 -16.87
N MET A 23 -53.76 30.31 -16.15
CA MET A 23 -54.43 29.00 -16.12
C MET A 23 -54.98 28.73 -14.70
N GLU A 24 -56.30 28.44 -14.60
CA GLU A 24 -56.98 28.15 -13.31
C GLU A 24 -58.03 27.04 -13.42
N GLY A 25 -58.41 26.48 -12.28
CA GLY A 25 -59.41 25.42 -12.20
C GLY A 25 -58.91 24.04 -12.55
N THR A 26 -59.24 23.56 -13.76
CA THR A 26 -58.86 22.25 -14.27
C THR A 26 -58.13 22.37 -15.63
N LEU A 27 -57.03 21.61 -15.79
CA LEU A 27 -56.26 21.52 -17.03
C LEU A 27 -56.50 20.16 -17.65
N THR A 28 -56.23 20.06 -18.96
CA THR A 28 -56.23 18.77 -19.64
C THR A 28 -54.76 18.50 -19.94
N ALA A 29 -54.20 17.44 -19.35
CA ALA A 29 -52.81 17.04 -19.52
C ALA A 29 -52.73 15.93 -20.56
N THR A 30 -51.74 16.03 -21.46
CA THR A 30 -51.51 15.06 -22.53
C THR A 30 -50.06 14.59 -22.51
N VAL A 31 -49.87 13.26 -22.51
CA VAL A 31 -48.56 12.63 -22.61
C VAL A 31 -48.57 11.88 -23.95
N ARG A 32 -47.65 12.24 -24.85
CA ARG A 32 -47.56 11.67 -26.18
C ARG A 32 -46.11 11.41 -26.61
N LEU A 33 -45.92 10.57 -27.64
CA LEU A 33 -44.59 10.33 -28.21
C LEU A 33 -44.10 11.60 -28.90
N ALA A 34 -42.83 11.92 -28.68
CA ALA A 34 -42.19 13.05 -29.33
C ALA A 34 -41.90 12.65 -30.79
N THR A 35 -41.93 13.62 -31.70
CA THR A 35 -41.56 13.43 -33.11
C THR A 35 -40.37 14.36 -33.36
N PRO A 36 -39.64 14.30 -34.52
CA PRO A 36 -38.54 15.26 -34.77
C PRO A 36 -38.94 16.73 -34.66
N ALA A 37 -40.23 17.09 -34.87
CA ALA A 37 -40.78 18.46 -34.75
C ALA A 37 -40.68 19.01 -33.31
N ASP A 38 -40.45 18.11 -32.31
CA ASP A 38 -40.33 18.42 -30.88
C ASP A 38 -38.90 18.69 -30.45
N ALA A 39 -37.90 18.46 -31.35
CA ALA A 39 -36.48 18.72 -31.06
C ALA A 39 -36.24 20.14 -30.50
N PRO A 40 -36.84 21.26 -31.03
CA PRO A 40 -36.59 22.58 -30.42
C PRO A 40 -37.03 22.69 -28.95
N SER A 41 -38.21 22.21 -28.60
CA SER A 41 -38.72 22.21 -27.22
C SER A 41 -37.94 21.27 -26.31
N ILE A 42 -37.56 20.06 -26.81
CA ILE A 42 -36.77 19.07 -26.06
C ILE A 42 -35.41 19.69 -25.68
N ALA A 43 -34.73 20.36 -26.66
CA ALA A 43 -33.43 21.02 -26.44
C ALA A 43 -33.55 22.08 -25.33
N LYS A 44 -34.59 22.93 -25.41
CA LYS A 44 -34.92 24.01 -24.47
C LYS A 44 -35.14 23.47 -23.05
N LEU A 45 -35.84 22.34 -22.94
CA LEU A 45 -36.19 21.69 -21.67
C LEU A 45 -35.00 20.96 -21.03
N ILE A 46 -34.13 20.31 -21.86
CA ILE A 46 -32.88 19.65 -21.42
C ILE A 46 -31.97 20.69 -20.74
N ARG A 47 -31.91 21.89 -21.32
CA ARG A 47 -31.13 23.04 -20.80
C ARG A 47 -31.67 23.51 -19.47
N GLU A 48 -33.01 23.59 -19.32
CA GLU A 48 -33.68 23.98 -18.06
C GLU A 48 -33.38 22.97 -16.97
N LEU A 49 -33.39 21.69 -17.33
CA LEU A 49 -33.10 20.60 -16.39
C LEU A 49 -31.65 20.65 -15.93
N ALA A 50 -30.69 20.87 -16.87
CA ALA A 50 -29.26 20.97 -16.60
C ALA A 50 -28.99 22.13 -15.66
N ASP A 51 -29.75 23.21 -15.82
CA ASP A 51 -29.67 24.38 -14.97
C ASP A 51 -30.18 24.01 -13.57
N PHE A 52 -31.28 23.24 -13.47
CA PHE A 52 -31.82 22.80 -12.17
C PHE A 52 -30.82 21.91 -11.44
N GLU A 53 -30.20 20.97 -12.18
CA GLU A 53 -29.23 20.01 -11.67
C GLU A 53 -27.82 20.57 -11.44
N GLU A 54 -27.67 21.90 -11.62
CA GLU A 54 -26.43 22.62 -11.40
C GLU A 54 -25.30 22.08 -12.27
N LEU A 55 -25.61 21.84 -13.56
CA LEU A 55 -24.72 21.26 -14.58
C LEU A 55 -24.82 21.98 -15.93
N SER A 56 -25.23 23.26 -15.96
CA SER A 56 -25.37 24.06 -17.19
C SER A 56 -24.17 24.02 -18.12
N HIS A 57 -22.95 24.22 -17.58
CA HIS A 57 -21.70 24.30 -18.37
C HIS A 57 -21.41 22.95 -19.10
N ALA A 58 -21.82 21.81 -18.51
CA ALA A 58 -21.63 20.47 -19.04
C ALA A 58 -22.71 20.07 -20.08
N CYS A 59 -23.77 20.89 -20.24
CA CYS A 59 -24.85 20.65 -21.19
C CYS A 59 -24.51 21.31 -22.52
N VAL A 60 -24.32 20.48 -23.57
CA VAL A 60 -23.97 20.92 -24.94
C VAL A 60 -25.02 20.46 -25.99
N VAL A 61 -26.28 20.23 -25.54
CA VAL A 61 -27.39 19.82 -26.41
C VAL A 61 -27.69 20.89 -27.47
N THR A 62 -28.01 20.42 -28.68
CA THR A 62 -28.45 21.26 -29.81
C THR A 62 -29.55 20.47 -30.50
N GLU A 63 -30.41 21.15 -31.28
CA GLU A 63 -31.48 20.51 -32.05
C GLU A 63 -30.86 19.53 -33.05
N GLU A 64 -29.72 19.90 -33.64
CA GLU A 64 -28.98 19.09 -34.62
C GLU A 64 -28.51 17.78 -34.01
N LYS A 65 -27.98 17.83 -32.77
CA LYS A 65 -27.51 16.63 -32.03
C LYS A 65 -28.66 15.67 -31.72
N LEU A 66 -29.86 16.20 -31.46
CA LEU A 66 -31.04 15.39 -31.20
C LEU A 66 -31.50 14.72 -32.49
N HIS A 67 -31.47 15.44 -33.60
CA HIS A 67 -31.83 14.90 -34.92
C HIS A 67 -30.90 13.76 -35.37
N SER A 68 -29.63 13.81 -34.98
CA SER A 68 -28.59 12.81 -35.29
C SER A 68 -28.65 11.56 -34.41
N SER A 69 -29.13 11.70 -33.16
CA SER A 69 -29.16 10.63 -32.15
C SER A 69 -30.51 10.06 -31.78
N LEU A 70 -31.61 10.80 -32.01
CA LEU A 70 -32.95 10.32 -31.66
C LEU A 70 -33.74 9.97 -32.91
N TRP A 71 -34.90 9.33 -32.72
CA TRP A 71 -35.83 8.93 -33.80
C TRP A 71 -35.17 8.07 -34.88
N LYS A 72 -34.19 7.22 -34.50
CA LYS A 72 -33.46 6.32 -35.39
C LYS A 72 -33.98 4.88 -35.30
N LEU A 73 -34.49 4.50 -34.11
CA LEU A 73 -34.99 3.16 -33.83
C LEU A 73 -36.47 3.21 -33.51
N PRO A 74 -37.22 2.08 -33.54
CA PRO A 74 -38.64 2.11 -33.17
C PRO A 74 -38.82 2.61 -31.73
N PRO A 75 -39.95 3.30 -31.40
CA PRO A 75 -40.10 3.76 -30.01
C PRO A 75 -40.03 2.58 -29.03
N PHE A 76 -39.41 2.82 -27.85
CA PHE A 76 -39.23 1.87 -26.74
C PHE A 76 -38.15 0.82 -27.00
N GLN A 77 -37.47 0.92 -28.15
CA GLN A 77 -36.40 0.01 -28.57
C GLN A 77 -35.06 0.71 -28.55
N GLY A 78 -35.04 1.98 -28.19
CA GLY A 78 -33.88 2.83 -28.06
C GLY A 78 -34.25 4.05 -27.23
N PRO A 79 -33.42 5.15 -27.25
CA PRO A 79 -33.78 6.37 -26.49
C PRO A 79 -35.08 7.00 -27.01
N THR A 80 -36.09 7.10 -26.13
CA THR A 80 -37.43 7.53 -26.50
C THR A 80 -37.90 8.65 -25.61
N VAL A 81 -38.55 9.65 -26.24
CA VAL A 81 -39.10 10.81 -25.54
C VAL A 81 -40.63 10.84 -25.60
N LEU A 82 -41.21 11.17 -24.45
CA LEU A 82 -42.63 11.45 -24.32
C LEU A 82 -42.68 12.93 -23.93
N MET A 83 -43.58 13.68 -24.57
CA MET A 83 -43.80 15.10 -24.28
C MET A 83 -44.97 15.21 -23.34
N LEU A 84 -44.94 16.21 -22.43
CA LEU A 84 -46.04 16.53 -21.52
C LEU A 84 -46.58 17.91 -21.93
N GLU A 85 -47.86 17.96 -22.28
CA GLU A 85 -48.47 19.22 -22.70
C GLU A 85 -49.79 19.46 -22.01
N VAL A 86 -50.18 20.73 -21.88
CA VAL A 86 -51.44 21.13 -21.20
C VAL A 86 -52.23 22.16 -21.99
N CYS A 87 -53.51 22.27 -21.66
CA CYS A 87 -54.44 23.29 -22.14
C CYS A 87 -55.54 23.43 -21.11
N GLN A 88 -56.17 24.60 -21.07
CA GLN A 88 -57.27 24.91 -20.16
C GLN A 88 -58.49 24.06 -20.55
N GLN A 89 -59.18 23.46 -19.54
CA GLN A 89 -60.39 22.66 -19.76
C GLN A 89 -61.63 23.53 -19.57
N GLU A 105 -51.66 2.06 -33.26
CA GLU A 105 -50.78 3.03 -32.59
C GLU A 105 -49.82 2.34 -31.63
N VAL A 106 -48.50 2.68 -31.72
CA VAL A 106 -47.42 2.19 -30.84
C VAL A 106 -47.66 2.72 -29.41
N PHE A 107 -48.06 4.00 -29.32
CA PHE A 107 -48.34 4.68 -28.07
C PHE A 107 -49.50 5.63 -28.27
N GLU A 108 -50.66 5.25 -27.69
CA GLU A 108 -51.86 6.08 -27.73
C GLU A 108 -51.65 7.19 -26.69
N PRO A 109 -51.86 8.48 -27.05
CA PRO A 109 -51.68 9.57 -26.06
C PRO A 109 -52.49 9.38 -24.79
N ILE A 110 -51.89 9.71 -23.65
CA ILE A 110 -52.56 9.61 -22.35
C ILE A 110 -53.11 10.99 -22.04
N VAL A 111 -54.44 11.08 -21.90
CA VAL A 111 -55.16 12.32 -21.62
C VAL A 111 -55.81 12.23 -20.23
N ARG A 112 -55.49 13.19 -19.35
CA ARG A 112 -56.00 13.23 -17.99
C ARG A 112 -56.41 14.64 -17.62
N SER A 113 -57.45 14.75 -16.79
CA SER A 113 -57.93 16.02 -16.22
C SER A 113 -57.12 16.25 -14.94
N VAL A 114 -56.66 17.48 -14.74
CA VAL A 114 -55.84 17.82 -13.57
C VAL A 114 -56.43 19.02 -12.88
N VAL A 115 -56.93 18.83 -11.65
CA VAL A 115 -57.46 19.94 -10.85
C VAL A 115 -56.24 20.68 -10.28
N LEU A 116 -56.10 21.96 -10.64
CA LEU A 116 -54.97 22.80 -10.24
C LEU A 116 -54.91 23.08 -8.76
N LYS A 117 -53.73 22.74 -8.16
CA LYS A 117 -53.43 22.97 -6.75
C LYS A 117 -53.58 24.49 -6.46
N ASN A 118 -52.99 25.33 -7.35
CA ASN A 118 -53.02 26.79 -7.33
C ASN A 118 -53.06 27.35 -8.77
N PRO A 119 -53.59 28.57 -9.04
CA PRO A 119 -53.56 29.10 -10.42
C PRO A 119 -52.12 29.25 -10.93
N ILE A 120 -51.91 28.98 -12.23
CA ILE A 120 -50.58 29.01 -12.84
C ILE A 120 -50.31 30.30 -13.64
N ASP A 121 -49.17 30.94 -13.35
CA ASP A 121 -48.69 32.11 -14.07
C ASP A 121 -47.48 31.63 -14.87
N ASP A 122 -47.63 31.56 -16.20
CA ASP A 122 -46.59 31.09 -17.11
C ASP A 122 -46.19 32.17 -18.12
N SER A 123 -45.07 32.88 -17.85
CA SER A 123 -44.55 33.94 -18.71
C SER A 123 -43.85 33.37 -19.97
N ALA A 124 -43.43 32.09 -19.91
CA ALA A 124 -42.75 31.37 -20.99
C ALA A 124 -43.71 30.66 -21.97
N ARG A 125 -45.03 30.78 -21.72
CA ARG A 125 -46.12 30.14 -22.47
C ARG A 125 -46.01 30.20 -24.00
N GLU A 126 -45.72 31.38 -24.56
CA GLU A 126 -45.63 31.59 -26.00
C GLU A 126 -44.40 30.94 -26.64
N GLY A 127 -43.34 30.74 -25.85
CA GLY A 127 -42.12 30.08 -26.29
C GLY A 127 -42.20 28.57 -26.21
N PHE A 128 -43.34 28.04 -25.69
CA PHE A 128 -43.56 26.61 -25.54
C PHE A 128 -44.87 26.12 -26.16
N ARG A 129 -45.27 26.71 -27.30
CA ARG A 129 -46.47 26.27 -28.02
C ARG A 129 -46.18 24.89 -28.64
N SER A 130 -47.09 23.93 -28.44
CA SER A 130 -46.96 22.57 -28.93
C SER A 130 -47.03 22.47 -30.47
N PRO A 131 -46.11 21.69 -31.12
CA PRO A 131 -46.17 21.54 -32.58
C PRO A 131 -47.30 20.62 -33.06
N SER A 132 -47.87 19.77 -32.14
CA SER A 132 -48.95 18.83 -32.44
C SER A 132 -50.33 19.53 -32.50
N THR A 133 -50.64 20.33 -31.46
CA THR A 133 -51.87 21.11 -31.36
C THR A 133 -51.48 22.49 -30.85
N GLY A 134 -51.79 23.51 -31.66
CA GLY A 134 -51.48 24.91 -31.39
C GLY A 134 -52.05 25.46 -30.08
N THR A 135 -53.18 24.88 -29.63
CA THR A 135 -53.87 25.25 -28.38
C THR A 135 -53.20 24.67 -27.11
N HIS A 136 -52.15 23.84 -27.27
CA HIS A 136 -51.43 23.19 -26.18
C HIS A 136 -50.08 23.84 -25.88
N THR A 137 -49.72 23.86 -24.59
CA THR A 137 -48.46 24.39 -24.06
C THR A 137 -47.62 23.20 -23.59
N THR A 138 -46.35 23.13 -24.05
CA THR A 138 -45.38 22.12 -23.65
C THR A 138 -44.89 22.48 -22.25
N VAL A 139 -45.04 21.55 -21.27
CA VAL A 139 -44.65 21.82 -19.89
C VAL A 139 -43.61 20.82 -19.35
N GLY A 140 -43.30 19.77 -20.10
CA GLY A 140 -42.33 18.80 -19.64
C GLY A 140 -42.00 17.71 -20.62
N PHE A 141 -41.02 16.87 -20.26
CA PHE A 141 -40.58 15.74 -21.07
C PHE A 141 -39.92 14.65 -20.18
N VAL A 142 -39.81 13.48 -20.75
CA VAL A 142 -39.17 12.34 -20.13
C VAL A 142 -38.40 11.59 -21.25
N LEU A 143 -37.16 11.17 -20.98
CA LEU A 143 -36.40 10.38 -21.94
C LEU A 143 -36.07 9.06 -21.24
N PHE A 144 -36.29 7.94 -21.90
CA PHE A 144 -36.03 6.62 -21.34
C PHE A 144 -35.59 5.65 -22.42
N PHE A 145 -34.95 4.55 -22.02
CA PHE A 145 -34.48 3.54 -22.97
C PHE A 145 -34.40 2.20 -22.27
N PRO A 146 -34.33 1.04 -23.01
CA PRO A 146 -34.26 -0.25 -22.30
C PRO A 146 -32.97 -0.47 -21.53
N ASN A 147 -33.06 -1.16 -20.41
CA ASN A 147 -31.89 -1.59 -19.65
C ASN A 147 -32.00 -3.12 -19.40
N TYR A 148 -31.06 -3.72 -18.68
CA TYR A 148 -31.11 -5.15 -18.48
C TYR A 148 -30.59 -5.52 -17.10
N SER A 149 -31.30 -6.41 -16.41
CA SER A 149 -30.88 -6.92 -15.11
C SER A 149 -30.47 -8.38 -15.30
N THR A 150 -29.20 -8.71 -14.99
CA THR A 150 -28.72 -10.09 -15.09
C THR A 150 -29.26 -10.96 -13.95
N PHE A 151 -29.53 -10.36 -12.78
CA PHE A 151 -30.06 -11.09 -11.60
C PHE A 151 -31.49 -11.53 -11.83
N LEU A 152 -32.27 -10.73 -12.54
CA LEU A 152 -33.62 -11.09 -12.93
C LEU A 152 -33.57 -11.82 -14.27
N ALA A 153 -32.48 -11.62 -15.08
CA ALA A 153 -32.26 -12.16 -16.44
C ALA A 153 -33.42 -11.68 -17.32
N LYS A 154 -33.69 -10.36 -17.22
CA LYS A 154 -34.86 -9.70 -17.78
C LYS A 154 -34.53 -8.27 -18.08
N GLY A 155 -35.07 -7.78 -19.19
CA GLY A 155 -34.96 -6.39 -19.56
C GLY A 155 -35.90 -5.53 -18.73
N GLY A 156 -35.50 -4.28 -18.55
CA GLY A 156 -36.30 -3.27 -17.88
C GLY A 156 -36.20 -1.97 -18.64
N TYR A 157 -36.55 -0.86 -17.96
CA TYR A 157 -36.43 0.47 -18.54
C TYR A 157 -35.70 1.38 -17.62
N TYR A 158 -34.90 2.27 -18.24
CA TYR A 158 -34.12 3.24 -17.50
C TYR A 158 -34.59 4.63 -17.93
N ILE A 159 -34.93 5.49 -16.95
CA ILE A 159 -35.33 6.85 -17.21
C ILE A 159 -34.13 7.74 -17.06
N GLU A 160 -33.72 8.36 -18.17
CA GLU A 160 -32.58 9.26 -18.22
C GLU A 160 -32.93 10.66 -17.66
N ASP A 161 -33.99 11.27 -18.19
CA ASP A 161 -34.43 12.61 -17.82
C ASP A 161 -35.91 12.66 -17.52
N LEU A 162 -36.28 13.43 -16.50
CA LEU A 162 -37.66 13.66 -16.14
C LEU A 162 -37.71 15.13 -15.72
N TYR A 163 -38.54 15.91 -16.41
CA TYR A 163 -38.58 17.33 -16.13
C TYR A 163 -39.93 17.96 -16.40
N VAL A 164 -40.36 18.85 -15.50
CA VAL A 164 -41.60 19.65 -15.60
C VAL A 164 -41.14 21.11 -15.37
N ARG A 165 -41.63 22.05 -16.19
CA ARG A 165 -41.34 23.47 -16.08
C ARG A 165 -41.87 24.01 -14.76
N LYS A 166 -41.07 24.87 -14.06
CA LYS A 166 -41.34 25.43 -12.72
C LYS A 166 -42.80 25.84 -12.46
N PRO A 167 -43.52 26.63 -13.33
CA PRO A 167 -44.91 26.99 -12.99
C PRO A 167 -45.89 25.82 -12.88
N TYR A 168 -45.53 24.65 -13.41
CA TYR A 168 -46.39 23.45 -13.48
C TYR A 168 -46.03 22.34 -12.49
N ARG A 169 -45.08 22.60 -11.57
CA ARG A 169 -44.66 21.66 -10.54
C ARG A 169 -45.63 21.60 -9.35
N GLY A 170 -45.64 20.45 -8.68
CA GLY A 170 -46.43 20.24 -7.47
C GLY A 170 -47.93 20.23 -7.63
N THR A 171 -48.43 19.86 -8.83
CA THR A 171 -49.89 19.81 -9.06
C THR A 171 -50.32 18.47 -9.75
N GLY A 172 -49.47 17.45 -9.70
CA GLY A 172 -49.76 16.13 -10.22
C GLY A 172 -49.35 15.83 -11.64
N LEU A 173 -48.68 16.76 -12.32
CA LEU A 173 -48.26 16.59 -13.71
C LEU A 173 -47.08 15.66 -13.89
N GLY A 174 -46.08 15.79 -13.02
CA GLY A 174 -44.92 14.92 -13.01
C GLY A 174 -45.29 13.47 -12.77
N THR A 175 -46.26 13.21 -11.84
CA THR A 175 -46.79 11.86 -11.52
C THR A 175 -47.37 11.24 -12.79
N ILE A 176 -48.23 11.98 -13.53
CA ILE A 176 -48.84 11.52 -14.78
C ILE A 176 -47.76 11.12 -15.79
N LEU A 177 -46.73 11.98 -15.96
CA LEU A 177 -45.64 11.74 -16.89
C LEU A 177 -44.81 10.48 -16.54
N LEU A 178 -44.37 10.34 -15.28
CA LEU A 178 -43.61 9.17 -14.85
C LEU A 178 -44.47 7.87 -14.93
N LYS A 179 -45.73 7.93 -14.47
CA LYS A 179 -46.66 6.80 -14.52
C LYS A 179 -46.95 6.34 -15.97
N SER A 180 -46.91 7.27 -16.93
CA SER A 180 -47.13 6.98 -18.36
C SER A 180 -46.00 6.09 -18.90
N VAL A 181 -44.77 6.37 -18.46
CA VAL A 181 -43.57 5.58 -18.80
C VAL A 181 -43.66 4.21 -18.16
N VAL A 182 -43.98 4.15 -16.87
CA VAL A 182 -44.12 2.93 -16.09
C VAL A 182 -45.18 2.02 -16.69
N GLN A 183 -46.32 2.59 -17.12
CA GLN A 183 -47.43 1.83 -17.72
C GLN A 183 -46.96 1.18 -19.02
N GLN A 184 -46.21 1.93 -19.85
CA GLN A 184 -45.63 1.40 -21.07
C GLN A 184 -44.57 0.29 -20.78
N ALA A 185 -43.70 0.52 -19.79
CA ALA A 185 -42.69 -0.45 -19.33
C ALA A 185 -43.32 -1.76 -18.86
N LYS A 186 -44.44 -1.68 -18.12
CA LYS A 186 -45.18 -2.84 -17.60
C LYS A 186 -45.83 -3.61 -18.72
N LYS A 187 -46.34 -2.90 -19.74
CA LYS A 187 -46.99 -3.49 -20.93
C LYS A 187 -45.89 -4.28 -21.68
N LEU A 188 -44.63 -3.77 -21.63
CA LEU A 188 -43.48 -4.42 -22.25
C LEU A 188 -42.75 -5.41 -21.28
N ARG A 189 -43.41 -5.80 -20.18
CA ARG A 189 -43.00 -6.78 -19.16
C ARG A 189 -41.68 -6.49 -18.48
N ALA A 190 -41.39 -5.19 -18.20
CA ALA A 190 -40.15 -4.75 -17.53
C ALA A 190 -40.03 -5.38 -16.14
N GLY A 191 -38.82 -5.84 -15.79
CA GLY A 191 -38.57 -6.38 -14.46
C GLY A 191 -38.42 -5.25 -13.45
N ARG A 192 -37.83 -4.13 -13.89
CA ARG A 192 -37.59 -2.93 -13.10
C ARG A 192 -37.71 -1.70 -13.95
N VAL A 193 -37.98 -0.55 -13.30
CA VAL A 193 -37.90 0.79 -13.92
C VAL A 193 -36.90 1.52 -12.99
N GLU A 194 -35.80 2.01 -13.54
CA GLU A 194 -34.72 2.63 -12.77
C GLU A 194 -34.31 3.97 -13.32
N TRP A 195 -33.69 4.79 -12.47
CA TRP A 195 -33.19 6.12 -12.80
C TRP A 195 -32.23 6.55 -11.69
N CYS A 196 -31.63 7.71 -11.82
CA CYS A 196 -30.78 8.19 -10.74
C CYS A 196 -31.18 9.62 -10.34
N VAL A 197 -30.78 10.03 -9.14
CA VAL A 197 -31.14 11.31 -8.52
C VAL A 197 -29.95 11.85 -7.76
N LEU A 198 -29.79 13.19 -7.74
CA LEU A 198 -28.74 13.84 -6.95
C LEU A 198 -29.15 13.75 -5.48
N ASP A 199 -28.21 13.35 -4.61
CA ASP A 199 -28.46 13.17 -3.17
C ASP A 199 -29.07 14.40 -2.48
N TRP A 200 -28.78 15.61 -2.98
CA TRP A 200 -29.32 16.85 -2.39
C TRP A 200 -30.74 17.20 -2.89
N ASN A 201 -31.19 16.60 -3.99
CA ASN A 201 -32.50 16.90 -4.59
C ASN A 201 -33.59 16.22 -3.82
N VAL A 202 -33.88 16.76 -2.63
CA VAL A 202 -34.85 16.20 -1.69
C VAL A 202 -36.29 16.18 -2.24
N ASN A 203 -36.66 17.15 -3.09
CA ASN A 203 -38.01 17.20 -3.66
C ASN A 203 -38.25 16.05 -4.63
N ALA A 204 -37.23 15.70 -5.48
CA ALA A 204 -37.34 14.56 -6.42
C ALA A 204 -37.30 13.24 -5.62
N ILE A 205 -36.43 13.15 -4.55
CA ILE A 205 -36.33 11.94 -3.71
C ILE A 205 -37.68 11.62 -3.06
N LYS A 206 -38.37 12.64 -2.49
CA LYS A 206 -39.68 12.51 -1.86
C LYS A 206 -40.71 12.07 -2.88
N PHE A 207 -40.66 12.66 -4.08
CA PHE A 207 -41.59 12.36 -5.17
C PHE A 207 -41.42 10.88 -5.60
N TYR A 208 -40.18 10.42 -5.78
CA TYR A 208 -39.85 9.04 -6.17
C TYR A 208 -40.26 8.02 -5.12
N GLU A 209 -39.94 8.28 -3.84
CA GLU A 209 -40.31 7.40 -2.73
C GLU A 209 -41.82 7.27 -2.56
N GLY A 210 -42.54 8.36 -2.81
CA GLY A 210 -43.99 8.42 -2.76
C GLY A 210 -44.64 7.61 -3.86
N LEU A 211 -43.89 7.27 -4.93
CA LEU A 211 -44.35 6.44 -6.03
C LEU A 211 -43.92 4.97 -5.89
N GLY A 212 -43.24 4.64 -4.79
CA GLY A 212 -42.78 3.29 -4.51
C GLY A 212 -41.36 2.96 -4.92
N ALA A 213 -40.61 3.94 -5.37
CA ALA A 213 -39.23 3.69 -5.73
C ALA A 213 -38.38 3.63 -4.47
N LYS A 214 -37.32 2.76 -4.48
CA LYS A 214 -36.38 2.79 -3.38
C LYS A 214 -35.08 3.44 -3.83
N VAL A 215 -34.59 4.40 -3.05
CA VAL A 215 -33.32 5.07 -3.29
C VAL A 215 -32.30 4.11 -2.68
N MET A 216 -31.40 3.56 -3.47
CA MET A 216 -30.43 2.59 -2.97
C MET A 216 -29.14 3.26 -2.64
N PRO A 217 -28.82 3.45 -1.35
CA PRO A 217 -27.60 4.21 -1.00
C PRO A 217 -26.24 3.55 -1.27
N GLU A 218 -26.19 2.24 -1.45
CA GLU A 218 -24.93 1.49 -1.61
C GLU A 218 -24.25 1.64 -3.01
N TRP A 219 -25.01 1.93 -4.05
CA TRP A 219 -24.48 2.03 -5.41
C TRP A 219 -23.94 3.40 -5.77
N ARG A 220 -22.86 3.41 -6.50
CA ARG A 220 -22.20 4.61 -6.99
C ARG A 220 -22.04 4.52 -8.48
N ILE A 221 -22.31 5.61 -9.21
CA ILE A 221 -22.10 5.64 -10.66
C ILE A 221 -20.64 5.94 -10.96
N CYS A 222 -20.06 5.19 -11.91
CA CYS A 222 -18.70 5.41 -12.45
C CYS A 222 -18.80 5.84 -13.86
N ARG A 223 -17.97 6.78 -14.25
CA ARG A 223 -18.00 7.32 -15.59
C ARG A 223 -16.65 7.46 -16.19
N LEU A 224 -16.53 6.97 -17.43
CA LEU A 224 -15.35 7.12 -18.24
C LEU A 224 -15.82 7.98 -19.42
N THR A 225 -15.30 9.21 -19.51
CA THR A 225 -15.67 10.19 -20.53
C THR A 225 -14.53 11.14 -20.85
N GLY A 226 -14.72 12.04 -21.81
CA GLY A 226 -13.76 13.08 -22.20
C GLY A 226 -12.39 12.55 -22.53
N GLU A 227 -11.35 13.15 -21.93
CA GLU A 227 -9.93 12.81 -22.16
C GLU A 227 -9.63 11.42 -21.66
N ALA A 228 -10.21 11.03 -20.49
CA ALA A 228 -10.04 9.72 -19.85
C ALA A 228 -10.48 8.60 -20.78
N LEU A 229 -11.61 8.80 -21.47
CA LEU A 229 -12.18 7.86 -22.44
C LEU A 229 -11.31 7.82 -23.71
N GLU A 230 -10.89 9.01 -24.19
CA GLU A 230 -10.04 9.13 -25.37
C GLU A 230 -8.67 8.46 -25.16
N ALA A 231 -8.11 8.56 -23.95
CA ALA A 231 -6.82 7.97 -23.60
C ALA A 231 -6.91 6.44 -23.38
N CYS A 232 -8.12 5.90 -23.11
CA CYS A 232 -8.29 4.46 -22.91
C CYS A 232 -8.03 3.68 -24.19
N ALA A 233 -6.87 3.03 -24.26
CA ALA A 233 -6.40 2.27 -25.41
C ALA A 233 -6.13 0.79 -25.13
N LEU A 234 -6.18 -0.05 -26.18
CA LEU A 234 -5.87 -1.48 -26.15
C LEU A 234 -5.24 -1.80 -27.53
N ALA B 22 -1.87 -27.17 -13.22
CA ALA B 22 -1.78 -25.73 -12.98
C ALA B 22 -1.24 -24.95 -14.20
N MET B 23 -1.86 -23.80 -14.50
CA MET B 23 -1.47 -22.86 -15.56
C MET B 23 -0.30 -22.02 -15.07
N GLU B 24 0.78 -21.98 -15.85
CA GLU B 24 2.02 -21.27 -15.53
C GLU B 24 2.54 -20.47 -16.73
N GLY B 25 3.46 -19.54 -16.46
CA GLY B 25 4.16 -18.78 -17.49
C GLY B 25 3.34 -17.74 -18.19
N THR B 26 2.92 -18.02 -19.43
CA THR B 26 2.14 -17.11 -20.27
C THR B 26 0.86 -17.78 -20.73
N LEU B 27 -0.25 -17.01 -20.67
CA LEU B 27 -1.56 -17.44 -21.13
C LEU B 27 -1.92 -16.67 -22.40
N THR B 28 -2.82 -17.22 -23.19
CA THR B 28 -3.39 -16.49 -24.32
C THR B 28 -4.82 -16.18 -23.87
N ALA B 29 -5.14 -14.89 -23.75
CA ALA B 29 -6.46 -14.39 -23.35
C ALA B 29 -7.24 -14.01 -24.62
N THR B 30 -8.51 -14.41 -24.65
CA THR B 30 -9.40 -14.16 -25.78
C THR B 30 -10.69 -13.52 -25.27
N VAL B 31 -11.06 -12.39 -25.89
CA VAL B 31 -12.32 -11.70 -25.64
C VAL B 31 -13.14 -11.85 -26.94
N ARG B 32 -14.29 -12.50 -26.86
CA ARG B 32 -15.13 -12.74 -28.03
C ARG B 32 -16.61 -12.52 -27.70
N LEU B 33 -17.44 -12.36 -28.73
CA LEU B 33 -18.88 -12.24 -28.54
C LEU B 33 -19.46 -13.54 -28.02
N ALA B 34 -20.38 -13.46 -27.07
CA ALA B 34 -21.03 -14.67 -26.56
C ALA B 34 -22.06 -15.15 -27.60
N THR B 35 -22.29 -16.47 -27.63
CA THR B 35 -23.25 -17.14 -28.51
C THR B 35 -24.27 -17.89 -27.64
N PRO B 36 -25.49 -18.27 -28.12
CA PRO B 36 -26.41 -19.00 -27.22
C PRO B 36 -25.77 -20.21 -26.50
N ALA B 37 -24.72 -20.81 -27.09
CA ALA B 37 -24.00 -21.96 -26.51
C ALA B 37 -23.28 -21.61 -25.19
N ASP B 38 -23.09 -20.31 -24.94
CA ASP B 38 -22.43 -19.75 -23.76
C ASP B 38 -23.39 -19.54 -22.60
N ALA B 39 -24.73 -19.63 -22.80
CA ALA B 39 -25.74 -19.45 -21.75
C ALA B 39 -25.44 -20.26 -20.45
N PRO B 40 -25.04 -21.57 -20.50
CA PRO B 40 -24.71 -22.27 -19.23
C PRO B 40 -23.61 -21.61 -18.40
N SER B 41 -22.50 -21.21 -19.03
CA SER B 41 -21.38 -20.52 -18.38
C SER B 41 -21.75 -19.12 -17.90
N ILE B 42 -22.55 -18.35 -18.68
CA ILE B 42 -23.00 -17.01 -18.30
C ILE B 42 -23.82 -17.08 -17.00
N ALA B 43 -24.80 -18.00 -16.95
CA ALA B 43 -25.64 -18.28 -15.77
C ALA B 43 -24.77 -18.59 -14.52
N LYS B 44 -23.70 -19.42 -14.67
CA LYS B 44 -22.81 -19.75 -13.55
C LYS B 44 -22.01 -18.53 -13.08
N LEU B 45 -21.53 -17.69 -14.02
CA LEU B 45 -20.74 -16.50 -13.72
C LEU B 45 -21.59 -15.39 -13.08
N ILE B 46 -22.86 -15.21 -13.51
CA ILE B 46 -23.80 -14.24 -12.93
C ILE B 46 -24.07 -14.64 -11.45
N ARG B 47 -24.23 -15.94 -11.19
CA ARG B 47 -24.45 -16.47 -9.84
C ARG B 47 -23.22 -16.27 -8.96
N GLU B 48 -22.00 -16.45 -9.51
CA GLU B 48 -20.75 -16.23 -8.77
C GLU B 48 -20.59 -14.76 -8.39
N LEU B 49 -20.94 -13.84 -9.32
CA LEU B 49 -20.91 -12.40 -9.11
C LEU B 49 -21.93 -11.97 -7.98
N ALA B 50 -23.19 -12.42 -8.08
CA ALA B 50 -24.22 -12.18 -7.07
C ALA B 50 -23.73 -12.68 -5.70
N ASP B 51 -23.07 -13.85 -5.66
CA ASP B 51 -22.52 -14.40 -4.42
C ASP B 51 -21.41 -13.47 -3.88
N PHE B 52 -20.52 -12.96 -4.77
CA PHE B 52 -19.47 -12.00 -4.38
C PHE B 52 -20.08 -10.70 -3.78
N GLU B 53 -21.16 -10.18 -4.41
CA GLU B 53 -21.83 -8.94 -4.04
C GLU B 53 -22.74 -9.07 -2.85
N GLU B 54 -22.79 -10.29 -2.27
CA GLU B 54 -23.61 -10.62 -1.12
C GLU B 54 -25.09 -10.39 -1.50
N LEU B 55 -25.48 -10.78 -2.72
CA LEU B 55 -26.81 -10.63 -3.34
C LEU B 55 -27.37 -11.92 -3.97
N SER B 56 -26.95 -13.09 -3.46
CA SER B 56 -27.41 -14.42 -3.91
C SER B 56 -28.93 -14.61 -3.93
N HIS B 57 -29.64 -14.13 -2.88
CA HIS B 57 -31.09 -14.25 -2.75
C HIS B 57 -31.84 -13.53 -3.89
N ALA B 58 -31.30 -12.40 -4.36
CA ALA B 58 -31.85 -11.55 -5.43
C ALA B 58 -31.62 -12.12 -6.83
N CYS B 59 -30.69 -13.07 -6.96
CA CYS B 59 -30.31 -13.68 -8.24
C CYS B 59 -31.19 -14.86 -8.61
N VAL B 60 -32.00 -14.71 -9.69
CA VAL B 60 -32.92 -15.76 -10.17
C VAL B 60 -32.63 -16.17 -11.63
N VAL B 61 -31.38 -15.92 -12.10
CA VAL B 61 -30.94 -16.25 -13.47
C VAL B 61 -31.04 -17.78 -13.76
N THR B 62 -31.46 -18.13 -14.97
CA THR B 62 -31.51 -19.50 -15.48
C THR B 62 -31.05 -19.42 -16.94
N GLU B 63 -30.59 -20.57 -17.52
CA GLU B 63 -30.20 -20.67 -18.93
C GLU B 63 -31.39 -20.29 -19.82
N GLU B 64 -32.60 -20.73 -19.45
CA GLU B 64 -33.84 -20.47 -20.16
C GLU B 64 -34.13 -18.98 -20.23
N LYS B 65 -33.96 -18.24 -19.11
CA LYS B 65 -34.19 -16.80 -19.03
C LYS B 65 -33.22 -16.02 -19.92
N LEU B 66 -31.97 -16.49 -20.03
CA LEU B 66 -30.97 -15.90 -20.90
C LEU B 66 -31.31 -16.14 -22.36
N HIS B 67 -31.85 -17.32 -22.71
CA HIS B 67 -32.29 -17.65 -24.07
C HIS B 67 -33.49 -16.82 -24.54
N SER B 68 -34.37 -16.44 -23.60
CA SER B 68 -35.57 -15.63 -23.81
C SER B 68 -35.24 -14.15 -24.00
N SER B 69 -34.14 -13.69 -23.40
CA SER B 69 -33.84 -12.26 -23.35
C SER B 69 -32.59 -11.82 -24.10
N LEU B 70 -31.62 -12.71 -24.33
CA LEU B 70 -30.40 -12.36 -25.05
C LEU B 70 -30.44 -12.91 -26.46
N TRP B 71 -29.48 -12.49 -27.32
CA TRP B 71 -29.37 -12.95 -28.72
C TRP B 71 -30.65 -12.73 -29.54
N LYS B 72 -31.36 -11.62 -29.27
CA LYS B 72 -32.60 -11.21 -29.95
C LYS B 72 -32.33 -10.04 -30.93
N LEU B 73 -31.38 -9.19 -30.56
CA LEU B 73 -30.96 -8.01 -31.29
C LEU B 73 -29.50 -8.16 -31.72
N PRO B 74 -29.04 -7.41 -32.76
CA PRO B 74 -27.63 -7.49 -33.14
C PRO B 74 -26.72 -7.12 -31.97
N PRO B 75 -25.48 -7.64 -31.92
CA PRO B 75 -24.57 -7.24 -30.81
C PRO B 75 -24.37 -5.73 -30.77
N PHE B 76 -24.25 -5.13 -29.56
CA PHE B 76 -24.00 -3.71 -29.35
C PHE B 76 -25.24 -2.83 -29.62
N GLN B 77 -26.40 -3.45 -29.96
CA GLN B 77 -27.67 -2.77 -30.23
C GLN B 77 -28.73 -3.09 -29.15
N GLY B 78 -28.31 -3.81 -28.13
CA GLY B 78 -29.13 -4.28 -27.02
C GLY B 78 -28.24 -4.97 -26.03
N PRO B 79 -28.77 -5.73 -25.03
CA PRO B 79 -27.85 -6.37 -24.05
C PRO B 79 -26.91 -7.37 -24.72
N THR B 80 -25.59 -7.13 -24.61
CA THR B 80 -24.56 -7.93 -25.28
C THR B 80 -23.54 -8.45 -24.28
N VAL B 81 -23.23 -9.73 -24.36
CA VAL B 81 -22.19 -10.33 -23.52
C VAL B 81 -20.91 -10.55 -24.37
N LEU B 82 -19.73 -10.28 -23.78
CA LEU B 82 -18.40 -10.64 -24.30
C LEU B 82 -17.87 -11.69 -23.30
N MET B 83 -17.37 -12.81 -23.80
CA MET B 83 -16.80 -13.86 -22.96
C MET B 83 -15.30 -13.63 -22.87
N LEU B 84 -14.71 -13.95 -21.71
CA LEU B 84 -13.27 -13.91 -21.51
C LEU B 84 -12.81 -15.37 -21.32
N GLU B 85 -11.89 -15.83 -22.16
CA GLU B 85 -11.39 -17.19 -22.06
C GLU B 85 -9.89 -17.22 -22.15
N VAL B 86 -9.28 -18.28 -21.56
CA VAL B 86 -7.82 -18.45 -21.55
C VAL B 86 -7.41 -19.85 -21.93
N CYS B 87 -6.14 -19.98 -22.32
CA CYS B 87 -5.47 -21.25 -22.56
C CYS B 87 -4.00 -21.01 -22.39
N GLN B 88 -3.27 -22.08 -22.05
CA GLN B 88 -1.83 -22.06 -21.90
C GLN B 88 -1.19 -21.72 -23.27
N GLN B 89 -0.32 -20.68 -23.32
CA GLN B 89 0.41 -20.31 -24.52
C GLN B 89 1.57 -21.28 -24.68
N HIS B 101 -9.73 -12.51 -42.02
CA HIS B 101 -10.84 -11.61 -41.73
C HIS B 101 -11.26 -10.77 -42.96
N ALA B 102 -12.59 -10.73 -43.22
CA ALA B 102 -13.20 -9.98 -44.32
C ALA B 102 -13.78 -8.63 -43.82
N GLU B 103 -14.41 -7.87 -44.72
CA GLU B 103 -14.98 -6.55 -44.41
C GLU B 103 -16.32 -6.68 -43.67
N GLY B 104 -16.61 -5.65 -42.88
CA GLY B 104 -17.86 -5.51 -42.13
C GLY B 104 -18.17 -6.49 -41.03
N GLU B 105 -17.14 -7.11 -40.43
CA GLU B 105 -17.31 -8.02 -39.27
C GLU B 105 -17.61 -7.19 -38.01
N VAL B 106 -18.63 -7.59 -37.25
CA VAL B 106 -19.08 -6.88 -36.05
C VAL B 106 -18.02 -6.85 -34.94
N PHE B 107 -17.43 -7.99 -34.57
CA PHE B 107 -16.44 -8.03 -33.49
C PHE B 107 -15.45 -9.16 -33.68
N GLU B 108 -14.30 -8.83 -34.22
CA GLU B 108 -13.20 -9.77 -34.39
C GLU B 108 -12.66 -10.06 -32.98
N PRO B 109 -12.52 -11.35 -32.58
CA PRO B 109 -12.01 -11.63 -31.22
C PRO B 109 -10.72 -10.89 -30.87
N ILE B 110 -10.60 -10.41 -29.62
CA ILE B 110 -9.39 -9.73 -29.16
C ILE B 110 -8.51 -10.79 -28.51
N VAL B 111 -7.30 -10.99 -29.03
CA VAL B 111 -6.34 -12.00 -28.55
C VAL B 111 -5.11 -11.30 -27.98
N ARG B 112 -4.80 -11.56 -26.71
CA ARG B 112 -3.63 -10.97 -26.02
C ARG B 112 -2.86 -12.02 -25.22
N SER B 113 -1.54 -11.87 -25.17
CA SER B 113 -0.64 -12.72 -24.39
C SER B 113 -0.58 -12.10 -23.00
N VAL B 114 -0.66 -12.94 -21.96
CA VAL B 114 -0.65 -12.46 -20.58
C VAL B 114 0.42 -13.24 -19.81
N VAL B 115 1.49 -12.56 -19.37
CA VAL B 115 2.53 -13.19 -18.56
C VAL B 115 1.95 -13.24 -17.15
N LEU B 116 1.80 -14.47 -16.61
CA LEU B 116 1.19 -14.74 -15.31
C LEU B 116 1.97 -14.19 -14.15
N LYS B 117 1.24 -13.36 -13.33
CA LYS B 117 1.72 -12.73 -12.10
C LYS B 117 2.23 -13.87 -11.16
N ASN B 118 1.40 -14.92 -10.99
CA ASN B 118 1.66 -16.13 -10.21
C ASN B 118 1.02 -17.37 -10.90
N PRO B 119 1.54 -18.62 -10.71
CA PRO B 119 0.85 -19.80 -11.30
C PRO B 119 -0.59 -19.94 -10.81
N ILE B 120 -1.52 -20.34 -11.68
CA ILE B 120 -2.94 -20.44 -11.35
C ILE B 120 -3.38 -21.86 -11.04
N ASP B 121 -4.08 -22.02 -9.89
CA ASP B 121 -4.68 -23.27 -9.46
C ASP B 121 -6.19 -23.08 -9.58
N ASP B 122 -6.80 -23.77 -10.58
CA ASP B 122 -8.22 -23.68 -10.89
C ASP B 122 -8.91 -25.04 -10.76
N SER B 123 -9.60 -25.26 -9.63
CA SER B 123 -10.32 -26.52 -9.36
C SER B 123 -11.63 -26.63 -10.16
N ALA B 124 -12.17 -25.47 -10.60
CA ALA B 124 -13.42 -25.34 -11.38
C ALA B 124 -13.21 -25.44 -12.92
N ARG B 125 -11.96 -25.61 -13.37
CA ARG B 125 -11.51 -25.66 -14.76
C ARG B 125 -12.38 -26.52 -15.70
N GLU B 126 -12.71 -27.75 -15.27
CA GLU B 126 -13.49 -28.72 -16.06
C GLU B 126 -14.93 -28.31 -16.27
N GLY B 127 -15.49 -27.54 -15.34
CA GLY B 127 -16.86 -27.04 -15.41
C GLY B 127 -16.98 -25.76 -16.21
N PHE B 128 -15.83 -25.23 -16.69
CA PHE B 128 -15.79 -23.99 -17.46
C PHE B 128 -15.08 -24.16 -18.81
N ARG B 129 -15.22 -25.34 -19.44
CA ARG B 129 -14.64 -25.58 -20.76
C ARG B 129 -15.41 -24.74 -21.78
N SER B 130 -14.69 -24.00 -22.63
CA SER B 130 -15.28 -23.12 -23.64
C SER B 130 -16.00 -23.89 -24.74
N PRO B 131 -17.22 -23.45 -25.16
CA PRO B 131 -17.93 -24.15 -26.25
C PRO B 131 -17.39 -23.80 -27.64
N SER B 132 -16.57 -22.73 -27.77
CA SER B 132 -15.96 -22.28 -29.03
C SER B 132 -14.72 -23.13 -29.37
N THR B 133 -13.82 -23.29 -28.39
CA THR B 133 -12.61 -24.11 -28.53
C THR B 133 -12.47 -24.91 -27.24
N GLY B 134 -12.45 -26.25 -27.37
CA GLY B 134 -12.34 -27.19 -26.25
C GLY B 134 -11.11 -27.02 -25.37
N THR B 135 -10.01 -26.47 -25.96
CA THR B 135 -8.75 -26.20 -25.28
C THR B 135 -8.78 -24.91 -24.43
N HIS B 136 -9.89 -24.14 -24.48
CA HIS B 136 -10.04 -22.88 -23.73
C HIS B 136 -10.92 -23.01 -22.49
N THR B 137 -10.56 -22.24 -21.43
CA THR B 137 -11.26 -22.19 -20.16
C THR B 137 -11.93 -20.81 -20.05
N THR B 138 -13.24 -20.80 -19.78
CA THR B 138 -14.01 -19.56 -19.59
C THR B 138 -13.65 -19.02 -18.19
N VAL B 139 -13.18 -17.76 -18.12
CA VAL B 139 -12.75 -17.19 -16.84
C VAL B 139 -13.50 -15.90 -16.45
N GLY B 140 -14.30 -15.38 -17.36
CA GLY B 140 -15.05 -14.16 -17.09
C GLY B 140 -16.02 -13.76 -18.17
N PHE B 141 -16.77 -12.70 -17.90
CA PHE B 141 -17.76 -12.14 -18.85
C PHE B 141 -18.03 -10.65 -18.53
N VAL B 142 -18.64 -9.97 -19.48
CA VAL B 142 -19.08 -8.59 -19.35
C VAL B 142 -20.41 -8.44 -20.12
N LEU B 143 -21.39 -7.82 -19.50
CA LEU B 143 -22.66 -7.55 -20.17
C LEU B 143 -22.81 -6.03 -20.23
N PHE B 144 -23.10 -5.51 -21.40
CA PHE B 144 -23.27 -4.08 -21.59
C PHE B 144 -24.35 -3.81 -22.64
N PHE B 145 -24.88 -2.59 -22.65
CA PHE B 145 -25.93 -2.22 -23.61
C PHE B 145 -25.88 -0.71 -23.85
N PRO B 146 -26.49 -0.19 -24.95
CA PRO B 146 -26.49 1.27 -25.16
C PRO B 146 -27.20 2.10 -24.09
N ASN B 147 -26.63 3.26 -23.78
CA ASN B 147 -27.31 4.23 -22.92
C ASN B 147 -27.35 5.58 -23.66
N TYR B 148 -27.86 6.63 -23.02
CA TYR B 148 -27.99 7.90 -23.73
C TYR B 148 -27.79 9.04 -22.78
N SER B 149 -26.97 10.03 -23.16
CA SER B 149 -26.74 11.23 -22.33
C SER B 149 -27.45 12.39 -23.03
N THR B 150 -28.40 13.04 -22.37
CA THR B 150 -29.10 14.19 -22.96
C THR B 150 -28.23 15.45 -22.91
N PHE B 151 -27.30 15.54 -21.95
CA PHE B 151 -26.41 16.70 -21.81
C PHE B 151 -25.38 16.71 -22.91
N LEU B 152 -24.93 15.52 -23.35
CA LEU B 152 -24.04 15.38 -24.49
C LEU B 152 -24.88 15.26 -25.78
N ALA B 153 -26.19 14.88 -25.67
CA ALA B 153 -27.16 14.60 -26.75
C ALA B 153 -26.55 13.53 -27.66
N LYS B 154 -26.02 12.48 -27.04
CA LYS B 154 -25.24 11.44 -27.67
C LYS B 154 -25.44 10.12 -26.93
N GLY B 155 -25.47 9.03 -27.70
CA GLY B 155 -25.53 7.69 -27.13
C GLY B 155 -24.18 7.27 -26.55
N GLY B 156 -24.24 6.42 -25.52
CA GLY B 156 -23.06 5.85 -24.87
C GLY B 156 -23.26 4.37 -24.64
N TYR B 157 -22.43 3.79 -23.77
CA TYR B 157 -22.59 2.38 -23.37
C TYR B 157 -22.62 2.31 -21.89
N TYR B 158 -23.42 1.37 -21.37
CA TYR B 158 -23.54 1.12 -19.94
C TYR B 158 -23.13 -0.32 -19.70
N ILE B 159 -22.19 -0.55 -18.78
CA ILE B 159 -21.77 -1.90 -18.39
C ILE B 159 -22.56 -2.33 -17.18
N GLU B 160 -23.37 -3.39 -17.35
CA GLU B 160 -24.22 -3.97 -16.31
C GLU B 160 -23.42 -4.85 -15.35
N ASP B 161 -22.61 -5.77 -15.88
CA ASP B 161 -21.80 -6.71 -15.09
C ASP B 161 -20.42 -6.85 -15.69
N LEU B 162 -19.41 -7.01 -14.83
CA LEU B 162 -18.01 -7.25 -15.19
C LEU B 162 -17.51 -8.27 -14.16
N TYR B 163 -17.17 -9.48 -14.62
CA TYR B 163 -16.78 -10.49 -13.63
C TYR B 163 -15.65 -11.36 -14.13
N VAL B 164 -14.64 -11.62 -13.26
CA VAL B 164 -13.51 -12.52 -13.50
C VAL B 164 -13.51 -13.54 -12.35
N ARG B 165 -13.42 -14.84 -12.67
CA ARG B 165 -13.37 -15.90 -11.66
C ARG B 165 -12.16 -15.71 -10.76
N LYS B 166 -12.31 -16.02 -9.46
CA LYS B 166 -11.32 -15.79 -8.42
C LYS B 166 -9.87 -16.22 -8.78
N PRO B 167 -9.56 -17.44 -9.28
CA PRO B 167 -8.14 -17.79 -9.56
C PRO B 167 -7.44 -16.94 -10.63
N TYR B 168 -8.22 -16.19 -11.42
CA TYR B 168 -7.72 -15.41 -12.57
C TYR B 168 -7.66 -13.88 -12.34
N ARG B 169 -7.99 -13.44 -11.13
CA ARG B 169 -7.93 -12.02 -10.76
C ARG B 169 -6.48 -11.55 -10.48
N GLY B 170 -6.25 -10.25 -10.58
CA GLY B 170 -4.96 -9.62 -10.30
C GLY B 170 -3.83 -9.81 -11.29
N THR B 171 -4.07 -10.39 -12.49
CA THR B 171 -2.99 -10.62 -13.45
C THR B 171 -3.22 -9.86 -14.81
N GLY B 172 -4.18 -8.95 -14.82
CA GLY B 172 -4.46 -8.10 -15.99
C GLY B 172 -5.59 -8.53 -16.89
N LEU B 173 -6.30 -9.60 -16.54
CA LEU B 173 -7.39 -10.13 -17.37
C LEU B 173 -8.63 -9.24 -17.37
N GLY B 174 -9.01 -8.67 -16.23
CA GLY B 174 -10.12 -7.73 -16.09
C GLY B 174 -9.89 -6.43 -16.85
N THR B 175 -8.62 -5.98 -16.91
CA THR B 175 -8.22 -4.79 -17.68
C THR B 175 -8.48 -5.05 -19.18
N ILE B 176 -8.05 -6.21 -19.70
CA ILE B 176 -8.23 -6.57 -21.11
C ILE B 176 -9.74 -6.59 -21.44
N LEU B 177 -10.55 -7.21 -20.58
CA LEU B 177 -12.01 -7.32 -20.76
C LEU B 177 -12.70 -5.97 -20.74
N LEU B 178 -12.42 -5.11 -19.75
CA LEU B 178 -12.98 -3.75 -19.69
C LEU B 178 -12.53 -2.88 -20.88
N LYS B 179 -11.23 -2.89 -21.20
CA LYS B 179 -10.66 -2.13 -22.32
C LYS B 179 -11.24 -2.57 -23.68
N SER B 180 -11.60 -3.86 -23.84
CA SER B 180 -12.21 -4.42 -25.07
C SER B 180 -13.60 -3.79 -25.26
N VAL B 181 -14.36 -3.61 -24.16
CA VAL B 181 -15.67 -2.96 -24.18
C VAL B 181 -15.52 -1.48 -24.56
N VAL B 182 -14.60 -0.79 -23.91
CA VAL B 182 -14.33 0.63 -24.14
C VAL B 182 -13.88 0.88 -25.59
N GLN B 183 -13.01 0.01 -26.13
CA GLN B 183 -12.52 0.11 -27.51
C GLN B 183 -13.70 -0.02 -28.51
N GLN B 184 -14.61 -0.97 -28.25
CA GLN B 184 -15.80 -1.13 -29.06
C GLN B 184 -16.76 0.08 -28.94
N ALA B 185 -16.95 0.60 -27.72
CA ALA B 185 -17.79 1.77 -27.45
C ALA B 185 -17.27 3.01 -28.19
N LYS B 186 -15.96 3.21 -28.18
CA LYS B 186 -15.29 4.32 -28.88
C LYS B 186 -15.42 4.22 -30.40
N LYS B 187 -15.34 2.98 -30.92
CA LYS B 187 -15.50 2.70 -32.36
C LYS B 187 -16.95 3.06 -32.74
N LEU B 188 -17.90 2.86 -31.80
CA LEU B 188 -19.30 3.20 -32.02
C LEU B 188 -19.63 4.66 -31.62
N ARG B 189 -18.60 5.50 -31.39
CA ARG B 189 -18.67 6.93 -31.10
C ARG B 189 -19.39 7.27 -29.79
N ALA B 190 -19.27 6.40 -28.76
CA ALA B 190 -19.88 6.61 -27.44
C ALA B 190 -19.39 7.91 -26.79
N GLY B 191 -20.31 8.68 -26.21
CA GLY B 191 -19.94 9.89 -25.48
C GLY B 191 -19.35 9.53 -24.12
N ARG B 192 -19.87 8.45 -23.52
CA ARG B 192 -19.45 7.97 -22.21
C ARG B 192 -19.56 6.46 -22.15
N VAL B 193 -18.81 5.85 -21.21
CA VAL B 193 -18.96 4.46 -20.82
C VAL B 193 -19.19 4.56 -19.30
N GLU B 194 -20.34 4.04 -18.82
CA GLU B 194 -20.71 4.09 -17.42
C GLU B 194 -21.11 2.74 -16.84
N TRP B 195 -21.13 2.66 -15.49
CA TRP B 195 -21.48 1.46 -14.74
C TRP B 195 -21.65 1.88 -13.29
N CYS B 196 -22.06 0.93 -12.41
N CYS B 196 -22.05 0.94 -12.42
CA CYS B 196 -22.21 1.17 -10.97
CA CYS B 196 -22.14 1.23 -10.99
C CYS B 196 -21.29 0.26 -10.19
C CYS B 196 -21.33 0.24 -10.17
N VAL B 197 -20.93 0.69 -8.99
CA VAL B 197 -20.11 -0.10 -8.08
C VAL B 197 -20.69 0.03 -6.67
N LEU B 198 -20.54 -1.02 -5.85
CA LEU B 198 -20.96 -1.01 -4.44
C LEU B 198 -19.91 -0.20 -3.68
N ASP B 199 -20.35 0.71 -2.80
CA ASP B 199 -19.44 1.61 -2.09
C ASP B 199 -18.36 0.86 -1.25
N TRP B 200 -18.66 -0.37 -0.82
CA TRP B 200 -17.72 -1.17 -0.05
C TRP B 200 -16.72 -1.95 -0.91
N ASN B 201 -17.00 -2.09 -2.22
CA ASN B 201 -16.16 -2.84 -3.14
C ASN B 201 -14.91 -2.04 -3.55
N VAL B 202 -14.00 -1.84 -2.59
CA VAL B 202 -12.78 -1.03 -2.71
C VAL B 202 -11.82 -1.54 -3.79
N ASN B 203 -11.72 -2.87 -4.00
CA ASN B 203 -10.83 -3.41 -5.02
C ASN B 203 -11.28 -3.06 -6.42
N ALA B 204 -12.60 -3.06 -6.68
CA ALA B 204 -13.21 -2.68 -7.97
C ALA B 204 -13.06 -1.17 -8.18
N ILE B 205 -13.36 -0.34 -7.14
CA ILE B 205 -13.20 1.12 -7.19
C ILE B 205 -11.75 1.47 -7.60
N LYS B 206 -10.72 0.90 -6.90
CA LYS B 206 -9.28 1.12 -7.21
C LYS B 206 -8.99 0.70 -8.63
N PHE B 207 -9.51 -0.47 -9.04
CA PHE B 207 -9.37 -0.97 -10.41
C PHE B 207 -9.92 0.01 -11.46
N TYR B 208 -11.18 0.50 -11.29
CA TYR B 208 -11.84 1.46 -12.19
C TYR B 208 -11.12 2.80 -12.22
N GLU B 209 -10.71 3.33 -11.04
CA GLU B 209 -9.99 4.61 -10.94
C GLU B 209 -8.63 4.58 -11.64
N GLY B 210 -7.95 3.44 -11.54
CA GLY B 210 -6.66 3.19 -12.18
C GLY B 210 -6.74 3.19 -13.70
N LEU B 211 -7.94 3.00 -14.24
CA LEU B 211 -8.21 3.04 -15.68
C LEU B 211 -8.79 4.40 -16.14
N GLY B 212 -8.85 5.37 -15.23
CA GLY B 212 -9.31 6.72 -15.53
C GLY B 212 -10.78 7.01 -15.27
N ALA B 213 -11.56 6.01 -14.81
CA ALA B 213 -12.98 6.23 -14.50
C ALA B 213 -13.13 7.07 -13.20
N LYS B 214 -14.16 7.91 -13.13
CA LYS B 214 -14.44 8.73 -11.95
C LYS B 214 -15.67 8.17 -11.26
N VAL B 215 -15.56 7.94 -9.96
CA VAL B 215 -16.67 7.48 -9.12
C VAL B 215 -17.38 8.78 -8.75
N MET B 216 -18.67 8.91 -9.10
CA MET B 216 -19.43 10.13 -8.84
C MET B 216 -20.22 10.00 -7.56
N PRO B 217 -19.80 10.64 -6.45
CA PRO B 217 -20.50 10.42 -5.17
C PRO B 217 -21.90 11.02 -4.99
N GLU B 218 -22.28 12.00 -5.80
CA GLU B 218 -23.54 12.74 -5.66
C GLU B 218 -24.80 11.98 -6.15
N TRP B 219 -24.64 11.04 -7.11
CA TRP B 219 -25.78 10.32 -7.66
C TRP B 219 -26.20 9.10 -6.85
N ARG B 220 -27.51 8.87 -6.79
CA ARG B 220 -28.11 7.70 -6.14
C ARG B 220 -29.02 6.97 -7.12
N ILE B 221 -28.95 5.64 -7.16
CA ILE B 221 -29.84 4.84 -8.02
C ILE B 221 -31.22 4.65 -7.34
N CYS B 222 -32.29 4.81 -8.13
CA CYS B 222 -33.67 4.56 -7.73
C CYS B 222 -34.23 3.38 -8.47
N ARG B 223 -34.95 2.51 -7.77
CA ARG B 223 -35.51 1.33 -8.40
C ARG B 223 -36.97 1.16 -8.06
N LEU B 224 -37.77 0.96 -9.11
CA LEU B 224 -39.19 0.68 -8.98
C LEU B 224 -39.34 -0.77 -9.48
N THR B 225 -39.68 -1.69 -8.57
CA THR B 225 -39.79 -3.12 -8.89
C THR B 225 -40.82 -3.80 -7.98
N GLY B 226 -41.06 -5.10 -8.24
CA GLY B 226 -41.96 -5.92 -7.45
C GLY B 226 -43.36 -5.38 -7.34
N GLU B 227 -43.89 -5.40 -6.10
CA GLU B 227 -45.24 -4.96 -5.78
C GLU B 227 -45.43 -3.47 -6.01
N ALA B 228 -44.41 -2.65 -5.69
CA ALA B 228 -44.46 -1.20 -5.90
C ALA B 228 -44.61 -0.87 -7.39
N LEU B 229 -43.89 -1.60 -8.27
CA LEU B 229 -44.01 -1.47 -9.72
C LEU B 229 -45.41 -1.89 -10.18
N GLU B 230 -45.92 -3.01 -9.66
CA GLU B 230 -47.27 -3.50 -9.97
C GLU B 230 -48.36 -2.50 -9.57
N ALA B 231 -48.19 -1.88 -8.39
CA ALA B 231 -49.14 -0.91 -7.85
C ALA B 231 -49.08 0.44 -8.58
N CYS B 232 -47.94 0.77 -9.23
CA CYS B 232 -47.80 2.06 -9.94
C CYS B 232 -48.69 2.15 -11.17
N ALA B 233 -49.83 2.84 -11.07
CA ALA B 233 -50.74 2.90 -12.22
C ALA B 233 -51.41 4.23 -12.28
N LEU B 234 -51.82 4.63 -13.50
CA LEU B 234 -52.54 5.88 -13.75
C LEU B 234 -53.98 5.79 -13.24
N ALA C 22 -33.66 50.65 -21.88
CA ALA C 22 -34.02 51.69 -20.92
C ALA C 22 -32.81 52.59 -20.61
N MET C 23 -31.72 52.01 -20.01
CA MET C 23 -30.47 52.76 -19.74
C MET C 23 -29.63 52.79 -21.04
N GLU C 24 -29.35 54.00 -21.54
CA GLU C 24 -28.62 54.27 -22.79
C GLU C 24 -27.50 55.31 -22.63
N GLY C 25 -26.50 55.24 -23.51
CA GLY C 25 -25.40 56.19 -23.58
C GLY C 25 -24.31 56.02 -22.54
N THR C 26 -24.34 56.85 -21.48
CA THR C 26 -23.35 56.83 -20.40
C THR C 26 -24.03 56.64 -19.04
N LEU C 27 -23.42 55.79 -18.18
CA LEU C 27 -23.88 55.57 -16.80
C LEU C 27 -22.87 56.18 -15.84
N THR C 28 -23.33 56.48 -14.62
CA THR C 28 -22.43 56.89 -13.55
C THR C 28 -22.39 55.68 -12.62
N ALA C 29 -21.22 55.08 -12.46
CA ALA C 29 -20.98 53.93 -11.59
C ALA C 29 -20.41 54.41 -10.26
N THR C 30 -20.92 53.84 -9.16
CA THR C 30 -20.50 54.17 -7.80
C THR C 30 -20.14 52.87 -7.07
N VAL C 31 -18.94 52.86 -6.45
CA VAL C 31 -18.46 51.76 -5.61
C VAL C 31 -18.34 52.36 -4.21
N ARG C 32 -19.06 51.80 -3.27
CA ARG C 32 -19.08 52.28 -1.88
C ARG C 32 -19.05 51.14 -0.89
N LEU C 33 -18.82 51.45 0.37
CA LEU C 33 -18.86 50.46 1.44
C LEU C 33 -20.30 50.09 1.73
N ALA C 34 -20.54 48.80 1.94
CA ALA C 34 -21.85 48.33 2.36
C ALA C 34 -22.08 48.74 3.84
N THR C 35 -23.36 48.89 4.22
CA THR C 35 -23.85 49.12 5.59
C THR C 35 -24.81 47.95 5.89
N PRO C 36 -25.22 47.66 7.16
CA PRO C 36 -26.22 46.61 7.36
C PRO C 36 -27.51 46.76 6.54
N ALA C 37 -27.85 47.99 6.05
CA ALA C 37 -29.00 48.27 5.17
C ALA C 37 -28.86 47.61 3.78
N ASP C 38 -27.65 47.18 3.43
CA ASP C 38 -27.36 46.49 2.17
C ASP C 38 -27.56 44.95 2.25
N ALA C 39 -27.77 44.39 3.48
CA ALA C 39 -27.96 42.94 3.66
C ALA C 39 -29.07 42.34 2.76
N PRO C 40 -30.27 42.95 2.56
CA PRO C 40 -31.25 42.35 1.62
C PRO C 40 -30.72 42.17 0.19
N SER C 41 -30.09 43.20 -0.40
CA SER C 41 -29.50 43.09 -1.74
C SER C 41 -28.32 42.13 -1.77
N ILE C 42 -27.41 42.18 -0.77
CA ILE C 42 -26.23 41.29 -0.68
C ILE C 42 -26.70 39.82 -0.70
N ALA C 43 -27.75 39.47 0.08
CA ALA C 43 -28.34 38.13 0.10
C ALA C 43 -28.82 37.70 -1.30
N LYS C 44 -29.60 38.58 -2.01
CA LYS C 44 -30.11 38.34 -3.39
C LYS C 44 -28.96 38.13 -4.39
N LEU C 45 -27.91 38.94 -4.28
CA LEU C 45 -26.74 38.86 -5.18
C LEU C 45 -25.88 37.62 -4.93
N ILE C 46 -25.70 37.19 -3.67
CA ILE C 46 -24.98 35.95 -3.32
C ILE C 46 -25.70 34.75 -3.95
N ARG C 47 -27.06 34.70 -3.84
CA ARG C 47 -27.91 33.65 -4.42
C ARG C 47 -27.78 33.63 -5.95
N GLU C 48 -27.69 34.83 -6.59
CA GLU C 48 -27.52 34.93 -8.05
C GLU C 48 -26.16 34.36 -8.48
N LEU C 49 -25.11 34.64 -7.70
CA LEU C 49 -23.77 34.14 -7.90
C LEU C 49 -23.71 32.64 -7.66
N ALA C 50 -24.40 32.15 -6.61
CA ALA C 50 -24.49 30.71 -6.33
C ALA C 50 -25.09 29.95 -7.51
N ASP C 51 -26.15 30.50 -8.11
CA ASP C 51 -26.81 29.92 -9.28
C ASP C 51 -25.88 29.90 -10.52
N PHE C 52 -25.15 31.01 -10.76
CA PHE C 52 -24.17 31.11 -11.86
C PHE C 52 -23.10 30.04 -11.69
N GLU C 53 -22.59 29.84 -10.45
CA GLU C 53 -21.53 28.90 -10.14
C GLU C 53 -21.98 27.45 -9.96
N GLU C 54 -23.26 27.16 -10.28
CA GLU C 54 -23.87 25.83 -10.22
C GLU C 54 -23.75 25.20 -8.82
N LEU C 55 -23.97 26.05 -7.78
CA LEU C 55 -23.93 25.70 -6.38
C LEU C 55 -25.13 26.23 -5.59
N SER C 56 -26.29 26.42 -6.24
CA SER C 56 -27.53 26.91 -5.60
C SER C 56 -27.92 26.17 -4.33
N HIS C 57 -27.89 24.81 -4.37
CA HIS C 57 -28.31 23.97 -3.23
C HIS C 57 -27.45 24.18 -1.98
N ALA C 58 -26.15 24.50 -2.17
CA ALA C 58 -25.16 24.73 -1.12
C ALA C 58 -25.23 26.12 -0.53
N CYS C 59 -25.98 27.05 -1.15
CA CYS C 59 -26.11 28.42 -0.70
C CYS C 59 -27.31 28.55 0.24
N VAL C 60 -27.03 28.84 1.51
CA VAL C 60 -28.01 28.97 2.59
C VAL C 60 -28.00 30.38 3.21
N VAL C 61 -27.51 31.40 2.48
CA VAL C 61 -27.48 32.81 2.90
C VAL C 61 -28.88 33.36 3.23
N THR C 62 -28.97 34.16 4.29
CA THR C 62 -30.17 34.92 4.70
C THR C 62 -29.65 36.26 5.16
N GLU C 63 -30.54 37.25 5.25
CA GLU C 63 -30.23 38.59 5.77
C GLU C 63 -29.75 38.46 7.21
N GLU C 64 -30.42 37.61 7.99
CA GLU C 64 -30.14 37.33 9.41
C GLU C 64 -28.73 36.81 9.63
N LYS C 65 -28.30 35.83 8.80
CA LYS C 65 -26.94 35.25 8.84
C LYS C 65 -25.87 36.28 8.52
N LEU C 66 -26.18 37.22 7.61
CA LEU C 66 -25.24 38.29 7.23
C LEU C 66 -25.12 39.31 8.41
N HIS C 67 -26.22 39.57 9.11
CA HIS C 67 -26.22 40.47 10.27
C HIS C 67 -25.42 39.92 11.45
N SER C 68 -25.40 38.58 11.61
CA SER C 68 -24.66 37.85 12.65
C SER C 68 -23.17 37.76 12.36
N SER C 69 -22.76 37.83 11.09
CA SER C 69 -21.37 37.61 10.71
C SER C 69 -20.64 38.81 10.12
N LEU C 70 -21.34 39.75 9.50
CA LEU C 70 -20.69 40.92 8.92
C LEU C 70 -20.83 42.15 9.81
N TRP C 71 -20.11 43.24 9.48
CA TRP C 71 -20.21 44.52 10.21
C TRP C 71 -19.84 44.37 11.72
N LYS C 72 -18.91 43.45 12.04
CA LYS C 72 -18.45 43.16 13.42
C LYS C 72 -17.08 43.82 13.70
N LEU C 73 -16.24 43.91 12.65
CA LEU C 73 -14.91 44.50 12.70
C LEU C 73 -14.84 45.72 11.78
N PRO C 74 -13.86 46.63 11.97
CA PRO C 74 -13.74 47.79 11.06
C PRO C 74 -13.57 47.34 9.60
N PRO C 75 -14.01 48.17 8.62
CA PRO C 75 -13.82 47.76 7.21
C PRO C 75 -12.33 47.52 6.90
N PHE C 76 -12.05 46.47 6.08
CA PHE C 76 -10.72 46.05 5.60
C PHE C 76 -9.90 45.32 6.67
N GLN C 77 -10.52 45.08 7.85
CA GLN C 77 -9.91 44.40 8.98
C GLN C 77 -10.53 43.02 9.21
N GLY C 78 -11.55 42.73 8.43
CA GLY C 78 -12.30 41.49 8.43
C GLY C 78 -13.09 41.38 7.15
N PRO C 79 -14.14 40.53 7.08
CA PRO C 79 -14.93 40.44 5.80
C PRO C 79 -15.66 41.76 5.51
N THR C 80 -15.38 42.35 4.36
CA THR C 80 -15.87 43.67 3.96
C THR C 80 -16.52 43.57 2.58
N VAL C 81 -17.68 44.24 2.44
CA VAL C 81 -18.42 44.28 1.19
C VAL C 81 -18.41 45.69 0.59
N LEU C 82 -18.20 45.77 -0.74
CA LEU C 82 -18.32 47.00 -1.49
C LEU C 82 -19.47 46.79 -2.42
N MET C 83 -20.31 47.81 -2.54
CA MET C 83 -21.49 47.71 -3.42
C MET C 83 -21.19 48.44 -4.70
N LEU C 84 -21.69 47.93 -5.81
CA LEU C 84 -21.59 48.57 -7.12
C LEU C 84 -23.02 49.01 -7.48
N GLU C 85 -23.20 50.31 -7.75
CA GLU C 85 -24.48 50.88 -8.12
C GLU C 85 -24.34 51.82 -9.31
N VAL C 86 -25.43 51.98 -10.08
CA VAL C 86 -25.47 52.82 -11.28
C VAL C 86 -26.71 53.71 -11.35
N CYS C 87 -26.60 54.74 -12.17
CA CYS C 87 -27.70 55.64 -12.55
C CYS C 87 -27.33 56.25 -13.90
N GLN C 88 -28.32 56.63 -14.69
CA GLN C 88 -28.10 57.27 -15.98
C GLN C 88 -27.64 58.71 -15.75
N GLN C 89 -26.62 59.17 -16.52
CA GLN C 89 -26.08 60.54 -16.48
C GLN C 89 -27.12 61.54 -16.98
N GLU C 105 -13.17 59.54 6.74
CA GLU C 105 -13.73 58.67 5.70
C GLU C 105 -12.81 57.47 5.42
N VAL C 106 -13.20 56.28 5.93
CA VAL C 106 -12.45 55.01 5.78
C VAL C 106 -12.30 54.63 4.28
N PHE C 107 -13.38 54.85 3.52
CA PHE C 107 -13.42 54.55 2.09
C PHE C 107 -14.31 55.59 1.44
N GLU C 108 -13.68 56.47 0.66
CA GLU C 108 -14.37 57.50 -0.11
C GLU C 108 -15.00 56.80 -1.32
N PRO C 109 -16.31 56.99 -1.59
CA PRO C 109 -16.91 56.31 -2.75
C PRO C 109 -16.19 56.59 -4.07
N ILE C 110 -16.06 55.57 -4.91
CA ILE C 110 -15.44 55.71 -6.21
C ILE C 110 -16.53 55.95 -7.21
N VAL C 111 -16.47 57.10 -7.91
CA VAL C 111 -17.45 57.51 -8.92
C VAL C 111 -16.79 57.58 -10.30
N ARG C 112 -17.29 56.80 -11.27
CA ARG C 112 -16.76 56.73 -12.64
C ARG C 112 -17.86 56.77 -13.68
N SER C 113 -17.58 57.41 -14.82
CA SER C 113 -18.47 57.46 -16.00
C SER C 113 -18.18 56.22 -16.82
N VAL C 114 -19.24 55.56 -17.31
CA VAL C 114 -19.11 54.33 -18.10
C VAL C 114 -19.92 54.47 -19.37
N VAL C 115 -19.24 54.48 -20.53
CA VAL C 115 -19.93 54.55 -21.82
C VAL C 115 -20.43 53.13 -22.11
N LEU C 116 -21.75 52.98 -22.23
CA LEU C 116 -22.42 51.70 -22.48
C LEU C 116 -22.10 51.10 -23.84
N LYS C 117 -21.60 49.85 -23.81
CA LYS C 117 -21.28 49.02 -24.98
C LYS C 117 -22.57 48.85 -25.80
N ASN C 118 -23.69 48.55 -25.13
CA ASN C 118 -25.04 48.41 -25.71
C ASN C 118 -26.10 48.92 -24.71
N PRO C 119 -27.31 49.38 -25.16
CA PRO C 119 -28.34 49.80 -24.19
C PRO C 119 -28.75 48.65 -23.26
N ILE C 120 -29.00 48.95 -21.98
CA ILE C 120 -29.35 47.96 -20.97
C ILE C 120 -30.86 47.86 -20.69
N ASP C 121 -31.38 46.62 -20.71
CA ASP C 121 -32.76 46.32 -20.37
C ASP C 121 -32.72 45.55 -19.04
N ASP C 122 -33.19 46.19 -17.95
CA ASP C 122 -33.18 45.61 -16.61
C ASP C 122 -34.59 45.50 -16.02
N SER C 123 -35.16 44.29 -16.08
CA SER C 123 -36.51 44.03 -15.56
C SER C 123 -36.56 43.98 -14.01
N ALA C 124 -35.40 43.70 -13.37
CA ALA C 124 -35.23 43.59 -11.93
C ALA C 124 -34.90 44.92 -11.23
N ARG C 125 -34.82 46.02 -12.01
CA ARG C 125 -34.45 47.38 -11.57
C ARG C 125 -35.12 47.86 -10.27
N GLU C 126 -36.44 47.68 -10.14
CA GLU C 126 -37.19 48.12 -8.97
C GLU C 126 -36.91 47.33 -7.69
N GLY C 127 -36.49 46.07 -7.83
CA GLY C 127 -36.14 45.22 -6.70
C GLY C 127 -34.71 45.39 -6.25
N PHE C 128 -33.95 46.28 -6.95
CA PHE C 128 -32.55 46.56 -6.65
C PHE C 128 -32.29 48.07 -6.47
N ARG C 129 -33.26 48.80 -5.91
CA ARG C 129 -33.07 50.21 -5.62
C ARG C 129 -32.06 50.32 -4.47
N SER C 130 -31.07 51.23 -4.62
CA SER C 130 -30.02 51.43 -3.62
C SER C 130 -30.60 51.95 -2.29
N PRO C 131 -30.17 51.43 -1.12
CA PRO C 131 -30.64 52.02 0.14
C PRO C 131 -29.91 53.34 0.49
N SER C 132 -28.78 53.65 -0.16
CA SER C 132 -27.98 54.86 0.05
C SER C 132 -28.50 56.07 -0.71
N THR C 133 -28.77 55.93 -2.03
CA THR C 133 -29.29 56.98 -2.94
C THR C 133 -30.42 56.34 -3.76
N GLY C 134 -31.66 56.81 -3.55
CA GLY C 134 -32.89 56.31 -4.19
C GLY C 134 -32.90 56.26 -5.71
N THR C 135 -32.15 57.17 -6.36
CA THR C 135 -32.02 57.27 -7.82
C THR C 135 -31.02 56.24 -8.40
N HIS C 136 -30.35 55.47 -7.53
CA HIS C 136 -29.36 54.47 -7.94
C HIS C 136 -29.88 53.03 -7.87
N THR C 137 -29.40 52.19 -8.82
CA THR C 137 -29.72 50.78 -8.95
C THR C 137 -28.48 49.96 -8.57
N THR C 138 -28.66 48.97 -7.68
CA THR C 138 -27.61 48.04 -7.26
C THR C 138 -27.40 47.03 -8.38
N VAL C 139 -26.15 46.92 -8.86
CA VAL C 139 -25.87 46.02 -9.97
C VAL C 139 -24.83 44.95 -9.62
N GLY C 140 -24.20 45.07 -8.47
CA GLY C 140 -23.14 44.13 -8.11
C GLY C 140 -22.56 44.32 -6.73
N PHE C 141 -21.64 43.41 -6.35
CA PHE C 141 -20.99 43.45 -5.05
C PHE C 141 -19.68 42.67 -5.09
N VAL C 142 -18.82 42.92 -4.11
CA VAL C 142 -17.56 42.22 -3.91
C VAL C 142 -17.36 42.05 -2.40
N LEU C 143 -16.94 40.85 -1.99
CA LEU C 143 -16.61 40.61 -0.58
C LEU C 143 -15.15 40.20 -0.54
N PHE C 144 -14.39 40.84 0.34
CA PHE C 144 -12.97 40.55 0.50
C PHE C 144 -12.55 40.68 1.94
N PHE C 145 -11.39 40.08 2.29
CA PHE C 145 -10.88 40.15 3.67
C PHE C 145 -9.37 40.00 3.62
N PRO C 146 -8.62 40.36 4.69
CA PRO C 146 -7.14 40.18 4.65
C PRO C 146 -6.68 38.73 4.61
N ASN C 147 -5.60 38.47 3.90
CA ASN C 147 -4.94 37.17 3.89
C ASN C 147 -3.45 37.37 4.22
N TYR C 148 -2.63 36.32 4.19
CA TYR C 148 -1.25 36.48 4.60
C TYR C 148 -0.35 35.54 3.84
N SER C 149 0.76 36.05 3.32
CA SER C 149 1.73 35.22 2.62
C SER C 149 2.97 35.10 3.50
N THR C 150 3.36 33.85 3.86
CA THR C 150 4.56 33.64 4.67
C THR C 150 5.83 33.79 3.85
N PHE C 151 5.75 33.51 2.53
CA PHE C 151 6.90 33.63 1.61
C PHE C 151 7.28 35.10 1.40
N LEU C 152 6.28 35.99 1.38
CA LEU C 152 6.51 37.43 1.31
C LEU C 152 6.63 37.99 2.73
N ALA C 153 6.09 37.26 3.76
CA ALA C 153 6.01 37.64 5.19
C ALA C 153 5.27 38.96 5.28
N LYS C 154 4.14 39.04 4.55
CA LYS C 154 3.36 40.25 4.31
C LYS C 154 1.90 39.89 4.13
N GLY C 155 1.03 40.74 4.64
CA GLY C 155 -0.40 40.59 4.45
C GLY C 155 -0.82 41.00 3.05
N GLY C 156 -1.93 40.43 2.61
CA GLY C 156 -2.54 40.76 1.33
C GLY C 156 -4.04 40.78 1.49
N TYR C 157 -4.77 40.72 0.37
CA TYR C 157 -6.23 40.66 0.39
C TYR C 157 -6.72 39.51 -0.44
N TYR C 158 -7.79 38.89 0.04
CA TYR C 158 -8.41 37.76 -0.63
C TYR C 158 -9.83 38.16 -1.01
N ILE C 159 -10.19 37.99 -2.28
CA ILE C 159 -11.55 38.29 -2.74
C ILE C 159 -12.35 36.99 -2.73
N GLU C 160 -13.36 36.95 -1.90
CA GLU C 160 -14.24 35.80 -1.73
C GLU C 160 -15.27 35.73 -2.87
N ASP C 161 -15.97 36.81 -3.17
CA ASP C 161 -17.00 36.90 -4.22
C ASP C 161 -16.88 38.16 -5.01
N LEU C 162 -17.19 38.07 -6.30
CA LEU C 162 -17.21 39.19 -7.25
C LEU C 162 -18.39 38.92 -8.18
N TYR C 163 -19.38 39.82 -8.17
CA TYR C 163 -20.56 39.57 -8.97
C TYR C 163 -21.17 40.82 -9.54
N VAL C 164 -21.57 40.76 -10.81
CA VAL C 164 -22.29 41.82 -11.52
C VAL C 164 -23.57 41.15 -12.10
N ARG C 165 -24.75 41.78 -11.91
CA ARG C 165 -26.04 41.29 -12.46
C ARG C 165 -25.94 41.22 -13.97
N LYS C 166 -26.51 40.15 -14.56
CA LYS C 166 -26.44 39.82 -15.99
C LYS C 166 -26.65 41.01 -16.97
N PRO C 167 -27.69 41.90 -16.85
CA PRO C 167 -27.84 43.00 -17.84
C PRO C 167 -26.67 43.98 -17.88
N TYR C 168 -25.83 44.00 -16.83
CA TYR C 168 -24.73 44.97 -16.65
C TYR C 168 -23.32 44.42 -16.90
N ARG C 169 -23.21 43.15 -17.35
CA ARG C 169 -21.91 42.55 -17.67
C ARG C 169 -21.45 43.00 -19.04
N GLY C 170 -20.14 42.90 -19.28
CA GLY C 170 -19.48 43.18 -20.56
C GLY C 170 -19.33 44.64 -20.95
N THR C 171 -19.55 45.59 -20.02
CA THR C 171 -19.45 47.02 -20.36
C THR C 171 -18.45 47.80 -19.46
N GLY C 172 -17.61 47.10 -18.70
CA GLY C 172 -16.57 47.72 -17.90
C GLY C 172 -16.86 47.89 -16.41
N LEU C 173 -18.04 47.43 -15.92
CA LEU C 173 -18.44 47.61 -14.52
C LEU C 173 -17.72 46.67 -13.53
N GLY C 174 -17.51 45.40 -13.87
CA GLY C 174 -16.76 44.47 -13.02
C GLY C 174 -15.31 44.88 -12.88
N THR C 175 -14.73 45.50 -13.94
CA THR C 175 -13.35 46.05 -13.95
C THR C 175 -13.26 47.16 -12.90
N ILE C 176 -14.19 48.12 -12.92
CA ILE C 176 -14.25 49.19 -11.93
C ILE C 176 -14.37 48.62 -10.52
N LEU C 177 -15.25 47.64 -10.33
CA LEU C 177 -15.48 47.00 -9.05
C LEU C 177 -14.23 46.26 -8.49
N LEU C 178 -13.59 45.39 -9.30
CA LEU C 178 -12.37 44.68 -8.88
C LEU C 178 -11.17 45.70 -8.66
N LYS C 179 -11.03 46.68 -9.56
CA LYS C 179 -9.98 47.70 -9.46
C LYS C 179 -10.10 48.59 -8.21
N SER C 180 -11.34 48.81 -7.73
CA SER C 180 -11.66 49.57 -6.50
C SER C 180 -11.11 48.83 -5.29
N VAL C 181 -11.25 47.49 -5.25
CA VAL C 181 -10.72 46.62 -4.21
C VAL C 181 -9.20 46.67 -4.23
N VAL C 182 -8.62 46.47 -5.42
CA VAL C 182 -7.17 46.46 -5.64
C VAL C 182 -6.54 47.80 -5.21
N GLN C 183 -7.20 48.93 -5.55
CA GLN C 183 -6.73 50.28 -5.18
C GLN C 183 -6.66 50.39 -3.65
N GLN C 184 -7.71 49.93 -2.96
CA GLN C 184 -7.74 49.91 -1.49
C GLN C 184 -6.66 48.99 -0.90
N ALA C 185 -6.49 47.77 -1.48
CA ALA C 185 -5.48 46.79 -1.08
C ALA C 185 -4.05 47.36 -1.21
N LYS C 186 -3.77 48.08 -2.31
CA LYS C 186 -2.47 48.71 -2.57
C LYS C 186 -2.18 49.84 -1.59
N LYS C 187 -3.22 50.62 -1.22
CA LYS C 187 -3.15 51.72 -0.24
C LYS C 187 -2.78 51.08 1.11
N LEU C 188 -3.30 49.86 1.37
CA LEU C 188 -3.01 49.11 2.58
C LEU C 188 -1.75 48.20 2.46
N ARG C 189 -0.91 48.45 1.44
CA ARG C 189 0.39 47.81 1.18
C ARG C 189 0.33 46.29 1.00
N ALA C 190 -0.77 45.76 0.38
CA ALA C 190 -0.94 44.33 0.09
C ALA C 190 0.22 43.79 -0.77
N GLY C 191 0.75 42.62 -0.41
CA GLY C 191 1.77 41.96 -1.20
C GLY C 191 1.17 41.29 -2.43
N ARG C 192 -0.09 40.80 -2.29
CA ARG C 192 -0.87 40.11 -3.32
C ARG C 192 -2.33 40.37 -3.12
N VAL C 193 -3.10 40.21 -4.21
CA VAL C 193 -4.57 40.20 -4.18
C VAL C 193 -4.91 38.84 -4.83
N GLU C 194 -5.62 37.96 -4.12
CA GLU C 194 -5.90 36.61 -4.60
C GLU C 194 -7.36 36.26 -4.47
N TRP C 195 -7.80 35.24 -5.22
CA TRP C 195 -9.17 34.74 -5.25
C TRP C 195 -9.15 33.38 -5.97
N CYS C 196 -10.29 32.70 -6.07
N CYS C 196 -10.33 32.72 -6.08
CA CYS C 196 -10.35 31.46 -6.86
CA CYS C 196 -10.50 31.45 -6.79
C CYS C 196 -11.43 31.55 -7.92
C CYS C 196 -11.48 31.57 -7.93
N VAL C 197 -11.38 30.66 -8.90
CA VAL C 197 -12.27 30.63 -10.04
C VAL C 197 -12.52 29.15 -10.39
N LEU C 198 -13.72 28.84 -10.91
CA LEU C 198 -14.02 27.49 -11.40
C LEU C 198 -13.30 27.32 -12.74
N ASP C 199 -12.61 26.18 -12.94
CA ASP C 199 -11.83 25.89 -14.14
C ASP C 199 -12.64 26.01 -15.44
N TRP C 200 -13.97 25.81 -15.37
CA TRP C 200 -14.82 25.88 -16.57
C TRP C 200 -15.30 27.31 -16.86
N ASN C 201 -15.18 28.22 -15.89
CA ASN C 201 -15.64 29.59 -16.00
C ASN C 201 -14.66 30.39 -16.84
N VAL C 202 -14.65 30.13 -18.16
CA VAL C 202 -13.72 30.73 -19.12
C VAL C 202 -13.87 32.26 -19.21
N ASN C 203 -15.10 32.80 -19.09
CA ASN C 203 -15.32 34.25 -19.17
C ASN C 203 -14.71 34.95 -18.00
N ALA C 204 -14.81 34.33 -16.78
CA ALA C 204 -14.16 34.90 -15.61
C ALA C 204 -12.66 34.81 -15.68
N ILE C 205 -12.10 33.66 -16.16
CA ILE C 205 -10.64 33.45 -16.35
C ILE C 205 -10.05 34.49 -17.31
N LYS C 206 -10.71 34.76 -18.45
CA LYS C 206 -10.27 35.76 -19.45
C LYS C 206 -10.27 37.16 -18.82
N PHE C 207 -11.37 37.48 -18.08
CA PHE C 207 -11.52 38.74 -17.36
C PHE C 207 -10.34 38.97 -16.39
N TYR C 208 -10.00 37.95 -15.56
CA TYR C 208 -8.90 37.99 -14.58
C TYR C 208 -7.52 38.12 -15.22
N GLU C 209 -7.26 37.34 -16.26
CA GLU C 209 -6.00 37.36 -17.00
C GLU C 209 -5.73 38.71 -17.67
N GLY C 210 -6.80 39.33 -18.18
CA GLY C 210 -6.77 40.64 -18.81
C GLY C 210 -6.49 41.77 -17.82
N LEU C 211 -6.65 41.49 -16.51
CA LEU C 211 -6.34 42.42 -15.44
C LEU C 211 -4.97 42.16 -14.80
N GLY C 212 -4.23 41.18 -15.33
CA GLY C 212 -2.88 40.87 -14.85
C GLY C 212 -2.79 39.73 -13.85
N ALA C 213 -3.91 39.08 -13.56
CA ALA C 213 -3.87 37.96 -12.62
C ALA C 213 -3.30 36.72 -13.32
N LYS C 214 -2.63 35.86 -12.54
CA LYS C 214 -2.06 34.60 -12.98
C LYS C 214 -2.94 33.49 -12.39
N VAL C 215 -3.48 32.61 -13.25
CA VAL C 215 -4.24 31.44 -12.81
C VAL C 215 -3.17 30.39 -12.51
N MET C 216 -3.09 29.92 -11.27
CA MET C 216 -2.06 28.97 -10.85
C MET C 216 -2.57 27.56 -10.91
N PRO C 217 -2.19 26.75 -11.91
CA PRO C 217 -2.77 25.41 -12.02
C PRO C 217 -2.33 24.36 -11.01
N GLU C 218 -1.20 24.54 -10.32
CA GLU C 218 -0.64 23.55 -9.38
C GLU C 218 -1.39 23.44 -8.02
N TRP C 219 -2.06 24.50 -7.57
CA TRP C 219 -2.75 24.50 -6.28
C TRP C 219 -4.16 23.93 -6.32
N ARG C 220 -4.52 23.23 -5.26
CA ARG C 220 -5.85 22.64 -5.07
C ARG C 220 -6.38 23.06 -3.73
N ILE C 221 -7.65 23.48 -3.66
CA ILE C 221 -8.31 23.85 -2.42
C ILE C 221 -8.80 22.60 -1.69
N CYS C 222 -8.52 22.52 -0.36
CA CYS C 222 -9.00 21.46 0.53
C CYS C 222 -9.96 22.07 1.50
N ARG C 223 -11.02 21.33 1.81
CA ARG C 223 -12.05 21.80 2.68
C ARG C 223 -12.43 20.78 3.73
N LEU C 224 -12.49 21.24 4.97
CA LEU C 224 -12.99 20.44 6.09
C LEU C 224 -14.26 21.19 6.55
N THR C 225 -15.42 20.58 6.31
CA THR C 225 -16.74 21.17 6.63
C THR C 225 -17.73 20.07 6.93
N GLY C 226 -18.95 20.48 7.29
CA GLY C 226 -20.08 19.58 7.57
C GLY C 226 -19.78 18.55 8.62
N GLU C 227 -20.13 17.28 8.30
CA GLU C 227 -19.96 16.13 9.18
C GLU C 227 -18.50 15.84 9.50
N ALA C 228 -17.61 15.95 8.49
CA ALA C 228 -16.17 15.71 8.67
C ALA C 228 -15.58 16.70 9.67
N LEU C 229 -15.98 17.98 9.59
CA LEU C 229 -15.54 19.03 10.53
C LEU C 229 -16.09 18.71 11.92
N GLU C 230 -17.38 18.32 12.02
CA GLU C 230 -18.02 17.98 13.29
C GLU C 230 -17.36 16.75 13.95
N ALA C 231 -16.96 15.76 13.15
CA ALA C 231 -16.29 14.55 13.61
C ALA C 231 -14.83 14.78 14.00
N CYS C 232 -14.19 15.87 13.51
CA CYS C 232 -12.79 16.16 13.83
C CYS C 232 -12.62 16.55 15.30
N ALA C 233 -12.13 15.61 16.11
CA ALA C 233 -11.94 15.79 17.55
C ALA C 233 -10.50 15.58 18.02
N LEU C 234 -10.15 16.18 19.15
CA LEU C 234 -8.86 16.07 19.82
C LEU C 234 -9.09 15.94 21.35
N ALA D 22 18.40 9.56 19.25
CA ALA D 22 18.47 9.99 20.63
C ALA D 22 17.10 10.00 21.33
N MET D 23 16.02 10.51 20.65
CA MET D 23 14.66 10.50 21.23
C MET D 23 14.03 9.12 20.95
N GLU D 24 13.68 8.39 22.03
CA GLU D 24 13.12 7.02 22.05
C GLU D 24 11.83 6.92 22.90
N GLY D 25 11.03 5.87 22.67
CA GLY D 25 9.84 5.54 23.45
C GLY D 25 8.64 6.44 23.28
N THR D 26 8.42 7.35 24.24
CA THR D 26 7.29 8.28 24.26
C THR D 26 7.78 9.72 24.41
N LEU D 27 7.18 10.63 23.63
CA LEU D 27 7.45 12.07 23.66
C LEU D 27 6.26 12.78 24.26
N THR D 28 6.49 13.99 24.77
CA THR D 28 5.41 14.86 25.19
C THR D 28 5.39 15.98 24.13
N ALA D 29 4.29 16.07 23.37
CA ALA D 29 4.08 17.06 22.32
C ALA D 29 3.26 18.22 22.89
N THR D 30 3.69 19.45 22.59
CA THR D 30 3.03 20.68 23.03
C THR D 30 2.72 21.57 21.84
N VAL D 31 1.45 22.01 21.73
CA VAL D 31 0.97 22.97 20.73
C VAL D 31 0.60 24.23 21.54
N ARG D 32 1.27 25.35 21.26
CA ARG D 32 1.05 26.61 21.98
C ARG D 32 1.05 27.81 21.03
N LEU D 33 0.51 28.96 21.47
CA LEU D 33 0.55 30.18 20.68
C LEU D 33 1.99 30.66 20.54
N ALA D 34 2.36 31.13 19.36
CA ALA D 34 3.69 31.69 19.13
C ALA D 34 3.73 33.10 19.75
N THR D 35 4.91 33.50 20.26
CA THR D 35 5.15 34.84 20.83
C THR D 35 6.20 35.49 19.90
N PRO D 36 6.46 36.84 19.95
CA PRO D 36 7.53 37.40 19.09
C PRO D 36 8.91 36.72 19.25
N ALA D 37 9.17 36.07 20.40
CA ALA D 37 10.41 35.33 20.71
C ALA D 37 10.61 34.12 19.80
N ASP D 38 9.52 33.67 19.14
CA ASP D 38 9.46 32.55 18.21
C ASP D 38 9.76 32.93 16.75
N ALA D 39 9.87 34.26 16.44
CA ALA D 39 10.18 34.75 15.09
C ALA D 39 11.42 34.07 14.45
N PRO D 40 12.59 33.88 15.14
CA PRO D 40 13.72 33.20 14.48
C PRO D 40 13.39 31.78 14.01
N SER D 41 12.76 30.95 14.89
CA SER D 41 12.34 29.58 14.55
C SER D 41 11.27 29.54 13.46
N ILE D 42 10.26 30.47 13.50
CA ILE D 42 9.20 30.56 12.48
C ILE D 42 9.84 30.84 11.11
N ALA D 43 10.80 31.80 11.04
CA ALA D 43 11.52 32.15 9.82
C ALA D 43 12.24 30.92 9.24
N LYS D 44 12.98 30.14 10.08
CA LYS D 44 13.70 28.91 9.67
C LYS D 44 12.74 27.83 9.14
N LEU D 45 11.59 27.66 9.79
CA LEU D 45 10.58 26.68 9.38
C LEU D 45 9.86 27.07 8.08
N ILE D 46 9.59 28.37 7.86
CA ILE D 46 9.02 28.89 6.59
C ILE D 46 9.97 28.57 5.42
N ARG D 47 11.28 28.85 5.58
CA ARG D 47 12.32 28.56 4.58
C ARG D 47 12.43 27.06 4.28
N GLU D 48 12.36 26.19 5.33
CA GLU D 48 12.39 24.72 5.17
C GLU D 48 11.21 24.24 4.34
N LEU D 49 10.02 24.83 4.59
CA LEU D 49 8.77 24.58 3.86
C LEU D 49 8.86 25.03 2.41
N ALA D 50 9.39 26.25 2.18
CA ALA D 50 9.59 26.81 0.83
C ALA D 50 10.50 25.88 0.03
N ASP D 51 11.56 25.37 0.68
CA ASP D 51 12.53 24.44 0.11
C ASP D 51 11.84 23.13 -0.27
N PHE D 52 10.98 22.59 0.62
CA PHE D 52 10.21 21.36 0.37
C PHE D 52 9.29 21.53 -0.85
N GLU D 53 8.60 22.69 -0.92
CA GLU D 53 7.63 23.04 -1.95
C GLU D 53 8.28 23.47 -3.29
N GLU D 54 9.63 23.40 -3.37
CA GLU D 54 10.45 23.75 -4.54
C GLU D 54 10.22 25.23 -4.95
N LEU D 55 10.10 26.12 -3.92
CA LEU D 55 9.81 27.55 -4.03
C LEU D 55 10.76 28.44 -3.19
N SER D 56 12.02 27.99 -3.01
CA SER D 56 13.06 28.74 -2.25
C SER D 56 13.27 30.15 -2.82
N HIS D 57 13.21 30.28 -4.17
CA HIS D 57 13.39 31.49 -5.00
C HIS D 57 12.38 32.58 -4.65
N ALA D 58 11.17 32.17 -4.29
CA ALA D 58 10.03 33.02 -3.97
C ALA D 58 9.93 33.40 -2.49
N CYS D 59 10.70 32.73 -1.62
CA CYS D 59 10.66 32.96 -0.19
C CYS D 59 11.64 34.06 0.22
N VAL D 60 11.10 35.18 0.73
CA VAL D 60 11.89 36.34 1.17
C VAL D 60 11.61 36.69 2.67
N VAL D 61 11.16 35.70 3.45
CA VAL D 61 10.90 35.85 4.90
C VAL D 61 12.18 36.26 5.67
N THR D 62 12.02 37.17 6.63
CA THR D 62 13.07 37.62 7.57
C THR D 62 12.38 37.73 8.93
N GLU D 63 13.15 37.68 10.03
CA GLU D 63 12.63 37.85 11.39
C GLU D 63 11.97 39.22 11.49
N GLU D 64 12.61 40.23 10.85
CA GLU D 64 12.22 41.63 10.79
C GLU D 64 10.80 41.73 10.23
N LYS D 65 10.56 41.11 9.06
CA LYS D 65 9.26 41.08 8.36
C LYS D 65 8.17 40.43 9.20
N LEU D 66 8.50 39.38 9.97
CA LEU D 66 7.53 38.73 10.86
C LEU D 66 7.17 39.65 12.05
N HIS D 67 8.14 40.40 12.58
CA HIS D 67 7.90 41.36 13.66
C HIS D 67 7.02 42.54 13.23
N SER D 68 7.11 42.95 11.95
CA SER D 68 6.34 44.02 11.33
C SER D 68 4.89 43.61 11.01
N SER D 69 4.65 42.31 10.76
CA SER D 69 3.36 41.85 10.31
C SER D 69 2.58 40.96 11.28
N LEU D 70 3.26 40.26 12.19
CA LEU D 70 2.57 39.38 13.14
C LEU D 70 2.49 40.03 14.52
N TRP D 71 1.70 39.44 15.44
CA TRP D 71 1.53 39.90 16.83
C TRP D 71 1.08 41.38 16.92
N LYS D 72 0.23 41.82 15.96
CA LYS D 72 -0.33 43.17 15.89
C LYS D 72 -1.78 43.21 16.36
N LEU D 73 -2.50 42.10 16.11
CA LEU D 73 -3.92 41.91 16.41
C LEU D 73 -4.08 40.80 17.43
N PRO D 74 -5.25 40.71 18.13
CA PRO D 74 -5.46 39.59 19.06
C PRO D 74 -5.36 38.24 18.34
N PRO D 75 -4.89 37.16 19.01
CA PRO D 75 -4.81 35.85 18.31
C PRO D 75 -6.18 35.44 17.78
N PHE D 76 -6.21 34.80 16.60
CA PHE D 76 -7.40 34.28 15.91
C PHE D 76 -8.24 35.38 15.23
N GLN D 77 -7.80 36.68 15.27
CA GLN D 77 -8.45 37.81 14.58
C GLN D 77 -7.70 38.14 13.29
N GLY D 78 -6.44 37.77 13.27
CA GLY D 78 -5.59 37.99 12.12
C GLY D 78 -4.68 36.81 11.90
N PRO D 79 -3.53 36.98 11.18
CA PRO D 79 -2.59 35.84 11.01
C PRO D 79 -1.98 35.39 12.36
N THR D 80 -2.25 34.14 12.74
CA THR D 80 -1.85 33.56 14.04
C THR D 80 -1.00 32.31 13.83
N VAL D 81 0.06 32.15 14.64
CA VAL D 81 0.94 30.99 14.57
C VAL D 81 0.84 30.16 15.85
N LEU D 82 0.77 28.82 15.67
CA LEU D 82 0.84 27.85 16.77
C LEU D 82 2.16 27.11 16.58
N MET D 83 2.95 26.99 17.63
CA MET D 83 4.23 26.28 17.60
C MET D 83 4.00 24.86 18.04
N LEU D 84 4.74 23.92 17.45
CA LEU D 84 4.72 22.51 17.82
C LEU D 84 6.09 22.20 18.41
N GLU D 85 6.13 21.72 19.66
CA GLU D 85 7.37 21.39 20.33
C GLU D 85 7.30 20.06 21.03
N VAL D 86 8.46 19.43 21.25
CA VAL D 86 8.56 18.10 21.89
C VAL D 86 9.67 18.03 22.91
N CYS D 87 9.56 17.06 23.81
CA CYS D 87 10.56 16.68 24.79
C CYS D 87 10.33 15.23 25.15
N GLN D 88 11.37 14.57 25.63
CA GLN D 88 11.35 13.18 26.05
C GLN D 88 10.46 13.04 27.30
N GLN D 89 9.48 12.12 27.24
CA GLN D 89 8.61 11.82 28.39
C GLN D 89 9.40 10.85 29.31
N GLU D 90 9.55 11.22 30.60
CA GLU D 90 10.30 10.44 31.59
C GLU D 90 9.47 10.17 32.84
N GLU D 105 -6.95 32.56 29.78
CA GLU D 105 -6.09 32.22 28.63
C GLU D 105 -6.87 32.20 27.30
N VAL D 106 -6.32 32.84 26.25
CA VAL D 106 -6.91 32.87 24.91
C VAL D 106 -6.79 31.46 24.27
N PHE D 107 -5.63 30.81 24.52
CA PHE D 107 -5.31 29.50 24.01
C PHE D 107 -4.47 28.76 25.04
N GLU D 108 -5.08 27.78 25.69
CA GLU D 108 -4.36 26.97 26.67
C GLU D 108 -3.55 25.92 25.88
N PRO D 109 -2.23 25.77 26.17
CA PRO D 109 -1.43 24.81 25.40
C PRO D 109 -2.00 23.39 25.37
N ILE D 110 -1.93 22.73 24.21
CA ILE D 110 -2.40 21.36 24.07
C ILE D 110 -1.21 20.45 24.28
N VAL D 111 -1.29 19.59 25.30
CA VAL D 111 -0.23 18.65 25.67
C VAL D 111 -0.70 17.21 25.42
N ARG D 112 0.04 16.47 24.58
CA ARG D 112 -0.27 15.08 24.26
C ARG D 112 0.96 14.19 24.34
N SER D 113 0.77 12.95 24.82
CA SER D 113 1.81 11.92 24.87
C SER D 113 1.79 11.26 23.49
N VAL D 114 2.97 11.03 22.91
CA VAL D 114 3.09 10.44 21.59
C VAL D 114 4.06 9.26 21.67
N VAL D 115 3.56 8.04 21.44
CA VAL D 115 4.41 6.84 21.42
C VAL D 115 5.08 6.85 20.04
N LEU D 116 6.42 6.92 20.03
CA LEU D 116 7.24 7.00 18.83
C LEU D 116 7.16 5.78 17.95
N LYS D 117 6.80 6.01 16.67
CA LYS D 117 6.74 5.03 15.57
C LYS D 117 8.13 4.38 15.47
N ASN D 118 9.19 5.22 15.44
CA ASN D 118 10.59 4.81 15.37
C ASN D 118 11.46 5.81 16.18
N PRO D 119 12.65 5.42 16.73
CA PRO D 119 13.50 6.42 17.42
C PRO D 119 13.90 7.57 16.47
N ILE D 120 13.95 8.79 16.99
CA ILE D 120 14.24 9.98 16.20
C ILE D 120 15.69 10.44 16.34
N ASP D 121 16.33 10.66 15.18
CA ASP D 121 17.70 11.19 15.08
C ASP D 121 17.55 12.59 14.49
N ASP D 122 17.80 13.62 15.32
CA ASP D 122 17.66 15.03 14.95
C ASP D 122 18.98 15.76 15.09
N SER D 123 19.68 15.99 13.97
CA SER D 123 20.98 16.68 13.95
C SER D 123 20.84 18.20 14.16
N ALA D 124 19.64 18.74 13.85
CA ALA D 124 19.28 20.16 13.94
C ALA D 124 18.72 20.57 15.31
N ARG D 125 18.63 19.62 16.26
CA ARG D 125 18.08 19.75 17.63
C ARG D 125 18.51 21.03 18.37
N GLU D 126 19.83 21.32 18.37
CA GLU D 126 20.38 22.48 19.09
C GLU D 126 20.02 23.83 18.47
N GLY D 127 19.74 23.84 17.18
CA GLY D 127 19.32 25.05 16.47
C GLY D 127 17.84 25.31 16.57
N PHE D 128 17.10 24.40 17.24
CA PHE D 128 15.66 24.49 17.42
C PHE D 128 15.22 24.39 18.88
N ARG D 129 16.02 24.93 19.80
CA ARG D 129 15.67 24.97 21.23
C ARG D 129 14.53 25.96 21.42
N SER D 130 13.48 25.54 22.14
CA SER D 130 12.30 26.36 22.37
C SER D 130 12.57 27.57 23.29
N PRO D 131 12.07 28.78 22.95
CA PRO D 131 12.28 29.93 23.83
C PRO D 131 11.38 29.93 25.08
N SER D 132 10.29 29.13 25.08
CA SER D 132 9.34 29.00 26.20
C SER D 132 9.90 28.11 27.34
N THR D 133 10.39 26.91 26.97
CA THR D 133 11.01 25.95 27.88
C THR D 133 12.27 25.41 27.19
N GLY D 134 13.42 25.62 27.83
CA GLY D 134 14.73 25.22 27.33
C GLY D 134 14.89 23.73 27.03
N THR D 135 14.11 22.89 27.75
CA THR D 135 14.08 21.43 27.62
C THR D 135 13.26 20.94 26.41
N HIS D 136 12.61 21.87 25.67
CA HIS D 136 11.78 21.55 24.51
C HIS D 136 12.45 21.89 23.17
N THR D 137 12.18 21.05 22.16
CA THR D 137 12.69 21.20 20.79
C THR D 137 11.51 21.59 19.91
N THR D 138 11.66 22.66 19.13
CA THR D 138 10.67 23.16 18.16
C THR D 138 10.73 22.22 16.93
N VAL D 139 9.60 21.60 16.58
CA VAL D 139 9.57 20.64 15.48
C VAL D 139 8.58 21.04 14.35
N GLY D 140 7.77 22.06 14.57
CA GLY D 140 6.79 22.47 13.58
C GLY D 140 6.02 23.71 13.91
N PHE D 141 5.18 24.16 12.97
CA PHE D 141 4.35 25.35 13.11
C PHE D 141 3.17 25.28 12.15
N VAL D 142 2.18 26.11 12.43
CA VAL D 142 0.99 26.30 11.62
C VAL D 142 0.63 27.80 11.65
N LEU D 143 0.31 28.38 10.48
CA LEU D 143 -0.15 29.76 10.43
C LEU D 143 -1.53 29.72 9.84
N PHE D 144 -2.48 30.40 10.48
CA PHE D 144 -3.86 30.45 10.03
C PHE D 144 -4.49 31.80 10.32
N PHE D 145 -5.58 32.13 9.63
CA PHE D 145 -6.27 33.40 9.82
C PHE D 145 -7.75 33.24 9.47
N PRO D 146 -8.66 34.15 9.89
CA PRO D 146 -10.07 33.97 9.51
C PRO D 146 -10.35 34.12 8.00
N ASN D 147 -11.34 33.38 7.54
CA ASN D 147 -11.84 33.52 6.17
C ASN D 147 -13.39 33.65 6.26
N TYR D 148 -14.08 33.73 5.14
CA TYR D 148 -15.51 33.92 5.21
C TYR D 148 -16.18 33.21 4.05
N SER D 149 -17.25 32.47 4.30
CA SER D 149 -18.00 31.82 3.22
C SER D 149 -19.33 32.57 3.08
N THR D 150 -19.62 33.11 1.89
CA THR D 150 -20.89 33.79 1.67
C THR D 150 -22.05 32.80 1.50
N PHE D 151 -21.76 31.56 1.01
CA PHE D 151 -22.79 30.54 0.79
C PHE D 151 -23.28 30.02 2.10
N LEU D 152 -22.38 29.91 3.09
CA LEU D 152 -22.77 29.55 4.44
C LEU D 152 -23.17 30.81 5.24
N ALA D 153 -22.71 32.02 4.80
CA ALA D 153 -22.89 33.34 5.43
C ALA D 153 -22.32 33.23 6.85
N LYS D 154 -21.09 32.69 6.94
CA LYS D 154 -20.44 32.34 8.18
C LYS D 154 -18.95 32.43 8.01
N GLY D 155 -18.27 32.90 9.07
CA GLY D 155 -16.81 32.95 9.11
C GLY D 155 -16.23 31.57 9.30
N GLY D 156 -15.01 31.36 8.80
CA GLY D 156 -14.29 30.12 8.96
C GLY D 156 -12.83 30.44 9.20
N TYR D 157 -11.97 29.41 9.03
CA TYR D 157 -10.52 29.57 9.15
C TYR D 157 -9.81 29.03 7.98
N TYR D 158 -8.74 29.73 7.60
CA TYR D 158 -7.88 29.33 6.50
C TYR D 158 -6.48 29.05 7.04
N ILE D 159 -5.92 27.89 6.73
CA ILE D 159 -4.56 27.51 7.13
C ILE D 159 -3.62 27.83 5.96
N GLU D 160 -2.71 28.77 6.18
CA GLU D 160 -1.74 29.21 5.22
C GLU D 160 -0.57 28.18 5.10
N ASP D 161 0.04 27.81 6.22
CA ASP D 161 1.16 26.89 6.28
C ASP D 161 1.00 25.88 7.38
N LEU D 162 1.44 24.64 7.13
CA LEU D 162 1.44 23.51 8.06
C LEU D 162 2.75 22.79 7.81
N TYR D 163 3.64 22.78 8.81
CA TYR D 163 4.96 22.19 8.57
C TYR D 163 5.50 21.49 9.81
N VAL D 164 6.02 20.26 9.61
CA VAL D 164 6.71 19.42 10.62
C VAL D 164 8.11 19.10 10.04
N ARG D 165 9.17 19.34 10.84
CA ARG D 165 10.55 19.03 10.45
C ARG D 165 10.67 17.54 10.15
N LYS D 166 11.44 17.19 9.08
CA LYS D 166 11.60 15.83 8.56
C LYS D 166 11.81 14.69 9.61
N PRO D 167 12.71 14.79 10.63
CA PRO D 167 12.84 13.67 11.58
C PRO D 167 11.60 13.35 12.42
N TYR D 168 10.64 14.29 12.49
CA TYR D 168 9.43 14.19 13.31
C TYR D 168 8.14 13.89 12.56
N ARG D 169 8.23 13.64 11.24
CA ARG D 169 7.08 13.30 10.40
C ARG D 169 6.64 11.82 10.61
N GLY D 170 5.43 11.47 10.18
CA GLY D 170 4.90 10.11 10.21
C GLY D 170 4.63 9.46 11.55
N THR D 171 4.70 10.20 12.67
CA THR D 171 4.43 9.61 13.99
C THR D 171 3.23 10.28 14.76
N GLY D 172 2.38 11.02 14.05
CA GLY D 172 1.19 11.64 14.60
C GLY D 172 1.27 13.09 15.00
N LEU D 173 2.45 13.70 14.89
CA LEU D 173 2.64 15.09 15.33
C LEU D 173 1.88 16.14 14.49
N GLY D 174 1.88 16.01 13.17
CA GLY D 174 1.12 16.89 12.27
C GLY D 174 -0.37 16.81 12.50
N THR D 175 -0.90 15.59 12.81
CA THR D 175 -2.32 15.33 13.14
C THR D 175 -2.68 16.18 14.37
N ILE D 176 -1.88 16.07 15.46
CA ILE D 176 -2.10 16.84 16.70
C ILE D 176 -2.13 18.35 16.38
N LEU D 177 -1.15 18.87 15.61
CA LEU D 177 -1.04 20.26 15.18
C LEU D 177 -2.27 20.75 14.33
N LEU D 178 -2.66 19.99 13.31
CA LEU D 178 -3.83 20.35 12.49
C LEU D 178 -5.12 20.29 13.30
N LYS D 179 -5.32 19.22 14.10
CA LYS D 179 -6.49 19.05 14.98
C LYS D 179 -6.60 20.16 16.03
N SER D 180 -5.47 20.70 16.50
CA SER D 180 -5.41 21.80 17.48
C SER D 180 -6.00 23.06 16.88
N VAL D 181 -5.69 23.32 15.57
CA VAL D 181 -6.24 24.47 14.84
C VAL D 181 -7.75 24.28 14.64
N VAL D 182 -8.15 23.10 14.18
CA VAL D 182 -9.55 22.73 13.94
C VAL D 182 -10.39 22.86 15.23
N GLN D 183 -9.84 22.40 16.37
CA GLN D 183 -10.50 22.48 17.66
C GLN D 183 -10.77 23.96 18.03
N GLN D 184 -9.76 24.82 17.81
CA GLN D 184 -9.91 26.26 18.06
C GLN D 184 -10.94 26.89 17.11
N ALA D 185 -10.90 26.52 15.82
CA ALA D 185 -11.84 27.00 14.81
C ALA D 185 -13.28 26.64 15.15
N LYS D 186 -13.50 25.40 15.65
CA LYS D 186 -14.82 24.89 16.05
C LYS D 186 -15.35 25.62 17.29
N LYS D 187 -14.44 25.95 18.23
CA LYS D 187 -14.75 26.71 19.45
C LYS D 187 -15.20 28.12 19.02
N LEU D 188 -14.62 28.64 17.93
CA LEU D 188 -14.98 29.93 17.37
C LEU D 188 -16.10 29.84 16.29
N ARG D 189 -16.83 28.69 16.25
CA ARG D 189 -17.99 28.39 15.41
C ARG D 189 -17.73 28.48 13.88
N ALA D 190 -16.54 28.06 13.43
CA ALA D 190 -16.16 28.06 12.00
C ALA D 190 -17.11 27.18 11.17
N GLY D 191 -17.53 27.67 10.01
CA GLY D 191 -18.36 26.92 9.08
C GLY D 191 -17.51 25.93 8.30
N ARG D 192 -16.23 26.31 8.04
CA ARG D 192 -15.25 25.52 7.29
C ARG D 192 -13.87 25.80 7.81
N VAL D 193 -12.95 24.84 7.57
CA VAL D 193 -11.50 25.00 7.75
C VAL D 193 -10.93 24.64 6.39
N GLU D 194 -10.21 25.57 5.74
CA GLU D 194 -9.69 25.39 4.38
C GLU D 194 -8.23 25.72 4.27
N TRP D 195 -7.58 25.19 3.22
CA TRP D 195 -6.18 25.39 2.91
C TRP D 195 -5.95 24.94 1.49
N CYS D 196 -4.73 25.09 0.98
N CYS D 196 -4.71 25.09 1.00
CA CYS D 196 -4.41 24.58 -0.35
CA CYS D 196 -4.29 24.64 -0.32
C CYS D 196 -3.22 23.63 -0.29
C CYS D 196 -3.18 23.62 -0.26
N VAL D 197 -3.08 22.81 -1.32
CA VAL D 197 -2.03 21.80 -1.43
C VAL D 197 -1.56 21.78 -2.89
N LEU D 198 -0.26 21.50 -3.10
CA LEU D 198 0.29 21.33 -4.44
C LEU D 198 -0.18 19.96 -4.94
N ASP D 199 -0.67 19.91 -6.20
CA ASP D 199 -1.22 18.70 -6.81
C ASP D 199 -0.27 17.48 -6.77
N TRP D 200 1.05 17.72 -6.77
CA TRP D 200 2.05 16.66 -6.73
C TRP D 200 2.36 16.18 -5.31
N ASN D 201 1.97 16.95 -4.28
CA ASN D 201 2.25 16.62 -2.88
C ASN D 201 1.30 15.54 -2.38
N VAL D 202 1.50 14.31 -2.87
CA VAL D 202 0.66 13.15 -2.59
C VAL D 202 0.63 12.75 -1.11
N ASN D 203 1.74 12.95 -0.38
CA ASN D 203 1.81 12.61 1.05
C ASN D 203 0.94 13.53 1.88
N ALA D 204 0.89 14.84 1.54
CA ALA D 204 0.04 15.81 2.23
C ALA D 204 -1.42 15.57 1.86
N ILE D 205 -1.72 15.26 0.56
CA ILE D 205 -3.08 14.95 0.10
C ILE D 205 -3.67 13.75 0.88
N LYS D 206 -2.89 12.66 1.02
CA LYS D 206 -3.28 11.45 1.78
C LYS D 206 -3.54 11.80 3.25
N PHE D 207 -2.61 12.58 3.86
CA PHE D 207 -2.70 13.07 5.23
C PHE D 207 -4.01 13.84 5.47
N TYR D 208 -4.34 14.81 4.60
CA TYR D 208 -5.57 15.61 4.66
C TYR D 208 -6.85 14.79 4.50
N GLU D 209 -6.87 13.90 3.49
CA GLU D 209 -8.01 13.04 3.19
C GLU D 209 -8.33 12.08 4.32
N GLY D 210 -7.28 11.58 4.99
CA GLY D 210 -7.37 10.70 6.14
C GLY D 210 -7.98 11.37 7.36
N LEU D 211 -8.00 12.71 7.37
CA LEU D 211 -8.60 13.52 8.43
C LEU D 211 -10.02 14.02 8.05
N GLY D 212 -10.51 13.59 6.87
CA GLY D 212 -11.85 13.93 6.39
C GLY D 212 -11.94 15.14 5.47
N ALA D 213 -10.80 15.79 5.15
CA ALA D 213 -10.81 16.93 4.23
C ALA D 213 -11.04 16.46 2.80
N LYS D 214 -11.70 17.31 2.00
CA LYS D 214 -11.98 17.03 0.60
C LYS D 214 -11.14 17.94 -0.26
N VAL D 215 -10.39 17.36 -1.20
CA VAL D 215 -9.57 18.10 -2.16
C VAL D 215 -10.57 18.42 -3.27
N MET D 216 -10.80 19.69 -3.57
CA MET D 216 -11.75 20.14 -4.58
C MET D 216 -11.04 20.42 -5.89
N PRO D 217 -11.15 19.54 -6.90
CA PRO D 217 -10.37 19.74 -8.14
C PRO D 217 -10.81 20.85 -9.09
N GLU D 218 -12.04 21.36 -8.98
CA GLU D 218 -12.59 22.37 -9.88
C GLU D 218 -12.05 23.82 -9.69
N TRP D 219 -11.60 24.17 -8.48
CA TRP D 219 -11.14 25.52 -8.21
C TRP D 219 -9.68 25.76 -8.56
N ARG D 220 -9.40 26.97 -9.06
CA ARG D 220 -8.05 27.42 -9.39
C ARG D 220 -7.76 28.72 -8.64
N ILE D 221 -6.56 28.85 -8.08
CA ILE D 221 -6.13 30.06 -7.41
C ILE D 221 -5.64 31.11 -8.42
N CYS D 222 -6.08 32.35 -8.25
CA CYS D 222 -5.66 33.50 -9.05
C CYS D 222 -4.87 34.42 -8.19
N ARG D 223 -3.77 34.97 -8.73
CA ARG D 223 -2.93 35.89 -7.99
C ARG D 223 -2.59 37.08 -8.82
N LEU D 224 -2.80 38.26 -8.23
CA LEU D 224 -2.43 39.55 -8.77
C LEU D 224 -1.34 40.07 -7.82
N THR D 225 -0.11 40.14 -8.32
CA THR D 225 1.08 40.55 -7.56
C THR D 225 2.12 41.22 -8.48
N GLY D 226 3.22 41.70 -7.89
CA GLY D 226 4.33 42.34 -8.59
C GLY D 226 3.93 43.51 -9.43
N GLU D 227 4.45 43.54 -10.67
CA GLU D 227 4.22 44.60 -11.67
C GLU D 227 2.79 44.67 -12.13
N ALA D 228 2.13 43.51 -12.31
CA ALA D 228 0.72 43.45 -12.70
C ALA D 228 -0.16 44.13 -11.64
N LEU D 229 0.14 43.91 -10.32
CA LEU D 229 -0.56 44.54 -9.21
C LEU D 229 -0.30 46.04 -9.22
N GLU D 230 0.98 46.44 -9.42
CA GLU D 230 1.37 47.85 -9.51
C GLU D 230 0.66 48.58 -10.66
N ALA D 231 0.52 47.92 -11.83
CA ALA D 231 -0.14 48.44 -13.03
C ALA D 231 -1.68 48.49 -12.87
N CYS D 232 -2.27 47.68 -11.99
CA CYS D 232 -3.72 47.66 -11.86
C CYS D 232 -4.27 48.92 -11.22
N ALA D 233 -4.79 49.84 -12.03
CA ALA D 233 -5.28 51.14 -11.53
C ALA D 233 -6.55 51.57 -12.23
N LEU D 234 -7.39 52.35 -11.52
CA LEU D 234 -8.61 52.95 -12.07
C LEU D 234 -8.24 54.12 -13.04
N ALA E 22 54.46 -32.92 15.65
CA ALA E 22 55.04 -33.56 14.47
C ALA E 22 55.73 -32.55 13.52
N MET E 23 54.97 -31.76 12.72
CA MET E 23 55.57 -30.77 11.81
C MET E 23 56.03 -29.57 12.63
N GLU E 24 57.34 -29.27 12.64
CA GLU E 24 57.84 -28.12 13.39
C GLU E 24 59.01 -27.41 12.66
N GLY E 25 59.20 -26.13 12.98
CA GLY E 25 60.21 -25.27 12.37
C GLY E 25 59.72 -24.53 11.14
N THR E 26 60.13 -24.99 9.95
CA THR E 26 59.78 -24.37 8.67
C THR E 26 59.15 -25.41 7.74
N LEU E 27 58.06 -25.00 7.05
CA LEU E 27 57.37 -25.81 6.05
C LEU E 27 57.62 -25.24 4.68
N THR E 28 57.50 -26.07 3.65
CA THR E 28 57.54 -25.61 2.28
C THR E 28 56.09 -25.71 1.80
N ALA E 29 55.49 -24.57 1.46
CA ALA E 29 54.09 -24.47 1.00
C ALA E 29 54.07 -24.39 -0.51
N THR E 30 53.15 -25.15 -1.13
CA THR E 30 52.97 -25.22 -2.58
C THR E 30 51.53 -24.93 -2.97
N VAL E 31 51.33 -23.99 -3.90
CA VAL E 31 50.03 -23.65 -4.47
C VAL E 31 50.12 -24.05 -5.95
N ARG E 32 49.25 -24.99 -6.37
CA ARG E 32 49.25 -25.50 -7.74
C ARG E 32 47.83 -25.69 -8.28
N LEU E 33 47.68 -25.81 -9.60
CA LEU E 33 46.39 -26.09 -10.22
C LEU E 33 45.90 -27.48 -9.82
N ALA E 34 44.60 -27.61 -9.53
CA ALA E 34 44.02 -28.91 -9.25
C ALA E 34 43.85 -29.70 -10.58
N THR E 35 44.00 -31.03 -10.54
CA THR E 35 43.71 -31.92 -11.68
C THR E 35 42.48 -32.77 -11.27
N PRO E 36 41.77 -33.56 -12.15
CA PRO E 36 40.69 -34.43 -11.66
C PRO E 36 41.09 -35.39 -10.53
N ALA E 37 42.42 -35.68 -10.37
CA ALA E 37 42.98 -36.56 -9.31
C ALA E 37 42.80 -35.99 -7.92
N ASP E 38 42.53 -34.67 -7.84
CA ASP E 38 42.31 -33.91 -6.63
C ASP E 38 40.84 -33.89 -6.18
N ALA E 39 39.89 -34.40 -7.02
CA ALA E 39 38.46 -34.44 -6.64
C ALA E 39 38.17 -35.10 -5.27
N PRO E 40 38.81 -36.25 -4.87
CA PRO E 40 38.55 -36.79 -3.52
C PRO E 40 38.88 -35.83 -2.37
N SER E 41 40.05 -35.14 -2.43
CA SER E 41 40.46 -34.15 -1.43
C SER E 41 39.62 -32.89 -1.48
N ILE E 42 39.27 -32.40 -2.69
CA ILE E 42 38.41 -31.20 -2.87
C ILE E 42 37.03 -31.46 -2.23
N ALA E 43 36.43 -32.65 -2.46
CA ALA E 43 35.14 -33.03 -1.87
C ALA E 43 35.21 -32.99 -0.34
N LYS E 44 36.27 -33.58 0.30
CA LYS E 44 36.49 -33.60 1.77
C LYS E 44 36.65 -32.20 2.34
N LEU E 45 37.40 -31.32 1.63
CA LEU E 45 37.65 -29.95 2.05
C LEU E 45 36.41 -29.07 1.93
N ILE E 46 35.56 -29.27 0.88
CA ILE E 46 34.29 -28.54 0.71
C ILE E 46 33.37 -28.86 1.90
N ARG E 47 33.30 -30.15 2.27
CA ARG E 47 32.50 -30.63 3.40
C ARG E 47 32.95 -30.03 4.73
N GLU E 48 34.29 -29.95 4.95
CA GLU E 48 34.87 -29.35 6.16
C GLU E 48 34.51 -27.88 6.25
N LEU E 49 34.53 -27.16 5.10
CA LEU E 49 34.16 -25.75 4.99
C LEU E 49 32.66 -25.53 5.26
N ALA E 50 31.79 -26.42 4.68
CA ALA E 50 30.34 -26.36 4.88
C ALA E 50 30.05 -26.50 6.39
N ASP E 51 30.79 -27.42 7.05
CA ASP E 51 30.69 -27.67 8.46
C ASP E 51 31.11 -26.43 9.26
N PHE E 52 32.22 -25.76 8.84
CA PHE E 52 32.67 -24.54 9.51
C PHE E 52 31.62 -23.43 9.40
N GLU E 53 31.05 -23.27 8.20
CA GLU E 53 30.05 -22.25 7.89
C GLU E 53 28.64 -22.59 8.37
N GLU E 54 28.49 -23.70 9.14
CA GLU E 54 27.22 -24.18 9.72
C GLU E 54 26.15 -24.37 8.63
N LEU E 55 26.57 -24.98 7.51
CA LEU E 55 25.73 -25.27 6.34
C LEU E 55 25.88 -26.74 5.87
N SER E 56 26.24 -27.67 6.78
CA SER E 56 26.44 -29.10 6.46
C SER E 56 25.28 -29.74 5.71
N HIS E 57 24.03 -29.51 6.14
CA HIS E 57 22.83 -30.10 5.54
C HIS E 57 22.61 -29.66 4.08
N ALA E 58 23.05 -28.45 3.73
CA ALA E 58 22.91 -27.88 2.40
C ALA E 58 24.04 -28.33 1.44
N CYS E 59 25.10 -28.97 1.98
CA CYS E 59 26.24 -29.43 1.18
C CYS E 59 25.98 -30.86 0.69
N VAL E 60 25.85 -31.03 -0.63
CA VAL E 60 25.60 -32.32 -1.29
C VAL E 60 26.72 -32.68 -2.31
N VAL E 61 27.93 -32.11 -2.12
CA VAL E 61 29.10 -32.38 -2.96
C VAL E 61 29.49 -33.88 -2.93
N THR E 62 29.85 -34.42 -4.09
CA THR E 62 30.38 -35.77 -4.28
C THR E 62 31.52 -35.63 -5.29
N GLU E 63 32.45 -36.62 -5.35
CA GLU E 63 33.53 -36.66 -6.34
C GLU E 63 32.93 -36.67 -7.74
N GLU E 64 31.85 -37.44 -7.94
CA GLU E 64 31.14 -37.59 -9.21
C GLU E 64 30.59 -36.25 -9.72
N LYS E 65 29.99 -35.45 -8.81
CA LYS E 65 29.44 -34.13 -9.14
C LYS E 65 30.54 -33.15 -9.54
N LEU E 66 31.71 -33.23 -8.89
CA LEU E 66 32.87 -32.39 -9.24
C LEU E 66 33.42 -32.80 -10.63
N HIS E 67 33.38 -34.10 -10.96
CA HIS E 67 33.85 -34.59 -12.27
C HIS E 67 32.96 -34.12 -13.42
N SER E 68 31.66 -33.98 -13.15
CA SER E 68 30.64 -33.55 -14.11
C SER E 68 30.66 -32.04 -14.34
N SER E 69 31.14 -31.26 -13.37
CA SER E 69 31.09 -29.80 -13.44
C SER E 69 32.44 -29.08 -13.55
N LEU E 70 33.53 -29.69 -13.07
CA LEU E 70 34.85 -29.04 -13.12
C LEU E 70 35.68 -29.63 -14.26
N TRP E 71 36.84 -29.00 -14.56
CA TRP E 71 37.78 -29.50 -15.59
C TRP E 71 37.13 -29.63 -16.98
N LYS E 72 36.20 -28.71 -17.30
CA LYS E 72 35.47 -28.66 -18.58
C LYS E 72 36.02 -27.57 -19.49
N LEU E 73 36.49 -26.47 -18.89
CA LEU E 73 37.04 -25.31 -19.58
C LEU E 73 38.50 -25.10 -19.20
N PRO E 74 39.29 -24.31 -19.96
CA PRO E 74 40.68 -24.07 -19.57
C PRO E 74 40.77 -23.37 -18.21
N PRO E 75 41.85 -23.59 -17.43
CA PRO E 75 41.94 -22.90 -16.13
C PRO E 75 41.82 -21.39 -16.29
N PHE E 76 41.14 -20.73 -15.33
CA PHE E 76 40.89 -19.29 -15.25
C PHE E 76 39.85 -18.77 -16.27
N GLN E 77 39.23 -19.68 -17.02
CA GLN E 77 38.21 -19.38 -18.01
C GLN E 77 36.84 -19.90 -17.56
N GLY E 78 36.82 -20.55 -16.40
CA GLY E 78 35.61 -21.07 -15.75
C GLY E 78 35.94 -21.40 -14.31
N PRO E 79 35.15 -22.25 -13.62
CA PRO E 79 35.48 -22.58 -12.21
C PRO E 79 36.82 -23.34 -12.11
N THR E 80 37.78 -22.75 -11.37
CA THR E 80 39.15 -23.27 -11.25
C THR E 80 39.53 -23.46 -9.80
N VAL E 81 40.21 -24.56 -9.50
CA VAL E 81 40.68 -24.87 -8.15
C VAL E 81 42.21 -24.84 -8.08
N LEU E 82 42.75 -24.19 -7.02
CA LEU E 82 44.17 -24.21 -6.70
C LEU E 82 44.27 -25.00 -5.39
N MET E 83 45.19 -25.95 -5.34
CA MET E 83 45.39 -26.76 -4.13
C MET E 83 46.52 -26.18 -3.32
N LEU E 84 46.41 -26.25 -1.99
CA LEU E 84 47.46 -25.80 -1.08
C LEU E 84 48.05 -27.03 -0.39
N GLU E 85 49.35 -27.27 -0.57
CA GLU E 85 50.05 -28.43 0.02
C GLU E 85 51.26 -28.02 0.79
N VAL E 86 51.69 -28.85 1.77
CA VAL E 86 52.88 -28.61 2.60
C VAL E 86 53.72 -29.87 2.77
N CYS E 87 54.96 -29.67 3.16
CA CYS E 87 55.90 -30.70 3.56
C CYS E 87 56.95 -30.05 4.46
N GLN E 88 57.53 -30.83 5.38
CA GLN E 88 58.52 -30.30 6.30
C GLN E 88 59.86 -30.16 5.61
N GLN E 89 60.59 -29.09 5.95
CA GLN E 89 61.91 -28.81 5.39
C GLN E 89 63.01 -29.78 5.88
N GLU E 90 62.95 -30.20 7.18
CA GLU E 90 63.90 -31.11 7.84
C GLU E 90 65.33 -30.56 7.88
N GLU E 105 52.84 -24.17 -19.61
CA GLU E 105 52.58 -23.92 -18.19
C GLU E 105 51.66 -22.71 -17.94
N VAL E 106 50.33 -22.96 -17.93
CA VAL E 106 49.25 -21.99 -17.67
C VAL E 106 49.42 -21.34 -16.27
N PHE E 107 49.84 -22.17 -15.29
CA PHE E 107 50.08 -21.74 -13.93
C PHE E 107 51.28 -22.49 -13.36
N GLU E 108 52.40 -21.78 -13.19
CA GLU E 108 53.60 -22.33 -12.58
C GLU E 108 53.34 -22.42 -11.05
N PRO E 109 53.58 -23.60 -10.41
CA PRO E 109 53.32 -23.70 -8.95
C PRO E 109 54.07 -22.67 -8.13
N ILE E 110 53.39 -22.11 -7.12
CA ILE E 110 53.98 -21.12 -6.23
C ILE E 110 54.51 -21.87 -5.02
N VAL E 111 55.82 -21.75 -4.78
CA VAL E 111 56.53 -22.42 -3.68
C VAL E 111 57.07 -21.36 -2.72
N ARG E 112 56.69 -21.44 -1.44
CA ARG E 112 57.12 -20.50 -0.39
C ARG E 112 57.52 -21.22 0.89
N SER E 113 58.51 -20.68 1.60
CA SER E 113 58.95 -21.18 2.91
C SER E 113 58.07 -20.51 3.96
N VAL E 114 57.61 -21.28 4.95
CA VAL E 114 56.71 -20.77 5.99
C VAL E 114 57.28 -21.16 7.35
N VAL E 115 57.70 -20.16 8.16
CA VAL E 115 58.19 -20.42 9.51
C VAL E 115 56.95 -20.60 10.38
N LEU E 116 56.82 -21.79 10.98
CA LEU E 116 55.69 -22.17 11.83
C LEU E 116 55.58 -21.38 13.11
N LYS E 117 54.39 -20.78 13.32
CA LYS E 117 53.99 -20.01 14.50
C LYS E 117 54.17 -20.91 15.74
N ASN E 118 53.68 -22.17 15.65
CA ASN E 118 53.78 -23.23 16.68
C ASN E 118 53.85 -24.60 15.95
N PRO E 119 54.43 -25.67 16.58
CA PRO E 119 54.43 -27.00 15.92
C PRO E 119 53.00 -27.50 15.63
N ILE E 120 52.81 -28.15 14.49
CA ILE E 120 51.50 -28.64 14.03
C ILE E 120 51.29 -30.13 14.32
N ASP E 121 50.14 -30.45 14.91
CA ASP E 121 49.70 -31.81 15.18
C ASP E 121 48.53 -32.08 14.22
N ASP E 122 48.76 -32.95 13.21
CA ASP E 122 47.77 -33.28 12.20
C ASP E 122 47.45 -34.78 12.21
N SER E 123 46.30 -35.14 12.82
CA SER E 123 45.87 -36.53 12.92
C SER E 123 45.29 -37.06 11.59
N ALA E 124 44.81 -36.12 10.72
CA ALA E 124 44.21 -36.39 9.41
C ALA E 124 45.24 -36.47 8.25
N ARG E 125 46.53 -36.30 8.56
CA ARG E 125 47.66 -36.27 7.63
C ARG E 125 47.66 -37.38 6.54
N GLU E 126 47.42 -38.63 6.94
CA GLU E 126 47.44 -39.78 6.01
C GLU E 126 46.26 -39.81 5.05
N GLY E 127 45.15 -39.18 5.41
CA GLY E 127 43.97 -39.10 4.56
C GLY E 127 44.03 -37.93 3.61
N PHE E 128 45.11 -37.12 3.71
CA PHE E 128 45.31 -35.93 2.87
C PHE E 128 46.67 -35.93 2.14
N ARG E 129 47.16 -37.12 1.76
CA ARG E 129 48.40 -37.25 0.99
C ARG E 129 48.12 -36.70 -0.40
N SER E 130 49.02 -35.85 -0.88
CA SER E 130 48.89 -35.20 -2.18
C SER E 130 49.02 -36.19 -3.34
N PRO E 131 48.10 -36.09 -4.36
CA PRO E 131 48.21 -37.00 -5.52
C PRO E 131 49.30 -36.59 -6.49
N SER E 132 49.86 -35.36 -6.39
CA SER E 132 50.94 -34.87 -7.26
C SER E 132 52.33 -35.35 -6.77
N THR E 133 52.62 -35.17 -5.46
CA THR E 133 53.86 -35.57 -4.79
C THR E 133 53.47 -36.25 -3.48
N GLY E 134 53.86 -37.52 -3.36
CA GLY E 134 53.56 -38.37 -2.22
C GLY E 134 54.05 -37.85 -0.87
N THR E 135 55.13 -37.04 -0.88
CA THR E 135 55.74 -36.43 0.31
C THR E 135 54.99 -35.18 0.82
N HIS E 136 53.95 -34.73 0.07
CA HIS E 136 53.18 -33.54 0.41
C HIS E 136 51.82 -33.85 1.03
N THR E 137 51.38 -32.98 1.95
CA THR E 137 50.10 -33.06 2.64
C THR E 137 49.21 -31.92 2.11
N THR E 138 47.99 -32.25 1.65
CA THR E 138 46.99 -31.29 1.20
C THR E 138 46.42 -30.61 2.46
N VAL E 139 46.52 -29.27 2.53
CA VAL E 139 46.04 -28.53 3.71
C VAL E 139 44.94 -27.50 3.38
N GLY E 140 44.69 -27.26 2.11
CA GLY E 140 43.67 -26.30 1.73
C GLY E 140 43.38 -26.21 0.25
N PHE E 141 42.42 -25.38 -0.10
CA PHE E 141 42.02 -25.19 -1.51
C PHE E 141 41.32 -23.84 -1.66
N VAL E 142 41.24 -23.37 -2.91
CA VAL E 142 40.52 -22.17 -3.29
C VAL E 142 39.82 -22.45 -4.63
N LEU E 143 38.56 -22.05 -4.76
CA LEU E 143 37.83 -22.17 -6.03
C LEU E 143 37.45 -20.77 -6.44
N PHE E 144 37.75 -20.40 -7.68
CA PHE E 144 37.43 -19.08 -8.21
C PHE E 144 37.06 -19.16 -9.68
N PHE E 145 36.38 -18.12 -10.18
CA PHE E 145 35.98 -18.08 -11.58
C PHE E 145 35.88 -16.62 -12.03
N PRO E 146 35.87 -16.31 -13.35
CA PRO E 146 35.73 -14.90 -13.76
C PRO E 146 34.38 -14.26 -13.42
N ASN E 147 34.42 -12.97 -13.11
CA ASN E 147 33.21 -12.18 -12.90
C ASN E 147 33.32 -10.93 -13.78
N TYR E 148 32.37 -10.02 -13.72
CA TYR E 148 32.41 -8.85 -14.56
C TYR E 148 31.82 -7.65 -13.87
N SER E 149 32.48 -6.49 -13.95
CA SER E 149 31.96 -5.24 -13.39
C SER E 149 31.55 -4.35 -14.56
N THR E 150 30.27 -3.93 -14.62
CA THR E 150 29.81 -3.05 -15.69
C THR E 150 30.27 -1.60 -15.47
N PHE E 151 30.46 -1.19 -14.19
CA PHE E 151 30.89 0.15 -13.84
C PHE E 151 32.35 0.36 -14.24
N LEU E 152 33.16 -0.69 -14.14
CA LEU E 152 34.54 -0.63 -14.61
C LEU E 152 34.59 -1.04 -16.09
N ALA E 153 33.54 -1.78 -16.58
CA ALA E 153 33.39 -2.36 -17.93
C ALA E 153 34.61 -3.26 -18.18
N LYS E 154 34.89 -4.10 -17.17
CA LYS E 154 36.09 -4.92 -17.07
C LYS E 154 35.80 -6.19 -16.31
N GLY E 155 36.39 -7.28 -16.75
CA GLY E 155 36.32 -8.56 -16.09
C GLY E 155 37.17 -8.58 -14.83
N GLY E 156 36.77 -9.41 -13.88
CA GLY E 156 37.48 -9.60 -12.63
C GLY E 156 37.42 -11.06 -12.24
N TYR E 157 37.73 -11.37 -10.97
CA TYR E 157 37.66 -12.73 -10.45
C TYR E 157 36.87 -12.79 -9.19
N TYR E 158 36.10 -13.86 -9.04
CA TYR E 158 35.27 -14.09 -7.88
C TYR E 158 35.76 -15.36 -7.19
N ILE E 159 36.02 -15.28 -5.87
CA ILE E 159 36.45 -16.43 -5.09
C ILE E 159 35.23 -17.02 -4.41
N GLU E 160 34.90 -18.25 -4.79
CA GLU E 160 33.75 -18.98 -4.27
C GLU E 160 34.05 -19.56 -2.90
N ASP E 161 35.18 -20.29 -2.76
CA ASP E 161 35.60 -20.93 -1.51
C ASP E 161 37.07 -20.70 -1.26
N LEU E 162 37.43 -20.55 0.02
CA LEU E 162 38.79 -20.40 0.49
C LEU E 162 38.82 -21.16 1.79
N TYR E 163 39.61 -22.22 1.85
CA TYR E 163 39.65 -23.04 3.05
C TYR E 163 41.01 -23.61 3.36
N VAL E 164 41.38 -23.59 4.66
CA VAL E 164 42.61 -24.15 5.22
C VAL E 164 42.19 -25.08 6.38
N ARG E 165 42.71 -26.33 6.40
CA ARG E 165 42.43 -27.30 7.46
C ARG E 165 42.87 -26.74 8.81
N LYS E 166 42.05 -26.96 9.86
CA LYS E 166 42.23 -26.44 11.23
C LYS E 166 43.67 -26.49 11.78
N PRO E 167 44.46 -27.59 11.74
CA PRO E 167 45.83 -27.54 12.30
C PRO E 167 46.79 -26.56 11.63
N TYR E 168 46.47 -26.10 10.39
CA TYR E 168 47.34 -25.25 9.57
C TYR E 168 46.92 -23.76 9.48
N ARG E 169 45.95 -23.34 10.28
CA ARG E 169 45.50 -21.95 10.29
C ARG E 169 46.36 -21.09 11.23
N GLY E 170 46.40 -19.79 10.99
CA GLY E 170 47.09 -18.82 11.84
C GLY E 170 48.59 -18.69 11.64
N THR E 171 49.16 -19.40 10.64
CA THR E 171 50.61 -19.38 10.42
C THR E 171 51.04 -18.84 9.03
N GLY E 172 50.16 -18.14 8.33
CA GLY E 172 50.49 -17.54 7.04
C GLY E 172 50.14 -18.27 5.76
N LEU E 173 49.55 -19.48 5.86
CA LEU E 173 49.21 -20.31 4.70
C LEU E 173 48.01 -19.80 3.89
N GLY E 174 46.98 -19.30 4.59
CA GLY E 174 45.81 -18.72 3.96
C GLY E 174 46.16 -17.51 3.13
N THR E 175 47.10 -16.67 3.63
CA THR E 175 47.62 -15.47 2.93
C THR E 175 48.26 -15.90 1.61
N ILE E 176 49.16 -16.91 1.65
CA ILE E 176 49.82 -17.40 0.44
C ILE E 176 48.81 -17.88 -0.60
N LEU E 177 47.82 -18.67 -0.18
CA LEU E 177 46.82 -19.18 -1.08
C LEU E 177 45.97 -18.04 -1.70
N LEU E 178 45.42 -17.12 -0.89
CA LEU E 178 44.64 -15.98 -1.40
C LEU E 178 45.49 -15.10 -2.33
N LYS E 179 46.72 -14.75 -1.93
CA LYS E 179 47.65 -13.94 -2.72
C LYS E 179 48.04 -14.58 -4.05
N SER E 180 48.06 -15.92 -4.12
CA SER E 180 48.36 -16.68 -5.34
C SER E 180 47.23 -16.47 -6.37
N VAL E 181 45.96 -16.43 -5.90
CA VAL E 181 44.78 -16.16 -6.72
C VAL E 181 44.83 -14.72 -7.23
N VAL E 182 45.10 -13.77 -6.33
CA VAL E 182 45.17 -12.34 -6.62
C VAL E 182 46.28 -12.05 -7.65
N GLN E 183 47.45 -12.71 -7.49
CA GLN E 183 48.59 -12.55 -8.41
C GLN E 183 48.18 -13.02 -9.82
N GLN E 184 47.49 -14.16 -9.92
CA GLN E 184 47.00 -14.67 -11.19
C GLN E 184 45.94 -13.73 -11.80
N ALA E 185 44.99 -13.24 -10.97
CA ALA E 185 43.94 -12.31 -11.38
C ALA E 185 44.54 -11.00 -11.93
N LYS E 186 45.61 -10.47 -11.29
CA LYS E 186 46.30 -9.25 -11.70
C LYS E 186 47.04 -9.44 -13.02
N LYS E 187 47.62 -10.63 -13.22
CA LYS E 187 48.31 -11.01 -14.45
C LYS E 187 47.27 -11.04 -15.58
N LEU E 188 46.03 -11.44 -15.25
CA LEU E 188 44.91 -11.49 -16.19
C LEU E 188 44.11 -10.16 -16.24
N ARG E 189 44.70 -9.06 -15.70
CA ARG E 189 44.20 -7.68 -15.72
C ARG E 189 42.81 -7.50 -15.05
N ALA E 190 42.55 -8.22 -13.95
CA ALA E 190 41.29 -8.12 -13.19
C ALA E 190 41.08 -6.70 -12.64
N GLY E 191 39.85 -6.19 -12.77
CA GLY E 191 39.49 -4.89 -12.23
C GLY E 191 39.28 -5.00 -10.72
N ARG E 192 38.74 -6.13 -10.27
CA ARG E 192 38.43 -6.44 -8.87
C ARG E 192 38.60 -7.92 -8.62
N VAL E 193 38.80 -8.28 -7.34
CA VAL E 193 38.79 -9.65 -6.84
C VAL E 193 37.76 -9.56 -5.71
N GLU E 194 36.66 -10.35 -5.81
CA GLU E 194 35.55 -10.31 -4.88
C GLU E 194 35.19 -11.68 -4.35
N TRP E 195 34.53 -11.71 -3.21
CA TRP E 195 34.05 -12.92 -2.53
C TRP E 195 33.03 -12.48 -1.49
N CYS E 196 32.42 -13.44 -0.80
CA CYS E 196 31.51 -13.06 0.25
C CYS E 196 31.84 -13.82 1.55
N VAL E 197 31.39 -13.31 2.68
CA VAL E 197 31.71 -13.82 4.01
C VAL E 197 30.46 -13.76 4.89
N LEU E 198 30.33 -14.70 5.85
CA LEU E 198 29.24 -14.68 6.83
C LEU E 198 29.54 -13.56 7.82
N ASP E 199 28.52 -12.73 8.13
CA ASP E 199 28.66 -11.57 9.03
C ASP E 199 29.24 -11.93 10.41
N TRP E 200 29.01 -13.16 10.88
CA TRP E 200 29.50 -13.61 12.19
C TRP E 200 30.92 -14.16 12.14
N ASN E 201 31.44 -14.47 10.95
CA ASN E 201 32.78 -15.04 10.76
C ASN E 201 33.85 -13.94 10.90
N VAL E 202 34.05 -13.47 12.15
CA VAL E 202 34.95 -12.37 12.51
C VAL E 202 36.42 -12.67 12.19
N ASN E 203 36.85 -13.94 12.31
CA ASN E 203 38.23 -14.32 11.99
C ASN E 203 38.54 -14.17 10.51
N ALA E 204 37.60 -14.56 9.62
CA ALA E 204 37.76 -14.39 8.17
C ALA E 204 37.70 -12.91 7.79
N ILE E 205 36.76 -12.14 8.40
CA ILE E 205 36.62 -10.69 8.17
C ILE E 205 37.92 -9.93 8.49
N LYS E 206 38.55 -10.24 9.65
CA LYS E 206 39.83 -9.64 10.08
C LYS E 206 40.93 -10.01 9.09
N PHE E 207 41.02 -11.32 8.72
CA PHE E 207 41.97 -11.86 7.74
C PHE E 207 41.89 -11.06 6.41
N TYR E 208 40.65 -10.90 5.83
CA TYR E 208 40.36 -10.17 4.58
C TYR E 208 40.71 -8.67 4.64
N GLU E 209 40.31 -7.99 5.75
CA GLU E 209 40.57 -6.58 5.96
C GLU E 209 42.06 -6.29 6.06
N GLY E 210 42.80 -7.21 6.68
CA GLY E 210 44.25 -7.15 6.83
C GLY E 210 44.99 -7.24 5.51
N LEU E 211 44.32 -7.76 4.48
CA LEU E 211 44.86 -7.88 3.12
C LEU E 211 44.42 -6.71 2.21
N GLY E 212 43.65 -5.77 2.76
CA GLY E 212 43.16 -4.60 2.02
C GLY E 212 41.77 -4.71 1.42
N ALA E 213 41.07 -5.83 1.66
CA ALA E 213 39.71 -6.00 1.15
C ALA E 213 38.74 -5.20 1.98
N LYS E 214 37.67 -4.70 1.36
CA LYS E 214 36.65 -3.91 2.05
C LYS E 214 35.38 -4.73 2.09
N VAL E 215 34.81 -4.87 3.29
CA VAL E 215 33.54 -5.57 3.50
C VAL E 215 32.51 -4.46 3.24
N MET E 216 31.65 -4.64 2.23
CA MET E 216 30.67 -3.63 1.83
C MET E 216 29.33 -3.95 2.47
N PRO E 217 28.93 -3.16 3.48
CA PRO E 217 27.69 -3.48 4.22
C PRO E 217 26.35 -3.28 3.50
N GLU E 218 26.30 -2.49 2.43
CA GLU E 218 25.07 -2.15 1.72
C GLU E 218 24.48 -3.27 0.82
N TRP E 219 25.32 -4.18 0.33
CA TRP E 219 24.87 -5.25 -0.57
C TRP E 219 24.34 -6.47 0.13
N ARG E 220 23.28 -7.04 -0.44
CA ARG E 220 22.66 -8.30 0.02
C ARG E 220 22.59 -9.26 -1.15
N ILE E 221 22.92 -10.53 -0.93
CA ILE E 221 22.84 -11.54 -1.99
C ILE E 221 21.41 -12.09 -2.07
N CYS E 222 20.89 -12.23 -3.31
CA CYS E 222 19.57 -12.81 -3.60
C CYS E 222 19.75 -14.10 -4.31
N ARG E 223 18.94 -15.09 -3.96
CA ARG E 223 19.06 -16.41 -4.57
C ARG E 223 17.71 -16.96 -5.01
N LEU E 224 17.68 -17.47 -6.23
CA LEU E 224 16.53 -18.16 -6.78
C LEU E 224 17.05 -19.59 -7.01
N THR E 225 16.52 -20.54 -6.21
CA THR E 225 16.93 -21.95 -6.23
C THR E 225 15.76 -22.85 -5.82
N GLY E 226 15.99 -24.16 -5.86
CA GLY E 226 15.04 -25.18 -5.47
C GLY E 226 13.71 -25.10 -6.16
N GLU E 227 12.62 -25.15 -5.38
CA GLU E 227 11.24 -25.13 -5.85
C GLU E 227 10.89 -23.83 -6.53
N ALA E 228 11.34 -22.68 -5.97
CA ALA E 228 11.09 -21.35 -6.53
C ALA E 228 11.73 -21.22 -7.95
N LEU E 229 12.94 -21.76 -8.12
CA LEU E 229 13.62 -21.76 -9.43
C LEU E 229 12.86 -22.65 -10.39
N GLU E 230 12.45 -23.86 -9.93
CA GLU E 230 11.67 -24.80 -10.74
C GLU E 230 10.31 -24.23 -11.16
N ALA E 231 9.66 -23.48 -10.27
CA ALA E 231 8.37 -22.84 -10.51
C ALA E 231 8.47 -21.61 -11.42
N CYS E 232 9.66 -20.98 -11.53
CA CYS E 232 9.83 -19.80 -12.38
C CYS E 232 9.69 -20.15 -13.87
N ALA E 233 8.54 -19.80 -14.45
CA ALA E 233 8.14 -20.08 -15.82
C ALA E 233 7.82 -18.83 -16.63
N LEU E 234 8.01 -18.91 -17.95
CA LEU E 234 7.71 -17.86 -18.91
C LEU E 234 7.04 -18.50 -20.15
N ALA F 22 4.01 8.83 -28.44
CA ALA F 22 3.33 8.38 -27.23
C ALA F 22 2.82 6.95 -27.42
N MET F 23 3.27 6.04 -26.53
CA MET F 23 2.92 4.60 -26.59
C MET F 23 1.72 4.30 -25.72
N GLU F 24 0.70 3.68 -26.31
CA GLU F 24 -0.54 3.34 -25.61
C GLU F 24 -1.06 1.98 -26.02
N GLY F 25 -1.98 1.42 -25.22
CA GLY F 25 -2.63 0.15 -25.50
C GLY F 25 -1.80 -1.07 -25.22
N THR F 26 -1.29 -1.72 -26.29
CA THR F 26 -0.48 -2.93 -26.18
C THR F 26 0.87 -2.73 -26.87
N LEU F 27 1.95 -3.20 -26.22
CA LEU F 27 3.31 -3.18 -26.76
C LEU F 27 3.73 -4.60 -27.09
N THR F 28 4.68 -4.74 -28.01
CA THR F 28 5.32 -6.01 -28.27
C THR F 28 6.70 -5.88 -27.68
N ALA F 29 7.01 -6.68 -26.66
CA ALA F 29 8.30 -6.71 -25.96
C ALA F 29 9.15 -7.82 -26.53
N THR F 30 10.43 -7.53 -26.80
CA THR F 30 11.41 -8.47 -27.34
C THR F 30 12.66 -8.52 -26.45
N VAL F 31 13.04 -9.74 -26.06
CA VAL F 31 14.28 -10.00 -25.31
C VAL F 31 15.17 -10.81 -26.30
N ARG F 32 16.32 -10.24 -26.66
CA ARG F 32 17.25 -10.86 -27.61
C ARG F 32 18.69 -10.72 -27.15
N LEU F 33 19.60 -11.53 -27.73
CA LEU F 33 21.03 -11.43 -27.43
C LEU F 33 21.56 -10.10 -27.96
N ALA F 34 22.42 -9.43 -27.18
CA ALA F 34 23.06 -8.20 -27.62
C ALA F 34 24.16 -8.56 -28.62
N THR F 35 24.41 -7.66 -29.58
CA THR F 35 25.47 -7.79 -30.59
C THR F 35 26.42 -6.59 -30.35
N PRO F 36 27.67 -6.55 -30.89
CA PRO F 36 28.52 -5.36 -30.69
C PRO F 36 27.87 -4.03 -31.10
N ALA F 37 26.85 -4.06 -32.01
CA ALA F 37 26.09 -2.89 -32.47
C ALA F 37 25.28 -2.24 -31.33
N ASP F 38 25.07 -3.00 -30.24
CA ASP F 38 24.33 -2.58 -29.05
C ASP F 38 25.20 -1.89 -27.99
N ALA F 39 26.55 -1.88 -28.17
CA ALA F 39 27.49 -1.23 -27.22
C ALA F 39 27.11 0.24 -26.89
N PRO F 40 26.71 1.11 -27.86
CA PRO F 40 26.31 2.48 -27.48
C PRO F 40 25.13 2.54 -26.50
N SER F 41 24.06 1.76 -26.74
CA SER F 41 22.89 1.69 -25.86
C SER F 41 23.21 1.04 -24.51
N ILE F 42 24.02 -0.04 -24.49
CA ILE F 42 24.45 -0.74 -23.26
C ILE F 42 25.19 0.25 -22.34
N ALA F 43 26.14 1.03 -22.92
CA ALA F 43 26.91 2.05 -22.20
C ALA F 43 25.97 3.08 -21.54
N LYS F 44 24.97 3.62 -22.29
CA LYS F 44 23.99 4.60 -21.79
C LYS F 44 23.13 4.03 -20.65
N LEU F 45 22.71 2.75 -20.77
CA LEU F 45 21.89 2.07 -19.78
C LEU F 45 22.67 1.77 -18.49
N ILE F 46 23.97 1.40 -18.61
CA ILE F 46 24.85 1.16 -17.45
C ILE F 46 24.97 2.46 -16.64
N ARG F 47 25.17 3.61 -17.34
CA ARG F 47 25.30 4.95 -16.75
C ARG F 47 24.04 5.38 -16.04
N GLU F 48 22.84 5.08 -16.62
CA GLU F 48 21.55 5.40 -16.03
C GLU F 48 21.35 4.62 -14.74
N LEU F 49 21.78 3.35 -14.72
CA LEU F 49 21.70 2.46 -13.55
C LEU F 49 22.63 2.98 -12.47
N ALA F 50 23.88 3.31 -12.82
CA ALA F 50 24.90 3.85 -11.92
C ALA F 50 24.34 5.08 -11.22
N ASP F 51 23.65 5.97 -11.99
CA ASP F 51 23.00 7.18 -11.51
C ASP F 51 21.88 6.82 -10.53
N PHE F 52 21.05 5.81 -10.88
CA PHE F 52 19.98 5.33 -10.01
C PHE F 52 20.58 4.83 -8.68
N GLU F 53 21.60 3.96 -8.75
CA GLU F 53 22.29 3.35 -7.62
C GLU F 53 23.15 4.33 -6.79
N GLU F 54 23.11 5.64 -7.15
CA GLU F 54 23.84 6.73 -6.49
C GLU F 54 25.38 6.45 -6.49
N LEU F 55 25.89 5.92 -7.64
CA LEU F 55 27.28 5.53 -7.87
C LEU F 55 27.85 6.03 -9.21
N SER F 56 27.36 7.20 -9.70
CA SER F 56 27.80 7.83 -10.95
C SER F 56 29.31 8.04 -11.06
N HIS F 57 29.96 8.54 -9.99
CA HIS F 57 31.40 8.81 -9.95
C HIS F 57 32.25 7.54 -10.17
N ALA F 58 31.75 6.37 -9.70
CA ALA F 58 32.41 5.07 -9.80
C ALA F 58 32.23 4.40 -11.16
N CYS F 59 31.30 4.90 -11.99
CA CYS F 59 31.02 4.35 -13.31
C CYS F 59 31.94 4.97 -14.38
N VAL F 60 32.80 4.14 -14.99
CA VAL F 60 33.77 4.56 -16.00
C VAL F 60 33.57 3.79 -17.36
N VAL F 61 32.35 3.25 -17.59
CA VAL F 61 32.01 2.53 -18.82
C VAL F 61 32.13 3.42 -20.08
N THR F 62 32.66 2.84 -21.16
CA THR F 62 32.76 3.44 -22.49
C THR F 62 32.41 2.33 -23.48
N GLU F 63 32.00 2.71 -24.70
CA GLU F 63 31.70 1.77 -25.79
C GLU F 63 32.94 0.92 -26.09
N GLU F 64 34.12 1.56 -26.10
CA GLU F 64 35.43 0.95 -26.34
C GLU F 64 35.74 -0.14 -25.32
N LYS F 65 35.48 0.13 -24.02
CA LYS F 65 35.71 -0.83 -22.94
C LYS F 65 34.80 -2.06 -23.06
N LEU F 66 33.56 -1.85 -23.55
CA LEU F 66 32.61 -2.95 -23.78
C LEU F 66 33.06 -3.81 -24.98
N HIS F 67 33.63 -3.17 -26.03
CA HIS F 67 34.15 -3.90 -27.19
C HIS F 67 35.37 -4.75 -26.86
N SER F 68 36.20 -4.31 -25.89
CA SER F 68 37.39 -5.00 -25.41
C SER F 68 37.07 -6.18 -24.49
N SER F 69 35.93 -6.14 -23.80
CA SER F 69 35.60 -7.16 -22.82
C SER F 69 34.41 -8.07 -23.14
N LEU F 70 33.46 -7.62 -23.96
CA LEU F 70 32.30 -8.43 -24.31
C LEU F 70 32.45 -9.02 -25.71
N TRP F 71 31.56 -9.96 -26.08
CA TRP F 71 31.51 -10.62 -27.40
C TRP F 71 32.84 -11.29 -27.80
N LYS F 72 33.55 -11.85 -26.81
CA LYS F 72 34.84 -12.53 -26.99
C LYS F 72 34.66 -14.05 -26.91
N LEU F 73 33.70 -14.49 -26.08
CA LEU F 73 33.38 -15.89 -25.80
C LEU F 73 31.96 -16.21 -26.28
N PRO F 74 31.62 -17.51 -26.48
CA PRO F 74 30.24 -17.85 -26.87
C PRO F 74 29.22 -17.36 -25.85
N PRO F 75 27.98 -17.00 -26.27
CA PRO F 75 26.99 -16.53 -25.28
C PRO F 75 26.75 -17.61 -24.22
N PHE F 76 26.53 -17.16 -22.96
CA PHE F 76 26.27 -17.97 -21.76
C PHE F 76 27.50 -18.70 -21.23
N GLN F 77 28.69 -18.48 -21.86
CA GLN F 77 29.95 -19.06 -21.43
C GLN F 77 30.82 -18.03 -20.68
N GLY F 78 30.51 -16.76 -20.89
CA GLY F 78 31.15 -15.62 -20.24
C GLY F 78 30.14 -14.51 -20.01
N PRO F 79 30.57 -13.24 -19.82
CA PRO F 79 29.59 -12.15 -19.66
C PRO F 79 28.72 -11.96 -20.91
N THR F 80 27.41 -12.19 -20.80
CA THR F 80 26.43 -12.12 -21.88
C THR F 80 25.38 -11.05 -21.56
N VAL F 81 24.98 -10.25 -22.56
CA VAL F 81 23.94 -9.23 -22.43
C VAL F 81 22.70 -9.60 -23.24
N LEU F 82 21.51 -9.44 -22.64
CA LEU F 82 20.23 -9.57 -23.34
C LEU F 82 19.64 -8.17 -23.38
N MET F 83 19.17 -7.74 -24.55
CA MET F 83 18.56 -6.43 -24.73
C MET F 83 17.06 -6.56 -24.60
N LEU F 84 16.42 -5.54 -24.05
CA LEU F 84 14.96 -5.48 -23.94
C LEU F 84 14.50 -4.33 -24.84
N GLU F 85 13.63 -4.65 -25.80
CA GLU F 85 13.14 -3.63 -26.71
C GLU F 85 11.64 -3.73 -26.89
N VAL F 86 11.00 -2.61 -27.23
CA VAL F 86 9.55 -2.53 -27.42
C VAL F 86 9.16 -1.78 -28.70
N CYS F 87 7.95 -2.02 -29.16
CA CYS F 87 7.30 -1.32 -30.25
C CYS F 87 5.82 -1.42 -30.05
N GLN F 88 5.10 -0.47 -30.61
CA GLN F 88 3.65 -0.39 -30.57
C GLN F 88 3.07 -1.60 -31.33
N GLN F 89 2.20 -2.38 -30.68
CA GLN F 89 1.53 -3.50 -31.32
C GLN F 89 0.36 -2.92 -32.13
N GLU F 90 0.25 -3.37 -33.39
CA GLU F 90 -0.75 -2.94 -34.38
C GLU F 90 -2.00 -3.84 -34.39
N GLU F 105 18.99 -21.05 -33.43
CA GLU F 105 20.25 -20.51 -32.90
C GLU F 105 20.38 -20.70 -31.36
N VAL F 106 21.47 -20.16 -30.79
CA VAL F 106 21.87 -20.20 -29.37
C VAL F 106 20.77 -19.66 -28.45
N PHE F 107 20.14 -18.55 -28.86
CA PHE F 107 19.06 -17.91 -28.11
C PHE F 107 18.02 -17.37 -29.05
N GLU F 108 16.86 -18.01 -29.10
CA GLU F 108 15.71 -17.58 -29.91
C GLU F 108 15.10 -16.36 -29.17
N PRO F 109 14.88 -15.21 -29.86
CA PRO F 109 14.31 -14.04 -29.16
C PRO F 109 12.96 -14.33 -28.50
N ILE F 110 12.76 -13.81 -27.28
CA ILE F 110 11.51 -13.98 -26.55
C ILE F 110 10.62 -12.80 -26.89
N VAL F 111 9.44 -13.07 -27.46
CA VAL F 111 8.47 -12.06 -27.89
C VAL F 111 7.19 -12.20 -27.05
N ARG F 112 6.79 -11.11 -26.36
CA ARG F 112 5.60 -11.10 -25.54
C ARG F 112 4.79 -9.83 -25.76
N SER F 113 3.45 -9.95 -25.69
CA SER F 113 2.52 -8.83 -25.77
C SER F 113 2.40 -8.28 -24.35
N VAL F 114 2.41 -6.96 -24.21
CA VAL F 114 2.30 -6.32 -22.89
C VAL F 114 1.19 -5.27 -22.97
N VAL F 115 0.08 -5.48 -22.26
CA VAL F 115 -1.02 -4.51 -22.20
C VAL F 115 -0.56 -3.46 -21.21
N LEU F 116 -0.45 -2.22 -21.67
CA LEU F 116 0.06 -1.10 -20.89
C LEU F 116 -0.79 -0.71 -19.72
N LYS F 117 -0.11 -0.70 -18.53
CA LYS F 117 -0.61 -0.29 -17.22
C LYS F 117 -1.20 1.13 -17.38
N ASN F 118 -0.40 2.05 -17.99
CA ASN F 118 -0.75 3.44 -18.30
C ASN F 118 -0.02 3.86 -19.61
N PRO F 119 -0.54 4.86 -20.39
CA PRO F 119 0.21 5.30 -21.60
C PRO F 119 1.60 5.83 -21.23
N ILE F 120 2.62 5.51 -22.06
CA ILE F 120 4.01 5.87 -21.79
C ILE F 120 4.46 7.13 -22.53
N ASP F 121 5.07 8.06 -21.78
CA ASP F 121 5.67 9.28 -22.31
C ASP F 121 7.18 9.10 -22.19
N ASP F 122 7.85 8.92 -23.34
CA ASP F 122 9.30 8.68 -23.42
C ASP F 122 9.98 9.76 -24.26
N SER F 123 10.60 10.75 -23.59
CA SER F 123 11.30 11.85 -24.25
C SER F 123 12.65 11.42 -24.85
N ALA F 124 13.22 10.32 -24.33
CA ALA F 124 14.50 9.73 -24.73
C ALA F 124 14.37 8.71 -25.88
N ARG F 125 13.15 8.47 -26.38
CA ARG F 125 12.80 7.51 -27.44
C ARG F 125 13.73 7.51 -28.67
N GLU F 126 14.04 8.69 -29.21
CA GLU F 126 14.90 8.83 -30.40
C GLU F 126 16.37 8.48 -30.16
N GLY F 127 16.82 8.62 -28.92
CA GLY F 127 18.19 8.29 -28.55
C GLY F 127 18.37 6.82 -28.21
N PHE F 128 17.26 6.04 -28.25
CA PHE F 128 17.26 4.62 -27.94
C PHE F 128 16.63 3.77 -29.04
N ARG F 129 16.82 4.18 -30.31
CA ARG F 129 16.33 3.40 -31.45
C ARG F 129 17.18 2.12 -31.55
N SER F 130 16.51 0.97 -31.66
CA SER F 130 17.18 -0.34 -31.73
C SER F 130 18.01 -0.52 -33.02
N PRO F 131 19.26 -1.05 -32.92
CA PRO F 131 20.05 -1.28 -34.13
C PRO F 131 19.61 -2.52 -34.93
N SER F 132 18.82 -3.44 -34.31
CA SER F 132 18.31 -4.67 -34.95
C SER F 132 17.11 -4.37 -35.87
N THR F 133 16.11 -3.63 -35.34
CA THR F 133 14.90 -3.20 -36.05
C THR F 133 14.66 -1.75 -35.70
N GLY F 134 14.67 -0.89 -36.73
CA GLY F 134 14.49 0.55 -36.62
C GLY F 134 13.19 1.00 -35.96
N THR F 135 12.15 0.14 -36.04
CA THR F 135 10.82 0.37 -35.46
C THR F 135 10.76 0.07 -33.95
N HIS F 136 11.86 -0.45 -33.36
CA HIS F 136 11.95 -0.81 -31.94
C HIS F 136 12.72 0.21 -31.10
N THR F 137 12.28 0.38 -29.84
CA THR F 137 12.90 1.26 -28.84
C THR F 137 13.55 0.38 -27.77
N THR F 138 14.83 0.62 -27.48
CA THR F 138 15.59 -0.09 -26.44
C THR F 138 15.13 0.47 -25.09
N VAL F 139 14.63 -0.39 -24.19
CA VAL F 139 14.10 0.07 -22.90
C VAL F 139 14.82 -0.55 -21.69
N GLY F 140 15.68 -1.55 -21.93
CA GLY F 140 16.40 -2.20 -20.85
C GLY F 140 17.44 -3.20 -21.28
N PHE F 141 18.15 -3.76 -20.30
CA PHE F 141 19.20 -4.76 -20.52
C PHE F 141 19.44 -5.57 -19.26
N VAL F 142 20.13 -6.70 -19.43
CA VAL F 142 20.54 -7.59 -18.36
C VAL F 142 21.92 -8.16 -18.72
N LEU F 143 22.85 -8.19 -17.77
CA LEU F 143 24.16 -8.80 -17.99
C LEU F 143 24.28 -9.90 -16.96
N PHE F 144 24.68 -11.08 -17.39
CA PHE F 144 24.81 -12.25 -16.54
C PHE F 144 25.95 -13.13 -17.07
N PHE F 145 26.52 -13.96 -16.19
CA PHE F 145 27.63 -14.84 -16.53
C PHE F 145 27.56 -16.10 -15.66
N PRO F 146 28.25 -17.21 -16.00
CA PRO F 146 28.19 -18.40 -15.13
C PRO F 146 28.84 -18.21 -13.75
N ASN F 147 28.29 -18.88 -12.75
CA ASN F 147 28.89 -18.92 -11.42
C ASN F 147 28.95 -20.40 -11.00
N TYR F 148 29.38 -20.69 -9.78
CA TYR F 148 29.54 -22.08 -9.38
C TYR F 148 29.29 -22.22 -7.91
N SER F 149 28.49 -23.23 -7.53
CA SER F 149 28.22 -23.51 -6.12
C SER F 149 28.95 -24.79 -5.77
N THR F 150 29.87 -24.74 -4.80
CA THR F 150 30.58 -25.96 -4.37
C THR F 150 29.69 -26.85 -3.49
N PHE F 151 28.70 -26.27 -2.79
CA PHE F 151 27.80 -27.04 -1.92
C PHE F 151 26.83 -27.86 -2.76
N LEU F 152 26.40 -27.31 -3.91
CA LEU F 152 25.59 -28.06 -4.86
C LEU F 152 26.49 -28.85 -5.81
N ALA F 153 27.80 -28.46 -5.96
CA ALA F 153 28.83 -28.99 -6.87
C ALA F 153 28.26 -28.90 -8.29
N LYS F 154 27.75 -27.71 -8.60
CA LYS F 154 27.01 -27.45 -9.83
C LYS F 154 27.18 -25.99 -10.22
N GLY F 155 27.30 -25.74 -11.52
CA GLY F 155 27.32 -24.38 -12.05
C GLY F 155 25.92 -23.74 -12.00
N GLY F 156 25.91 -22.42 -11.92
CA GLY F 156 24.69 -21.63 -11.94
C GLY F 156 24.94 -20.36 -12.76
N TYR F 157 24.07 -19.38 -12.57
CA TYR F 157 24.18 -18.09 -13.26
C TYR F 157 24.07 -16.94 -12.30
N TYR F 158 24.87 -15.92 -12.57
CA TYR F 158 24.91 -14.72 -11.75
C TYR F 158 24.52 -13.55 -12.63
N ILE F 159 23.53 -12.75 -12.18
CA ILE F 159 23.05 -11.56 -12.88
C ILE F 159 23.76 -10.35 -12.28
N GLU F 160 24.65 -9.75 -13.07
CA GLU F 160 25.43 -8.57 -12.71
C GLU F 160 24.53 -7.31 -12.64
N ASP F 161 23.78 -7.03 -13.73
CA ASP F 161 22.91 -5.87 -13.87
C ASP F 161 21.58 -6.24 -14.47
N LEU F 162 20.52 -5.55 -14.02
CA LEU F 162 19.16 -5.68 -14.51
C LEU F 162 18.60 -4.25 -14.50
N TYR F 163 18.29 -3.72 -15.66
CA TYR F 163 17.81 -2.34 -15.71
C TYR F 163 16.75 -2.11 -16.76
N VAL F 164 15.69 -1.36 -16.38
CA VAL F 164 14.60 -0.92 -17.24
C VAL F 164 14.55 0.62 -17.10
N ARG F 165 14.49 1.33 -18.24
CA ARG F 165 14.37 2.79 -18.29
C ARG F 165 13.08 3.22 -17.57
N LYS F 166 13.16 4.32 -16.79
CA LYS F 166 12.09 4.86 -15.93
C LYS F 166 10.67 4.89 -16.57
N PRO F 167 10.42 5.41 -17.81
CA PRO F 167 9.04 5.43 -18.34
C PRO F 167 8.40 4.07 -18.55
N TYR F 168 9.21 2.98 -18.57
CA TYR F 168 8.76 1.61 -18.84
C TYR F 168 8.67 0.68 -17.61
N ARG F 169 9.00 1.19 -16.42
CA ARG F 169 8.91 0.37 -15.20
C ARG F 169 7.48 0.20 -14.74
N GLY F 170 7.25 -0.84 -13.96
CA GLY F 170 5.94 -1.09 -13.37
C GLY F 170 4.87 -1.63 -14.30
N THR F 171 5.24 -2.18 -15.47
CA THR F 171 4.21 -2.73 -16.38
C THR F 171 4.51 -4.19 -16.85
N GLY F 172 5.42 -4.89 -16.16
CA GLY F 172 5.74 -6.29 -16.45
C GLY F 172 6.94 -6.58 -17.32
N LEU F 173 7.60 -5.54 -17.81
CA LEU F 173 8.74 -5.66 -18.70
C LEU F 173 9.99 -6.26 -18.01
N GLY F 174 10.31 -5.79 -16.80
CA GLY F 174 11.40 -6.32 -16.00
C GLY F 174 11.23 -7.77 -15.57
N THR F 175 9.96 -8.21 -15.35
CA THR F 175 9.61 -9.59 -15.06
C THR F 175 9.97 -10.42 -16.31
N ILE F 176 9.54 -9.99 -17.52
CA ILE F 176 9.84 -10.67 -18.78
C ILE F 176 11.35 -10.82 -18.95
N LEU F 177 12.11 -9.71 -18.74
CA LEU F 177 13.57 -9.70 -18.89
C LEU F 177 14.26 -10.66 -17.91
N LEU F 178 13.90 -10.62 -16.59
CA LEU F 178 14.47 -11.52 -15.58
C LEU F 178 14.12 -13.00 -15.84
N LYS F 179 12.82 -13.28 -16.11
CA LYS F 179 12.33 -14.62 -16.43
C LYS F 179 13.00 -15.23 -17.69
N SER F 180 13.39 -14.38 -18.66
CA SER F 180 14.08 -14.80 -19.90
C SER F 180 15.46 -15.37 -19.56
N VAL F 181 16.17 -14.71 -18.62
CA VAL F 181 17.49 -15.15 -18.12
C VAL F 181 17.33 -16.46 -17.36
N VAL F 182 16.36 -16.52 -16.45
CA VAL F 182 16.08 -17.71 -15.63
C VAL F 182 15.75 -18.93 -16.50
N GLN F 183 14.92 -18.72 -17.55
CA GLN F 183 14.52 -19.77 -18.51
C GLN F 183 15.77 -20.33 -19.20
N GLN F 184 16.69 -19.43 -19.62
CA GLN F 184 17.95 -19.85 -20.25
C GLN F 184 18.85 -20.61 -19.27
N ALA F 185 18.96 -20.11 -18.03
CA ALA F 185 19.75 -20.72 -16.97
C ALA F 185 19.25 -22.15 -16.65
N LYS F 186 17.92 -22.33 -16.61
CA LYS F 186 17.29 -23.63 -16.36
C LYS F 186 17.53 -24.63 -17.51
N LYS F 187 17.53 -24.12 -18.74
CA LYS F 187 17.79 -24.90 -19.95
C LYS F 187 19.27 -25.40 -19.86
N LEU F 188 20.15 -24.57 -19.27
CA LEU F 188 21.55 -24.91 -19.07
C LEU F 188 21.81 -25.62 -17.71
N ARG F 189 20.74 -26.13 -17.06
CA ARG F 189 20.73 -26.91 -15.82
C ARG F 189 21.37 -26.19 -14.60
N ALA F 190 21.16 -24.87 -14.48
CA ALA F 190 21.67 -24.06 -13.36
C ALA F 190 21.12 -24.56 -12.02
N GLY F 191 21.99 -24.64 -11.00
CA GLY F 191 21.59 -25.03 -9.66
C GLY F 191 20.92 -23.85 -8.96
N ARG F 192 21.39 -22.63 -9.27
CA ARG F 192 20.91 -21.38 -8.70
C ARG F 192 21.03 -20.27 -9.72
N VAL F 193 20.22 -19.22 -9.52
CA VAL F 193 20.34 -17.95 -10.23
C VAL F 193 20.48 -16.93 -9.10
N GLU F 194 21.60 -16.19 -9.07
CA GLU F 194 21.88 -15.25 -7.98
C GLU F 194 22.27 -13.88 -8.51
N TRP F 195 22.17 -12.89 -7.64
CA TRP F 195 22.50 -11.49 -7.92
C TRP F 195 22.58 -10.77 -6.57
N CYS F 196 22.92 -9.49 -6.57
CA CYS F 196 22.90 -8.77 -5.31
C CYS F 196 22.08 -7.48 -5.43
N VAL F 197 21.66 -6.91 -4.29
CA VAL F 197 20.80 -5.74 -4.25
C VAL F 197 21.25 -4.79 -3.13
N LEU F 198 21.06 -3.46 -3.33
CA LEU F 198 21.35 -2.48 -2.28
C LEU F 198 20.23 -2.58 -1.25
N ASP F 199 20.59 -2.61 0.05
CA ASP F 199 19.63 -2.76 1.16
C ASP F 199 18.50 -1.71 1.17
N TRP F 200 18.76 -0.51 0.61
CA TRP F 200 17.76 0.55 0.55
C TRP F 200 16.84 0.44 -0.67
N ASN F 201 17.24 -0.35 -1.68
CA ASN F 201 16.47 -0.51 -2.92
C ASN F 201 15.25 -1.42 -2.70
N VAL F 202 14.25 -0.89 -1.96
CA VAL F 202 13.03 -1.60 -1.56
C VAL F 202 12.17 -2.04 -2.74
N ASN F 203 12.12 -1.23 -3.82
CA ASN F 203 11.36 -1.58 -5.01
C ASN F 203 11.92 -2.81 -5.73
N ALA F 204 13.27 -2.92 -5.81
CA ALA F 204 13.96 -4.09 -6.41
C ALA F 204 13.80 -5.32 -5.50
N ILE F 205 13.93 -5.14 -4.16
CA ILE F 205 13.75 -6.21 -3.18
C ILE F 205 12.34 -6.84 -3.29
N LYS F 206 11.29 -6.00 -3.37
CA LYS F 206 9.90 -6.44 -3.53
C LYS F 206 9.72 -7.18 -4.86
N PHE F 207 10.31 -6.64 -5.93
CA PHE F 207 10.28 -7.22 -7.25
C PHE F 207 10.88 -8.66 -7.26
N TYR F 208 12.07 -8.83 -6.65
CA TYR F 208 12.79 -10.11 -6.54
C TYR F 208 12.03 -11.12 -5.70
N GLU F 209 11.53 -10.69 -4.54
CA GLU F 209 10.76 -11.54 -3.62
C GLU F 209 9.46 -12.04 -4.23
N GLY F 210 8.82 -11.20 -5.03
CA GLY F 210 7.60 -11.53 -5.75
C GLY F 210 7.80 -12.60 -6.82
N LEU F 211 9.06 -12.79 -7.25
CA LEU F 211 9.45 -13.81 -8.22
C LEU F 211 9.97 -15.09 -7.56
N GLY F 212 9.98 -15.12 -6.23
CA GLY F 212 10.40 -16.27 -5.43
C GLY F 212 11.82 -16.26 -4.94
N ALA F 213 12.58 -15.20 -5.26
CA ALA F 213 13.96 -15.09 -4.79
C ALA F 213 14.00 -14.76 -3.29
N LYS F 214 15.04 -15.22 -2.60
CA LYS F 214 15.24 -14.96 -1.18
C LYS F 214 16.45 -14.06 -1.03
N VAL F 215 16.27 -12.97 -0.29
CA VAL F 215 17.33 -12.02 0.06
C VAL F 215 17.99 -12.67 1.29
N MET F 216 19.29 -12.98 1.21
CA MET F 216 20.02 -13.65 2.30
C MET F 216 20.78 -12.62 3.13
N PRO F 217 20.29 -12.33 4.35
CA PRO F 217 20.90 -11.25 5.14
C PRO F 217 22.27 -11.50 5.77
N GLU F 218 22.66 -12.76 5.94
CA GLU F 218 23.91 -13.14 6.62
C GLU F 218 25.22 -12.89 5.81
N TRP F 219 25.15 -12.88 4.46
CA TRP F 219 26.33 -12.70 3.62
C TRP F 219 26.71 -11.26 3.39
N ARG F 220 28.03 -11.00 3.38
CA ARG F 220 28.60 -9.68 3.09
C ARG F 220 29.60 -9.80 1.94
N ILE F 221 29.57 -8.84 1.01
CA ILE F 221 30.48 -8.80 -0.12
C ILE F 221 31.80 -8.17 0.29
N CYS F 222 32.93 -8.79 -0.09
CA CYS F 222 34.28 -8.25 0.11
C CYS F 222 34.87 -7.92 -1.22
N ARG F 223 35.54 -6.76 -1.31
CA ARG F 223 36.12 -6.34 -2.55
C ARG F 223 37.55 -5.90 -2.38
N LEU F 224 38.40 -6.42 -3.25
CA LEU F 224 39.80 -6.05 -3.32
C LEU F 224 39.95 -5.41 -4.70
N THR F 225 40.16 -4.09 -4.72
CA THR F 225 40.25 -3.29 -5.94
C THR F 225 41.18 -2.08 -5.75
N GLY F 226 41.38 -1.33 -6.83
CA GLY F 226 42.21 -0.12 -6.86
C GLY F 226 43.61 -0.33 -6.35
N GLU F 227 44.04 0.59 -5.45
CA GLU F 227 45.36 0.62 -4.83
C GLU F 227 45.61 -0.59 -3.96
N ALA F 228 44.60 -1.03 -3.19
CA ALA F 228 44.72 -2.21 -2.31
C ALA F 228 45.01 -3.47 -3.12
N LEU F 229 44.34 -3.63 -4.30
CA LEU F 229 44.56 -4.75 -5.21
C LEU F 229 45.98 -4.65 -5.79
N GLU F 230 46.38 -3.45 -6.23
CA GLU F 230 47.72 -3.22 -6.79
C GLU F 230 48.83 -3.49 -5.75
N ALA F 231 48.59 -3.13 -4.48
CA ALA F 231 49.52 -3.33 -3.38
C ALA F 231 49.58 -4.79 -2.90
N CYS F 232 48.56 -5.60 -3.20
CA CYS F 232 48.54 -7.00 -2.79
C CYS F 232 49.59 -7.82 -3.57
N ALA F 233 50.73 -8.10 -2.93
CA ALA F 233 51.81 -8.82 -3.57
C ALA F 233 52.28 -10.01 -2.75
N LEU F 234 52.88 -11.00 -3.43
CA LEU F 234 53.34 -12.23 -2.81
C LEU F 234 54.87 -12.28 -2.62
N ALA G 22 -18.95 6.77 19.11
CA ALA G 22 -18.88 6.59 20.56
C ALA G 22 -17.63 7.23 21.18
N MET G 23 -16.43 6.88 20.65
CA MET G 23 -15.14 7.41 21.14
C MET G 23 -14.42 8.25 20.11
N GLU G 24 -14.05 9.46 20.49
CA GLU G 24 -13.38 10.41 19.62
C GLU G 24 -12.25 11.16 20.33
N GLY G 25 -11.36 11.73 19.51
CA GLY G 25 -10.24 12.53 19.99
C GLY G 25 -9.12 11.75 20.60
N THR G 26 -8.91 11.93 21.89
CA THR G 26 -7.84 11.26 22.61
C THR G 26 -8.44 10.25 23.56
N LEU G 27 -7.79 9.10 23.65
CA LEU G 27 -8.14 8.05 24.59
C LEU G 27 -6.95 7.89 25.52
N THR G 28 -7.24 7.50 26.76
CA THR G 28 -6.22 7.14 27.73
C THR G 28 -6.22 5.62 27.74
N ALA G 29 -5.09 5.02 27.36
CA ALA G 29 -4.87 3.57 27.32
C ALA G 29 -4.14 3.13 28.57
N THR G 30 -4.62 2.05 29.18
CA THR G 30 -4.06 1.48 30.39
C THR G 30 -3.73 -0.01 30.17
N VAL G 31 -2.50 -0.39 30.50
CA VAL G 31 -2.03 -1.77 30.49
C VAL G 31 -1.79 -2.13 31.98
N ARG G 32 -2.54 -3.11 32.50
CA ARG G 32 -2.43 -3.51 33.89
C ARG G 32 -2.50 -5.04 34.02
N LEU G 33 -2.09 -5.54 35.18
CA LEU G 33 -2.15 -6.98 35.47
C LEU G 33 -3.59 -7.41 35.57
N ALA G 34 -3.94 -8.56 34.97
CA ALA G 34 -5.30 -9.11 35.09
C ALA G 34 -5.48 -9.67 36.47
N THR G 35 -6.72 -9.61 36.99
CA THR G 35 -7.11 -10.15 38.29
C THR G 35 -8.18 -11.22 38.04
N PRO G 36 -8.53 -12.13 39.00
CA PRO G 36 -9.59 -13.13 38.70
C PRO G 36 -10.91 -12.52 38.22
N ALA G 37 -11.18 -11.23 38.56
CA ALA G 37 -12.38 -10.49 38.16
C ALA G 37 -12.44 -10.28 36.63
N ASP G 38 -11.29 -10.41 35.96
CA ASP G 38 -11.10 -10.27 34.51
C ASP G 38 -11.38 -11.56 33.73
N ALA G 39 -11.55 -12.73 34.41
CA ALA G 39 -11.81 -14.01 33.75
C ALA G 39 -12.98 -13.96 32.72
N PRO G 40 -14.15 -13.31 32.99
CA PRO G 40 -15.21 -13.22 31.95
C PRO G 40 -14.77 -12.57 30.64
N SER G 41 -14.08 -11.42 30.72
CA SER G 41 -13.54 -10.68 29.56
C SER G 41 -12.42 -11.42 28.87
N ILE G 42 -11.52 -12.09 29.64
CA ILE G 42 -10.40 -12.87 29.08
C ILE G 42 -10.97 -14.01 28.22
N ALA G 43 -12.00 -14.71 28.75
CA ALA G 43 -12.67 -15.81 28.05
C ALA G 43 -13.26 -15.34 26.70
N LYS G 44 -13.97 -14.18 26.69
CA LYS G 44 -14.57 -13.60 25.48
C LYS G 44 -13.53 -13.21 24.44
N LEU G 45 -12.43 -12.58 24.88
CA LEU G 45 -11.35 -12.19 24.00
C LEU G 45 -10.62 -13.38 23.39
N ILE G 46 -10.37 -14.47 24.19
CA ILE G 46 -9.73 -15.71 23.69
C ILE G 46 -10.59 -16.31 22.55
N ARG G 47 -11.93 -16.31 22.73
CA ARG G 47 -12.89 -16.82 21.76
C ARG G 47 -12.88 -15.98 20.47
N GLU G 48 -12.75 -14.64 20.59
CA GLU G 48 -12.70 -13.72 19.44
C GLU G 48 -11.43 -13.96 18.65
N LEU G 49 -10.31 -14.21 19.36
CA LEU G 49 -9.03 -14.52 18.76
C LEU G 49 -9.10 -15.82 17.97
N ALA G 50 -9.65 -16.91 18.57
CA ALA G 50 -9.85 -18.21 17.95
C ALA G 50 -10.66 -18.07 16.69
N ASP G 51 -11.74 -17.28 16.75
CA ASP G 51 -12.60 -17.02 15.61
C ASP G 51 -11.81 -16.33 14.47
N PHE G 52 -11.00 -15.33 14.80
CA PHE G 52 -10.13 -14.66 13.84
C PHE G 52 -9.12 -15.65 13.24
N GLU G 53 -8.43 -16.48 14.09
CA GLU G 53 -7.41 -17.48 13.70
C GLU G 53 -8.00 -18.69 12.98
N GLU G 54 -9.34 -18.67 12.73
CA GLU G 54 -10.09 -19.72 12.04
C GLU G 54 -9.95 -21.07 12.79
N LEU G 55 -9.99 -21.02 14.14
CA LEU G 55 -9.83 -22.16 15.05
C LEU G 55 -10.91 -22.21 16.17
N SER G 56 -12.12 -21.71 15.88
CA SER G 56 -13.25 -21.70 16.81
C SER G 56 -13.57 -23.05 17.44
N HIS G 57 -13.61 -24.14 16.62
CA HIS G 57 -13.95 -25.50 17.07
C HIS G 57 -12.95 -26.04 18.11
N ALA G 58 -11.67 -25.64 18.00
CA ALA G 58 -10.58 -26.04 18.90
C ALA G 58 -10.56 -25.28 20.21
N CYS G 59 -11.31 -24.17 20.30
CA CYS G 59 -11.35 -23.31 21.49
C CYS G 59 -12.42 -23.77 22.47
N VAL G 60 -11.99 -24.28 23.64
CA VAL G 60 -12.85 -24.79 24.71
C VAL G 60 -12.64 -24.02 26.05
N VAL G 61 -12.20 -22.75 25.96
CA VAL G 61 -12.02 -21.88 27.12
C VAL G 61 -13.36 -21.62 27.83
N THR G 62 -13.33 -21.59 29.18
CA THR G 62 -14.45 -21.23 30.06
C THR G 62 -13.83 -20.40 31.19
N GLU G 63 -14.62 -19.56 31.87
CA GLU G 63 -14.17 -18.76 33.03
C GLU G 63 -13.65 -19.70 34.13
N GLU G 64 -14.34 -20.86 34.35
CA GLU G 64 -13.98 -21.91 35.33
C GLU G 64 -12.59 -22.45 35.06
N LYS G 65 -12.26 -22.75 33.78
CA LYS G 65 -10.95 -23.25 33.36
C LYS G 65 -9.85 -22.22 33.61
N LEU G 66 -10.16 -20.93 33.43
CA LEU G 66 -9.22 -19.84 33.69
C LEU G 66 -8.97 -19.70 35.21
N HIS G 67 -10.02 -19.87 36.05
CA HIS G 67 -9.88 -19.82 37.50
C HIS G 67 -9.03 -20.98 38.06
N SER G 68 -9.08 -22.16 37.41
CA SER G 68 -8.34 -23.37 37.75
C SER G 68 -6.87 -23.31 37.35
N SER G 69 -6.55 -22.53 36.33
CA SER G 69 -5.20 -22.51 35.76
C SER G 69 -4.44 -21.19 35.91
N LEU G 70 -5.12 -20.08 36.06
CA LEU G 70 -4.45 -18.78 36.20
C LEU G 70 -4.50 -18.29 37.65
N TRP G 71 -3.74 -17.23 37.98
CA TRP G 71 -3.68 -16.63 39.32
C TRP G 71 -3.31 -17.66 40.42
N LYS G 72 -2.40 -18.60 40.07
CA LYS G 72 -1.91 -19.65 40.99
C LYS G 72 -0.49 -19.33 41.44
N LEU G 73 0.28 -18.67 40.55
CA LEU G 73 1.67 -18.31 40.77
C LEU G 73 1.81 -16.79 40.72
N PRO G 74 2.92 -16.22 41.27
CA PRO G 74 3.12 -14.75 41.17
C PRO G 74 3.16 -14.30 39.72
N PRO G 75 2.74 -13.05 39.43
CA PRO G 75 2.87 -12.58 38.05
C PRO G 75 4.31 -12.68 37.50
N PHE G 76 4.46 -13.07 36.23
CA PHE G 76 5.71 -13.23 35.48
C PHE G 76 6.51 -14.48 35.88
N GLN G 77 5.93 -15.31 36.74
CA GLN G 77 6.54 -16.55 37.23
C GLN G 77 5.77 -17.78 36.74
N GLY G 78 4.73 -17.54 35.94
CA GLY G 78 3.89 -18.54 35.30
C GLY G 78 3.04 -17.84 34.25
N PRO G 79 1.94 -18.47 33.75
CA PRO G 79 1.09 -17.78 32.75
C PRO G 79 0.44 -16.52 33.33
N THR G 80 0.78 -15.36 32.73
CA THR G 80 0.34 -14.04 33.21
C THR G 80 -0.41 -13.31 32.14
N VAL G 81 -1.49 -12.63 32.53
CA VAL G 81 -2.29 -11.83 31.60
C VAL G 81 -2.17 -10.34 31.95
N LEU G 82 -2.00 -9.50 30.91
CA LEU G 82 -2.06 -8.05 31.04
C LEU G 82 -3.32 -7.66 30.27
N MET G 83 -4.16 -6.83 30.87
CA MET G 83 -5.38 -6.32 30.23
C MET G 83 -5.05 -4.99 29.58
N LEU G 84 -5.67 -4.72 28.43
CA LEU G 84 -5.59 -3.43 27.75
C LEU G 84 -6.98 -2.78 27.84
N GLU G 85 -7.04 -1.58 28.42
CA GLU G 85 -8.32 -0.88 28.58
C GLU G 85 -8.20 0.58 28.19
N VAL G 86 -9.32 1.19 27.78
CA VAL G 86 -9.38 2.59 27.32
C VAL G 86 -10.54 3.36 27.92
N CYS G 87 -10.41 4.68 27.91
CA CYS G 87 -11.46 5.63 28.26
C CYS G 87 -11.16 6.93 27.54
N GLN G 88 -12.18 7.72 27.28
CA GLN G 88 -11.93 8.99 26.61
C GLN G 88 -11.18 9.89 27.58
N GLN G 89 -10.19 10.63 27.06
CA GLN G 89 -9.41 11.57 27.86
C GLN G 89 -10.24 12.84 28.00
N GLU G 90 -10.38 13.34 29.26
CA GLU G 90 -11.17 14.53 29.62
C GLU G 90 -10.50 15.84 29.17
N ALA G 102 5.50 3.04 46.58
CA ALA G 102 6.04 1.99 47.45
C ALA G 102 6.99 1.02 46.73
N GLU G 103 8.06 0.59 47.44
CA GLU G 103 9.08 -0.33 46.94
C GLU G 103 8.56 -1.76 46.81
N GLY G 104 9.19 -2.53 45.92
CA GLY G 104 8.89 -3.93 45.67
C GLY G 104 7.54 -4.23 45.04
N GLU G 105 6.94 -3.23 44.36
CA GLU G 105 5.69 -3.39 43.61
C GLU G 105 5.98 -4.19 42.30
N VAL G 106 5.10 -5.13 41.92
CA VAL G 106 5.34 -6.04 40.82
C VAL G 106 5.11 -5.39 39.45
N PHE G 107 3.94 -4.80 39.20
CA PHE G 107 3.66 -4.17 37.92
C PHE G 107 2.79 -2.95 38.12
N GLU G 108 3.39 -1.77 38.01
CA GLU G 108 2.68 -0.48 38.08
C GLU G 108 2.01 -0.31 36.69
N PRO G 109 0.69 -0.01 36.65
CA PRO G 109 0.01 0.12 35.35
C PRO G 109 0.67 1.11 34.38
N ILE G 110 0.70 0.77 33.09
CA ILE G 110 1.27 1.65 32.06
C ILE G 110 0.13 2.47 31.47
N VAL G 111 0.23 3.79 31.56
CA VAL G 111 -0.79 4.72 31.12
C VAL G 111 -0.22 5.58 29.97
N ARG G 112 -0.89 5.56 28.81
CA ARG G 112 -0.50 6.34 27.63
C ARG G 112 -1.70 7.02 26.97
N SER G 113 -1.46 8.16 26.30
CA SER G 113 -2.49 8.84 25.51
C SER G 113 -2.39 8.27 24.08
N VAL G 114 -3.52 8.13 23.41
CA VAL G 114 -3.56 7.73 22.02
C VAL G 114 -4.50 8.72 21.36
N VAL G 115 -3.99 9.46 20.35
N VAL G 115 -3.99 9.46 20.35
CA VAL G 115 -4.82 10.40 19.59
CA VAL G 115 -4.82 10.40 19.59
C VAL G 115 -5.39 9.52 18.49
C VAL G 115 -5.39 9.52 18.49
N LEU G 116 -6.71 9.32 18.55
CA LEU G 116 -7.44 8.45 17.65
C LEU G 116 -7.27 8.78 16.19
N LYS G 117 -6.80 7.72 15.45
CA LYS G 117 -6.61 7.68 14.01
C LYS G 117 -7.93 8.13 13.33
N ASN G 118 -9.07 7.52 13.78
CA ASN G 118 -10.44 7.80 13.34
C ASN G 118 -11.41 7.61 14.54
N PRO G 119 -12.61 8.27 14.60
CA PRO G 119 -13.55 7.99 15.70
C PRO G 119 -13.95 6.50 15.75
N ILE G 120 -14.02 5.90 16.96
N ILE G 120 -14.02 5.90 16.96
CA ILE G 120 -14.32 4.48 17.15
CA ILE G 120 -14.32 4.48 17.15
C ILE G 120 -15.79 4.22 17.44
C ILE G 120 -15.80 4.22 17.44
N ASP G 121 -16.39 3.27 16.69
CA ASP G 121 -17.77 2.81 16.87
C ASP G 121 -17.63 1.39 17.42
N ASP G 122 -17.99 1.21 18.71
CA ASP G 122 -17.90 -0.06 19.41
C ASP G 122 -19.28 -0.48 19.93
N SER G 123 -19.96 -1.40 19.23
CA SER G 123 -21.29 -1.89 19.60
C SER G 123 -21.23 -2.87 20.80
N ALA G 124 -20.04 -3.49 21.04
CA ALA G 124 -19.78 -4.44 22.12
C ALA G 124 -19.32 -3.78 23.44
N ARG G 125 -19.22 -2.43 23.46
CA ARG G 125 -18.76 -1.58 24.57
C ARG G 125 -19.31 -1.97 25.96
N GLU G 126 -20.63 -2.20 26.05
CA GLU G 126 -21.31 -2.52 27.32
C GLU G 126 -20.98 -3.90 27.85
N GLY G 127 -20.61 -4.82 26.98
CA GLY G 127 -20.22 -6.16 27.39
C GLY G 127 -18.76 -6.27 27.74
N PHE G 128 -18.02 -5.14 27.65
CA PHE G 128 -16.59 -5.09 27.93
C PHE G 128 -16.24 -3.99 28.93
N ARG G 129 -17.14 -3.75 29.93
CA ARG G 129 -16.96 -2.79 31.01
C ARG G 129 -15.86 -3.31 31.89
N SER G 130 -14.81 -2.51 32.14
CA SER G 130 -13.67 -2.95 32.97
C SER G 130 -14.09 -3.17 34.43
N PRO G 131 -13.68 -4.29 35.07
CA PRO G 131 -14.04 -4.51 36.48
C PRO G 131 -13.18 -3.68 37.47
N SER G 132 -12.06 -3.08 36.99
CA SER G 132 -11.16 -2.25 37.81
C SER G 132 -11.74 -0.82 37.98
N THR G 133 -12.14 -0.21 36.86
CA THR G 133 -12.75 1.13 36.81
C THR G 133 -13.91 1.04 35.82
N GLY G 134 -15.11 1.34 36.33
CA GLY G 134 -16.35 1.32 35.56
C GLY G 134 -16.39 2.19 34.31
N THR G 135 -15.58 3.29 34.32
CA THR G 135 -15.45 4.23 33.22
C THR G 135 -14.51 3.73 32.08
N HIS G 136 -13.89 2.55 32.26
CA HIS G 136 -12.97 1.96 31.27
C HIS G 136 -13.58 0.81 30.47
N THR G 137 -13.20 0.69 29.21
CA THR G 137 -13.63 -0.37 28.29
C THR G 137 -12.42 -1.27 28.00
N THR G 138 -12.59 -2.59 28.19
CA THR G 138 -11.59 -3.61 27.92
C THR G 138 -11.52 -3.80 26.41
N VAL G 139 -10.34 -3.57 25.81
CA VAL G 139 -10.18 -3.66 24.34
C VAL G 139 -9.16 -4.73 23.88
N GLY G 140 -8.43 -5.32 24.83
CA GLY G 140 -7.46 -6.34 24.47
C GLY G 140 -6.77 -7.01 25.65
N PHE G 141 -5.92 -8.00 25.35
CA PHE G 141 -5.17 -8.74 26.36
C PHE G 141 -3.93 -9.37 25.73
N VAL G 142 -3.02 -9.77 26.59
CA VAL G 142 -1.82 -10.50 26.23
C VAL G 142 -1.58 -11.56 27.33
N LEU G 143 -1.24 -12.78 26.94
CA LEU G 143 -0.87 -13.83 27.90
C LEU G 143 0.55 -14.22 27.56
N PHE G 144 1.42 -14.26 28.56
CA PHE G 144 2.81 -14.63 28.38
C PHE G 144 3.32 -15.38 29.59
N PHE G 145 4.41 -16.15 29.41
CA PHE G 145 4.99 -16.92 30.53
C PHE G 145 6.50 -17.06 30.31
N PRO G 146 7.31 -17.44 31.33
CA PRO G 146 8.75 -17.61 31.07
C PRO G 146 9.09 -18.79 30.17
N ASN G 147 10.14 -18.64 29.38
CA ASN G 147 10.67 -19.71 28.56
C ASN G 147 12.19 -19.76 28.84
N TYR G 148 12.92 -20.62 28.13
CA TYR G 148 14.34 -20.76 28.41
C TYR G 148 15.11 -21.09 27.17
N SER G 149 16.23 -20.41 26.95
CA SER G 149 17.12 -20.67 25.80
C SER G 149 18.37 -21.34 26.35
N THR G 150 18.68 -22.55 25.89
CA THR G 150 19.87 -23.27 26.33
C THR G 150 21.14 -22.72 25.67
N PHE G 151 21.00 -22.15 24.47
CA PHE G 151 22.13 -21.58 23.70
C PHE G 151 22.60 -20.30 24.35
N LEU G 152 21.66 -19.51 24.91
CA LEU G 152 21.99 -18.31 25.69
C LEU G 152 22.22 -18.69 27.16
N ALA G 153 21.69 -19.88 27.61
CA ALA G 153 21.70 -20.42 28.98
C ALA G 153 21.07 -19.36 29.89
N LYS G 154 19.91 -18.84 29.44
CA LYS G 154 19.21 -17.71 30.03
C LYS G 154 17.73 -17.85 29.79
N GLY G 155 16.95 -17.44 30.77
CA GLY G 155 15.51 -17.41 30.66
C GLY G 155 15.04 -16.24 29.83
N GLY G 156 13.88 -16.40 29.21
CA GLY G 156 13.24 -15.37 28.40
C GLY G 156 11.76 -15.39 28.65
N TYR G 157 10.99 -14.74 27.76
CA TYR G 157 9.53 -14.73 27.82
C TYR G 157 8.92 -15.15 26.52
N TYR G 158 7.83 -15.90 26.63
CA TYR G 158 7.08 -16.37 25.48
C TYR G 158 5.69 -15.78 25.54
N ILE G 159 5.25 -15.14 24.44
CA ILE G 159 3.90 -14.55 24.34
C ILE G 159 3.00 -15.59 23.65
N GLU G 160 2.01 -16.10 24.39
CA GLU G 160 1.07 -17.08 23.92
C GLU G 160 0.00 -16.42 23.03
N ASP G 161 -0.65 -15.35 23.52
CA ASP G 161 -1.70 -14.64 22.81
C ASP G 161 -1.52 -13.15 22.92
N LEU G 162 -1.85 -12.43 21.86
CA LEU G 162 -1.83 -10.97 21.80
C LEU G 162 -3.04 -10.59 20.97
N TYR G 163 -4.02 -9.92 21.58
CA TYR G 163 -5.27 -9.61 20.90
C TYR G 163 -5.86 -8.24 21.23
N VAL G 164 -6.31 -7.52 20.19
CA VAL G 164 -6.99 -6.23 20.28
C VAL G 164 -8.33 -6.39 19.53
N ARG G 165 -9.44 -5.97 20.14
CA ARG G 165 -10.79 -6.01 19.55
C ARG G 165 -10.81 -5.16 18.31
N LYS G 166 -11.49 -5.65 17.26
CA LYS G 166 -11.53 -5.07 15.91
C LYS G 166 -11.72 -3.54 15.84
N PRO G 167 -12.69 -2.88 16.55
CA PRO G 167 -12.81 -1.40 16.41
C PRO G 167 -11.59 -0.59 16.88
N TYR G 168 -10.70 -1.21 17.69
CA TYR G 168 -9.54 -0.56 18.31
C TYR G 168 -8.19 -0.89 17.66
N ARG G 169 -8.20 -1.63 16.52
CA ARG G 169 -6.99 -1.96 15.78
C ARG G 169 -6.53 -0.79 14.91
N GLY G 170 -5.23 -0.74 14.60
CA GLY G 170 -4.63 0.25 13.71
C GLY G 170 -4.39 1.65 14.24
N THR G 171 -4.60 1.89 15.56
CA THR G 171 -4.37 3.24 16.14
C THR G 171 -3.22 3.27 17.19
N GLY G 172 -2.40 2.21 17.27
CA GLY G 172 -1.27 2.17 18.18
C GLY G 172 -1.45 1.45 19.50
N LEU G 173 -2.62 0.82 19.72
CA LEU G 173 -2.93 0.15 20.98
C LEU G 173 -2.20 -1.18 21.17
N GLY G 174 -2.09 -1.99 20.13
CA GLY G 174 -1.36 -3.25 20.17
C GLY G 174 0.14 -3.05 20.39
N THR G 175 0.71 -1.92 19.88
CA THR G 175 2.11 -1.54 20.06
C THR G 175 2.34 -1.30 21.56
N ILE G 176 1.47 -0.50 22.20
CA ILE G 176 1.57 -0.21 23.63
C ILE G 176 1.53 -1.49 24.44
N LEU G 177 0.57 -2.38 24.10
CA LEU G 177 0.41 -3.68 24.78
C LEU G 177 1.65 -4.60 24.65
N LEU G 178 2.16 -4.80 23.43
CA LEU G 178 3.33 -5.62 23.18
C LEU G 178 4.60 -5.02 23.82
N LYS G 179 4.81 -3.70 23.66
CA LYS G 179 5.95 -2.98 24.25
C LYS G 179 5.95 -3.05 25.78
N SER G 180 4.77 -3.08 26.41
CA SER G 180 4.60 -3.19 27.87
C SER G 180 5.16 -4.54 28.34
N VAL G 181 4.90 -5.62 27.58
CA VAL G 181 5.42 -6.97 27.86
C VAL G 181 6.93 -6.98 27.72
N VAL G 182 7.43 -6.44 26.63
CA VAL G 182 8.86 -6.38 26.31
C VAL G 182 9.63 -5.59 27.38
N GLN G 183 9.08 -4.45 27.80
CA GLN G 183 9.68 -3.60 28.83
C GLN G 183 9.80 -4.39 30.15
N GLN G 184 8.74 -5.11 30.54
CA GLN G 184 8.75 -5.95 31.73
C GLN G 184 9.77 -7.12 31.59
N ALA G 185 9.81 -7.80 30.43
CA ALA G 185 10.73 -8.89 30.14
C ALA G 185 12.18 -8.42 30.25
N LYS G 186 12.49 -7.21 29.75
CA LYS G 186 13.83 -6.62 29.81
C LYS G 186 14.23 -6.26 31.23
N LYS G 187 13.28 -5.80 32.04
CA LYS G 187 13.47 -5.49 33.46
C LYS G 187 13.82 -6.80 34.19
N LEU G 188 13.22 -7.92 33.73
CA LEU G 188 13.47 -9.24 34.28
C LEU G 188 14.63 -9.98 33.58
N ARG G 189 15.47 -9.23 32.84
CA ARG G 189 16.70 -9.67 32.17
C ARG G 189 16.51 -10.81 31.14
N ALA G 190 15.38 -10.79 30.40
CA ALA G 190 15.09 -11.79 29.36
C ALA G 190 16.15 -11.77 28.25
N GLY G 191 16.58 -12.95 27.81
CA GLY G 191 17.53 -13.07 26.71
C GLY G 191 16.82 -12.88 25.38
N ARG G 192 15.56 -13.32 25.31
CA ARG G 192 14.70 -13.23 24.15
C ARG G 192 13.26 -13.05 24.56
N VAL G 193 12.44 -12.51 23.63
CA VAL G 193 10.99 -12.46 23.75
C VAL G 193 10.54 -13.15 22.46
N GLU G 194 9.77 -14.25 22.57
CA GLU G 194 9.35 -15.06 21.42
C GLU G 194 7.87 -15.32 21.42
N TRP G 195 7.32 -15.66 20.25
CA TRP G 195 5.90 -15.97 20.04
C TRP G 195 5.75 -16.64 18.67
N CYS G 196 4.54 -17.02 18.32
CA CYS G 196 4.22 -17.67 17.05
C CYS G 196 3.23 -16.86 16.26
N VAL G 197 3.25 -17.01 14.94
CA VAL G 197 2.31 -16.34 14.06
C VAL G 197 1.89 -17.31 12.95
N LEU G 198 0.62 -17.22 12.48
CA LEU G 198 0.16 -18.03 11.34
C LEU G 198 0.77 -17.41 10.08
N ASP G 199 1.31 -18.25 9.18
CA ASP G 199 2.00 -17.80 7.96
C ASP G 199 1.12 -16.90 7.05
N TRP G 200 -0.21 -17.07 7.12
CA TRP G 200 -1.12 -16.26 6.33
C TRP G 200 -1.48 -14.91 6.98
N ASN G 201 -1.23 -14.76 8.29
CA ASN G 201 -1.56 -13.55 9.06
C ASN G 201 -0.53 -12.44 8.76
N VAL G 202 -0.61 -11.89 7.55
CA VAL G 202 0.29 -10.86 7.02
C VAL G 202 0.26 -9.55 7.82
N ASN G 203 -0.91 -9.18 8.37
CA ASN G 203 -1.04 -7.96 9.15
C ASN G 203 -0.29 -8.08 10.47
N ALA G 204 -0.29 -9.27 11.11
CA ALA G 204 0.45 -9.49 12.36
C ALA G 204 1.93 -9.56 12.08
N ILE G 205 2.35 -10.23 10.96
CA ILE G 205 3.75 -10.34 10.52
C ILE G 205 4.35 -8.93 10.30
N LYS G 206 3.64 -8.03 9.59
CA LYS G 206 4.06 -6.64 9.35
C LYS G 206 4.18 -5.89 10.66
N PHE G 207 3.19 -6.06 11.57
CA PHE G 207 3.16 -5.46 12.88
C PHE G 207 4.42 -5.85 13.69
N TYR G 208 4.75 -7.16 13.77
CA TYR G 208 5.91 -7.72 14.48
C TYR G 208 7.23 -7.25 13.92
N GLU G 209 7.36 -7.26 12.58
CA GLU G 209 8.57 -6.85 11.88
C GLU G 209 8.86 -5.36 12.09
N GLY G 210 7.80 -4.56 12.15
CA GLY G 210 7.89 -3.13 12.41
C GLY G 210 8.37 -2.81 13.81
N LEU G 211 8.31 -3.79 14.73
CA LEU G 211 8.80 -3.68 16.10
C LEU G 211 10.20 -4.29 16.29
N GLY G 212 10.80 -4.76 15.20
CA GLY G 212 12.14 -5.34 15.15
C GLY G 212 12.21 -6.85 15.30
N ALA G 213 11.06 -7.55 15.39
CA ALA G 213 11.05 -8.99 15.52
C ALA G 213 11.38 -9.65 14.20
N LYS G 214 12.05 -10.82 14.27
CA LYS G 214 12.41 -11.60 13.11
C LYS G 214 11.54 -12.84 13.05
N VAL G 215 10.89 -13.07 11.90
CA VAL G 215 10.09 -14.26 11.64
C VAL G 215 11.14 -15.27 11.15
N MET G 216 11.31 -16.40 11.87
CA MET G 216 12.33 -17.39 11.54
C MET G 216 11.74 -18.48 10.71
N PRO G 217 12.03 -18.52 9.39
CA PRO G 217 11.37 -19.51 8.52
C PRO G 217 11.71 -20.98 8.69
N GLU G 218 12.87 -21.30 9.27
CA GLU G 218 13.37 -22.67 9.38
C GLU G 218 12.67 -23.56 10.45
N TRP G 219 12.11 -22.97 11.50
CA TRP G 219 11.49 -23.71 12.58
C TRP G 219 10.04 -24.08 12.33
N ARG G 220 9.68 -25.31 12.76
CA ARG G 220 8.31 -25.83 12.69
C ARG G 220 7.87 -26.27 14.08
N ILE G 221 6.61 -26.02 14.43
CA ILE G 221 6.06 -26.43 15.72
C ILE G 221 5.54 -27.86 15.63
N CYS G 222 5.86 -28.67 16.64
CA CYS G 222 5.41 -30.03 16.82
C CYS G 222 4.50 -30.10 18.02
N ARG G 223 3.39 -30.83 17.88
CA ARG G 223 2.42 -30.94 18.94
C ARG G 223 2.01 -32.37 19.16
N LEU G 224 2.04 -32.77 20.42
CA LEU G 224 1.56 -34.07 20.85
C LEU G 224 0.38 -33.72 21.79
N THR G 225 -0.84 -34.04 21.35
CA THR G 225 -2.07 -33.73 22.09
C THR G 225 -3.15 -34.79 21.84
N GLY G 226 -4.28 -34.65 22.54
CA GLY G 226 -5.45 -35.51 22.40
C GLY G 226 -5.17 -36.98 22.57
N GLU G 227 -5.66 -37.78 21.60
CA GLU G 227 -5.53 -39.24 21.57
C GLU G 227 -4.09 -39.71 21.47
N ALA G 228 -3.28 -39.04 20.62
CA ALA G 228 -1.87 -39.35 20.42
C ALA G 228 -1.08 -39.18 21.72
N LEU G 229 -1.39 -38.10 22.49
CA LEU G 229 -0.77 -37.83 23.79
C LEU G 229 -1.20 -38.92 24.79
N GLU G 230 -2.50 -39.27 24.81
CA GLU G 230 -3.04 -40.33 25.67
C GLU G 230 -2.42 -41.70 25.37
N ALA G 231 -2.19 -42.00 24.08
CA ALA G 231 -1.57 -43.25 23.62
C ALA G 231 -0.06 -43.32 23.91
N CYS G 232 0.61 -42.17 24.05
CA CYS G 232 2.05 -42.15 24.31
C CYS G 232 2.40 -42.66 25.71
N ALA G 233 2.86 -43.91 25.81
CA ALA G 233 3.22 -44.52 27.09
C ALA G 233 4.53 -45.30 26.96
N LEU G 234 5.26 -45.45 28.10
CA LEU G 234 6.51 -46.23 28.15
C LEU G 234 6.24 -47.72 27.82
N GLU H 24 27.22 -54.09 22.64
CA GLU H 24 27.03 -55.53 22.84
C GLU H 24 25.80 -55.82 23.70
N GLY H 25 25.07 -56.88 23.33
CA GLY H 25 23.90 -57.40 24.03
C GLY H 25 22.76 -56.46 24.32
N THR H 26 22.55 -56.17 25.63
CA THR H 26 21.49 -55.33 26.17
C THR H 26 22.02 -54.35 27.23
N LEU H 27 21.69 -53.04 27.08
CA LEU H 27 22.07 -51.95 27.98
C LEU H 27 20.98 -51.70 29.02
N THR H 28 21.34 -51.01 30.12
CA THR H 28 20.44 -50.59 31.19
C THR H 28 20.33 -49.06 31.11
N ALA H 29 19.22 -48.56 30.53
CA ALA H 29 18.99 -47.12 30.36
C ALA H 29 18.30 -46.53 31.57
N THR H 30 18.79 -45.37 32.03
CA THR H 30 18.27 -44.65 33.19
C THR H 30 17.98 -43.21 32.82
N VAL H 31 16.74 -42.76 33.14
CA VAL H 31 16.30 -41.37 32.96
C VAL H 31 16.06 -40.86 34.39
N ARG H 32 16.82 -39.83 34.79
CA ARG H 32 16.72 -39.25 36.13
C ARG H 32 16.76 -37.73 36.09
N LEU H 33 16.34 -37.07 37.18
CA LEU H 33 16.41 -35.62 37.29
C LEU H 33 17.87 -35.18 37.35
N ALA H 34 18.22 -34.10 36.65
CA ALA H 34 19.57 -33.56 36.71
C ALA H 34 19.74 -32.81 38.03
N THR H 35 20.97 -32.81 38.57
CA THR H 35 21.32 -32.09 39.79
C THR H 35 22.37 -31.04 39.38
N PRO H 36 22.71 -29.99 40.19
CA PRO H 36 23.77 -29.05 39.77
C PRO H 36 25.10 -29.72 39.40
N ALA H 37 25.38 -30.95 39.91
CA ALA H 37 26.58 -31.74 39.61
C ALA H 37 26.65 -32.16 38.13
N ASP H 38 25.51 -32.09 37.42
CA ASP H 38 25.35 -32.43 36.01
C ASP H 38 25.62 -31.25 35.07
N ALA H 39 25.79 -30.01 35.60
CA ALA H 39 26.07 -28.80 34.80
C ALA H 39 27.25 -28.99 33.79
N PRO H 40 28.42 -29.61 34.16
CA PRO H 40 29.49 -29.81 33.15
C PRO H 40 29.05 -30.65 31.92
N SER H 41 28.35 -31.78 32.14
CA SER H 41 27.83 -32.65 31.08
C SER H 41 26.73 -31.98 30.27
N ILE H 42 25.80 -31.24 30.94
CA ILE H 42 24.71 -30.52 30.29
C ILE H 42 25.28 -29.48 29.33
N ALA H 43 26.31 -28.72 29.76
CA ALA H 43 26.99 -27.71 28.93
C ALA H 43 27.58 -28.34 27.67
N LYS H 44 28.31 -29.49 27.80
CA LYS H 44 28.92 -30.24 26.68
C LYS H 44 27.86 -30.74 25.68
N LEU H 45 26.73 -31.25 26.21
CA LEU H 45 25.62 -31.79 25.44
C LEU H 45 24.88 -30.69 24.66
N ILE H 46 24.68 -29.49 25.27
CA ILE H 46 24.05 -28.32 24.62
C ILE H 46 24.91 -27.89 23.44
N ARG H 47 26.25 -27.92 23.65
CA ARG H 47 27.25 -27.54 22.66
C ARG H 47 27.26 -28.48 21.48
N GLU H 48 27.06 -29.80 21.72
CA GLU H 48 27.00 -30.84 20.70
C GLU H 48 25.73 -30.69 19.88
N LEU H 49 24.62 -30.31 20.54
CA LEU H 49 23.31 -30.08 19.91
C LEU H 49 23.33 -28.82 19.04
N ALA H 50 23.94 -27.73 19.54
CA ALA H 50 24.10 -26.48 18.78
C ALA H 50 24.88 -26.77 17.51
N ASP H 51 25.93 -27.61 17.63
CA ASP H 51 26.77 -28.03 16.51
C ASP H 51 25.94 -28.83 15.51
N PHE H 52 25.09 -29.78 15.99
CA PHE H 52 24.20 -30.58 15.12
C PHE H 52 23.22 -29.69 14.35
N GLU H 53 22.63 -28.69 15.05
CA GLU H 53 21.66 -27.75 14.51
C GLU H 53 22.26 -26.61 13.69
N GLU H 54 23.60 -26.66 13.46
CA GLU H 54 24.35 -25.69 12.67
C GLU H 54 24.18 -24.26 13.23
N LEU H 55 24.29 -24.16 14.57
CA LEU H 55 24.14 -22.93 15.35
C LEU H 55 25.24 -22.75 16.41
N SER H 56 26.44 -23.35 16.18
CA SER H 56 27.59 -23.26 17.09
C SER H 56 27.98 -21.86 17.54
N HIS H 57 28.09 -20.92 16.58
CA HIS H 57 28.48 -19.53 16.83
C HIS H 57 27.50 -18.80 17.79
N ALA H 58 26.20 -19.15 17.75
CA ALA H 58 25.14 -18.56 18.57
C ALA H 58 25.03 -19.18 19.98
N CYS H 59 25.73 -20.30 20.21
CA CYS H 59 25.71 -21.00 21.50
C CYS H 59 26.82 -20.46 22.41
N VAL H 60 26.43 -19.83 23.52
CA VAL H 60 27.33 -19.23 24.52
C VAL H 60 27.11 -19.82 25.93
N VAL H 61 26.62 -21.07 26.03
CA VAL H 61 26.41 -21.78 27.30
C VAL H 61 27.73 -21.98 28.06
N THR H 62 27.69 -21.79 29.39
CA THR H 62 28.80 -22.06 30.32
C THR H 62 28.19 -22.77 31.52
N GLU H 63 28.99 -23.49 32.31
CA GLU H 63 28.54 -24.16 33.55
C GLU H 63 27.98 -23.10 34.50
N GLU H 64 28.63 -21.93 34.58
CA GLU H 64 28.24 -20.80 35.44
C GLU H 64 26.85 -20.28 35.09
N LYS H 65 26.56 -20.17 33.78
CA LYS H 65 25.27 -19.71 33.24
C LYS H 65 24.14 -20.68 33.59
N LEU H 66 24.45 -21.97 33.65
CA LEU H 66 23.47 -23.00 34.02
C LEU H 66 23.21 -22.96 35.54
N HIS H 67 24.26 -22.70 36.36
CA HIS H 67 24.13 -22.60 37.82
C HIS H 67 23.30 -21.40 38.25
N SER H 68 23.35 -20.31 37.48
CA SER H 68 22.61 -19.05 37.73
C SER H 68 21.15 -19.15 37.32
N SER H 69 20.81 -20.03 36.36
CA SER H 69 19.47 -20.07 35.81
C SER H 69 18.68 -21.34 36.09
N LEU H 70 19.36 -22.47 36.33
CA LEU H 70 18.66 -23.74 36.60
C LEU H 70 18.68 -24.07 38.10
N TRP H 71 17.90 -25.08 38.51
CA TRP H 71 17.82 -25.56 39.90
C TRP H 71 17.44 -24.44 40.91
N LYS H 72 16.58 -23.50 40.48
CA LYS H 72 16.10 -22.36 41.29
C LYS H 72 14.66 -22.59 41.77
N LEU H 73 13.86 -23.31 40.98
CA LEU H 73 12.46 -23.63 41.23
C LEU H 73 12.29 -25.12 41.37
N PRO H 74 11.16 -25.62 41.96
CA PRO H 74 10.97 -27.07 42.07
C PRO H 74 10.95 -27.73 40.68
N PRO H 75 11.37 -29.00 40.53
CA PRO H 75 11.32 -29.63 39.20
C PRO H 75 9.90 -29.60 38.64
N PHE H 76 9.79 -29.40 37.31
CA PHE H 76 8.54 -29.35 36.52
C PHE H 76 7.74 -28.06 36.73
N GLN H 77 8.30 -27.10 37.51
CA GLN H 77 7.68 -25.83 37.82
C GLN H 77 8.45 -24.67 37.19
N GLY H 78 9.50 -25.01 36.47
CA GLY H 78 10.36 -24.11 35.72
C GLY H 78 11.21 -24.91 34.75
N PRO H 79 12.32 -24.35 34.19
CA PRO H 79 13.17 -25.16 33.28
C PRO H 79 13.81 -26.35 34.03
N THR H 80 13.52 -27.58 33.56
CA THR H 80 13.94 -28.83 34.21
C THR H 80 14.68 -29.71 33.23
N VAL H 81 15.75 -30.37 33.71
CA VAL H 81 16.57 -31.27 32.89
C VAL H 81 16.46 -32.70 33.40
N LEU H 82 16.29 -33.65 32.48
CA LEU H 82 16.35 -35.08 32.75
C LEU H 82 17.60 -35.59 32.04
N MET H 83 18.44 -36.35 32.74
CA MET H 83 19.65 -36.93 32.19
C MET H 83 19.35 -38.32 31.70
N LEU H 84 19.92 -38.70 30.56
CA LEU H 84 19.83 -40.06 30.04
C LEU H 84 21.22 -40.63 30.17
N GLU H 85 21.32 -41.68 31.00
CA GLU H 85 22.58 -42.38 31.25
C GLU H 85 22.41 -43.88 31.06
N VAL H 86 23.39 -44.53 30.42
CA VAL H 86 23.34 -45.97 30.16
C VAL H 86 24.37 -46.73 30.97
N CYS H 87 24.15 -48.05 31.12
CA CYS H 87 25.04 -48.96 31.83
C CYS H 87 25.19 -50.25 31.03
N GLN H 88 26.33 -50.96 31.23
CA GLN H 88 26.65 -52.22 30.56
C GLN H 88 26.46 -53.38 31.54
N VAL H 106 9.73 -36.74 43.91
CA VAL H 106 9.21 -35.87 42.82
C VAL H 106 9.24 -36.63 41.49
N PHE H 107 10.39 -37.30 41.22
CA PHE H 107 10.61 -38.07 40.01
C PHE H 107 11.46 -39.29 40.33
N GLU H 108 10.81 -40.46 40.31
CA GLU H 108 11.49 -41.75 40.53
C GLU H 108 12.22 -42.05 39.20
N PRO H 109 13.55 -42.39 39.24
CA PRO H 109 14.25 -42.69 37.98
C PRO H 109 13.60 -43.79 37.15
N ILE H 110 13.57 -43.61 35.83
CA ILE H 110 13.00 -44.59 34.90
C ILE H 110 14.13 -45.48 34.43
N VAL H 111 14.02 -46.79 34.73
CA VAL H 111 15.02 -47.79 34.37
C VAL H 111 14.44 -48.78 33.36
N ARG H 112 15.08 -48.91 32.18
CA ARG H 112 14.63 -49.80 31.10
C ARG H 112 15.78 -50.57 30.49
N SER H 113 15.52 -51.80 30.06
CA SER H 113 16.48 -52.65 29.36
C SER H 113 16.36 -52.30 27.87
N VAL H 114 17.50 -52.17 27.18
CA VAL H 114 17.52 -51.79 25.77
C VAL H 114 18.38 -52.78 25.00
N VAL H 115 17.75 -53.54 24.09
CA VAL H 115 18.46 -54.49 23.23
C VAL H 115 19.10 -53.64 22.12
N LEU H 116 20.44 -53.69 22.05
CA LEU H 116 21.21 -52.91 21.08
C LEU H 116 21.03 -53.35 19.65
N LYS H 117 20.66 -52.39 18.79
CA LYS H 117 20.46 -52.55 17.35
C LYS H 117 21.79 -53.08 16.76
N ASN H 118 22.92 -52.45 17.14
CA ASN H 118 24.29 -52.79 16.75
C ASN H 118 25.25 -52.46 17.91
N PRO H 119 26.44 -53.13 18.03
CA PRO H 119 27.38 -52.78 19.12
C PRO H 119 27.84 -51.32 19.04
N ILE H 120 28.00 -50.67 20.20
CA ILE H 120 28.36 -49.25 20.26
C ILE H 120 29.85 -49.01 20.55
N ASP H 121 30.46 -48.15 19.71
CA ASP H 121 31.84 -47.71 19.87
C ASP H 121 31.77 -46.24 20.29
N ASP H 122 32.13 -45.97 21.55
CA ASP H 122 32.08 -44.62 22.14
C ASP H 122 33.48 -44.16 22.61
N SER H 123 34.13 -43.32 21.79
CA SER H 123 35.46 -42.78 22.09
C SER H 123 35.41 -41.68 23.16
N ALA H 124 34.24 -41.04 23.33
CA ALA H 124 33.98 -39.95 24.29
C ALA H 124 33.52 -40.44 25.67
N ARG H 125 33.42 -41.77 25.87
CA ARG H 125 32.96 -42.46 27.08
C ARG H 125 33.54 -41.93 28.40
N GLU H 126 34.87 -41.73 28.46
CA GLU H 126 35.55 -41.27 29.67
C GLU H 126 35.27 -39.81 30.03
N GLY H 127 34.91 -39.00 29.04
CA GLY H 127 34.57 -37.60 29.25
C GLY H 127 33.11 -37.40 29.63
N PHE H 128 32.33 -38.51 29.67
CA PHE H 128 30.91 -38.50 30.00
C PHE H 128 30.55 -39.48 31.13
N ARG H 129 31.45 -39.60 32.13
CA ARG H 129 31.19 -40.43 33.30
C ARG H 129 30.15 -39.71 34.17
N SER H 130 29.09 -40.44 34.60
CA SER H 130 27.99 -39.92 35.40
C SER H 130 28.39 -39.52 36.83
N PRO H 131 27.94 -38.33 37.30
CA PRO H 131 28.27 -37.91 38.67
C PRO H 131 27.44 -38.60 39.76
N SER H 132 26.28 -39.20 39.39
CA SER H 132 25.38 -39.91 40.31
C SER H 132 25.95 -41.29 40.72
N THR H 133 26.49 -42.04 39.73
CA THR H 133 27.11 -43.35 39.94
C THR H 133 28.25 -43.57 38.93
N GLY H 134 29.43 -43.95 39.44
CA GLY H 134 30.63 -44.19 38.66
C GLY H 134 30.68 -45.53 37.98
N THR H 135 29.66 -45.82 37.14
CA THR H 135 29.46 -47.04 36.35
C THR H 135 28.59 -46.70 35.13
N HIS H 136 27.70 -45.70 35.31
CA HIS H 136 26.76 -45.18 34.30
C HIS H 136 27.48 -44.15 33.41
N THR H 137 27.12 -44.09 32.14
CA THR H 137 27.69 -43.13 31.18
C THR H 137 26.57 -42.23 30.66
N THR H 138 26.68 -40.90 30.90
CA THR H 138 25.69 -39.94 30.40
C THR H 138 25.77 -39.90 28.86
N VAL H 139 24.63 -40.17 28.20
CA VAL H 139 24.52 -40.27 26.74
C VAL H 139 23.54 -39.24 26.14
N GLY H 140 22.69 -38.64 26.97
CA GLY H 140 21.73 -37.65 26.50
C GLY H 140 21.09 -36.81 27.58
N PHE H 141 20.29 -35.82 27.16
CA PHE H 141 19.53 -34.95 28.05
C PHE H 141 18.29 -34.39 27.34
N VAL H 142 17.37 -33.87 28.15
CA VAL H 142 16.16 -33.21 27.69
C VAL H 142 15.89 -32.04 28.65
N LEU H 143 15.55 -30.87 28.09
CA LEU H 143 15.19 -29.71 28.92
C LEU H 143 13.78 -29.35 28.53
N PHE H 144 12.91 -29.17 29.53
CA PHE H 144 11.51 -28.83 29.31
C PHE H 144 10.99 -27.92 30.43
N PHE H 145 9.90 -27.21 30.18
CA PHE H 145 9.31 -26.29 31.14
C PHE H 145 7.82 -26.15 30.89
N PRO H 146 7.00 -25.67 31.85
CA PRO H 146 5.57 -25.51 31.56
C PRO H 146 5.23 -24.45 30.52
N ASN H 147 4.22 -24.71 29.70
CA ASN H 147 3.70 -23.74 28.74
C ASN H 147 2.19 -23.62 28.97
N TYR H 148 1.48 -22.85 28.16
CA TYR H 148 0.05 -22.67 28.43
C TYR H 148 -0.72 -22.53 27.12
N SER H 149 -1.86 -23.24 27.01
CA SER H 149 -2.73 -23.11 25.84
C SER H 149 -3.98 -22.38 26.28
N THR H 150 -4.28 -21.22 25.65
CA THR H 150 -5.51 -20.48 26.00
C THR H 150 -6.76 -21.13 25.41
N PHE H 151 -6.61 -21.85 24.26
CA PHE H 151 -7.73 -22.52 23.61
C PHE H 151 -8.20 -23.73 24.42
N LEU H 152 -7.27 -24.40 25.09
CA LEU H 152 -7.62 -25.49 26.00
C LEU H 152 -7.84 -24.91 27.41
N ALA H 153 -7.30 -23.68 27.69
CA ALA H 153 -7.31 -22.96 28.97
C ALA H 153 -6.69 -23.90 30.02
N LYS H 154 -5.52 -24.45 29.65
CA LYS H 154 -4.84 -25.50 30.38
C LYS H 154 -3.34 -25.38 30.14
N GLY H 155 -2.57 -25.64 31.18
CA GLY H 155 -1.13 -25.71 31.09
C GLY H 155 -0.68 -27.00 30.41
N GLY H 156 0.48 -26.91 29.79
CA GLY H 156 1.10 -28.04 29.11
C GLY H 156 2.59 -28.00 29.34
N TYR H 157 3.34 -28.73 28.53
CA TYR H 157 4.80 -28.73 28.64
C TYR H 157 5.46 -28.51 27.33
N TYR H 158 6.54 -27.76 27.37
CA TYR H 158 7.29 -27.44 26.19
C TYR H 158 8.69 -28.03 26.32
N ILE H 159 9.14 -28.79 25.30
CA ILE H 159 10.47 -29.36 25.28
C ILE H 159 11.38 -28.42 24.49
N GLU H 160 12.38 -27.88 25.17
CA GLU H 160 13.34 -26.95 24.59
C GLU H 160 14.40 -27.71 23.79
N ASP H 161 15.04 -28.73 24.41
CA ASP H 161 16.09 -29.52 23.81
C ASP H 161 15.92 -30.99 24.08
N LEU H 162 16.30 -31.83 23.10
CA LEU H 162 16.29 -33.28 23.18
C LEU H 162 17.53 -33.71 22.42
N TYR H 163 18.51 -34.29 23.12
CA TYR H 163 19.77 -34.67 22.48
C TYR H 163 20.29 -36.01 22.97
N VAL H 164 20.59 -36.88 22.03
CA VAL H 164 21.20 -38.18 22.30
C VAL H 164 22.53 -38.16 21.53
N ARG H 165 23.67 -38.46 22.20
CA ARG H 165 25.00 -38.50 21.57
C ARG H 165 25.03 -39.50 20.40
N LYS H 166 25.76 -39.14 19.31
CA LYS H 166 25.85 -39.88 18.03
C LYS H 166 26.00 -41.41 18.16
N PRO H 167 26.92 -42.00 18.98
CA PRO H 167 27.02 -43.48 19.03
C PRO H 167 25.80 -44.20 19.58
N TYR H 168 24.90 -43.47 20.27
CA TYR H 168 23.73 -44.03 20.95
C TYR H 168 22.37 -43.79 20.24
N ARG H 169 22.39 -43.18 19.04
CA ARG H 169 21.19 -42.90 18.25
C ARG H 169 20.71 -44.15 17.51
N GLY H 170 19.45 -44.14 17.09
CA GLY H 170 18.82 -45.21 16.31
C GLY H 170 18.64 -46.55 17.00
N THR H 171 18.87 -46.63 18.33
CA THR H 171 18.75 -47.93 19.02
C THR H 171 17.56 -47.99 19.99
N GLY H 172 16.85 -46.88 20.17
CA GLY H 172 15.67 -46.82 21.03
C GLY H 172 15.79 -45.97 22.27
N LEU H 173 16.95 -45.28 22.45
CA LEU H 173 17.22 -44.45 23.62
C LEU H 173 16.45 -43.14 23.64
N GLY H 174 16.35 -42.49 22.47
CA GLY H 174 15.61 -41.24 22.29
C GLY H 174 14.13 -41.39 22.56
N THR H 175 13.54 -42.57 22.24
CA THR H 175 12.12 -42.86 22.52
C THR H 175 11.90 -42.83 24.03
N ILE H 176 12.78 -43.52 24.81
CA ILE H 176 12.74 -43.61 26.28
C ILE H 176 12.82 -42.22 26.95
N LEU H 177 13.77 -41.37 26.54
CA LEU H 177 13.95 -40.02 27.08
C LEU H 177 12.72 -39.14 26.82
N LEU H 178 12.19 -39.13 25.58
CA LEU H 178 11.01 -38.34 25.22
C LEU H 178 9.75 -38.85 25.95
N LYS H 179 9.53 -40.18 25.94
CA LYS H 179 8.39 -40.82 26.61
C LYS H 179 8.37 -40.59 28.14
N SER H 180 9.57 -40.46 28.76
CA SER H 180 9.73 -40.17 30.19
C SER H 180 9.19 -38.78 30.51
N VAL H 181 9.45 -37.80 29.63
CA VAL H 181 8.95 -36.42 29.75
C VAL H 181 7.42 -36.42 29.59
N VAL H 182 6.93 -37.10 28.54
CA VAL H 182 5.50 -37.20 28.23
C VAL H 182 4.73 -37.85 29.38
N GLN H 183 5.28 -38.93 29.97
CA GLN H 183 4.67 -39.63 31.11
C GLN H 183 4.54 -38.69 32.31
N GLN H 184 5.59 -37.89 32.59
CA GLN H 184 5.56 -36.93 33.67
C GLN H 184 4.53 -35.81 33.38
N ALA H 185 4.50 -35.29 32.13
CA ALA H 185 3.56 -34.26 31.68
C ALA H 185 2.10 -34.73 31.84
N LYS H 186 1.81 -36.00 31.48
CA LYS H 186 0.47 -36.60 31.60
C LYS H 186 0.06 -36.77 33.05
N LYS H 187 1.01 -37.11 33.94
CA LYS H 187 0.79 -37.25 35.39
C LYS H 187 0.42 -35.85 35.94
N LEU H 188 1.00 -34.80 35.34
CA LEU H 188 0.73 -33.42 35.71
C LEU H 188 -0.42 -32.79 34.90
N ARG H 189 -1.23 -33.64 34.22
CA ARG H 189 -2.44 -33.30 33.46
C ARG H 189 -2.23 -32.28 32.32
N ALA H 190 -1.08 -32.36 31.61
CA ALA H 190 -0.75 -31.48 30.49
C ALA H 190 -1.78 -31.63 29.37
N GLY H 191 -2.22 -30.51 28.80
CA GLY H 191 -3.15 -30.50 27.68
C GLY H 191 -2.43 -30.90 26.40
N ARG H 192 -1.16 -30.47 26.28
CA ARG H 192 -0.28 -30.70 25.14
C ARG H 192 1.15 -30.82 25.59
N VAL H 193 1.97 -31.47 24.75
CA VAL H 193 3.42 -31.53 24.87
C VAL H 193 3.90 -31.00 23.52
N GLU H 194 4.64 -29.89 23.51
CA GLU H 194 5.08 -29.21 22.27
C GLU H 194 6.57 -28.94 22.26
N TRP H 195 7.11 -28.74 21.05
CA TRP H 195 8.52 -28.44 20.82
C TRP H 195 8.65 -27.93 19.39
N CYS H 196 9.85 -27.53 18.98
CA CYS H 196 10.04 -27.13 17.60
C CYS H 196 11.19 -27.92 16.95
N VAL H 197 11.21 -27.99 15.63
CA VAL H 197 12.21 -28.76 14.89
C VAL H 197 12.61 -27.96 13.66
N LEU H 198 13.87 -28.09 13.20
CA LEU H 198 14.34 -27.45 11.95
C LEU H 198 13.73 -28.24 10.81
N ASP H 199 13.18 -27.53 9.79
CA ASP H 199 12.51 -28.15 8.64
C ASP H 199 13.37 -29.17 7.88
N TRP H 200 14.72 -28.98 7.91
CA TRP H 200 15.63 -29.88 7.22
C TRP H 200 16.00 -31.13 8.02
N ASN H 201 15.71 -31.14 9.34
CA ASN H 201 16.03 -32.23 10.24
C ASN H 201 15.06 -33.40 10.07
N VAL H 202 15.16 -34.09 8.92
CA VAL H 202 14.27 -35.17 8.53
C VAL H 202 14.29 -36.36 9.50
N ASN H 203 15.45 -36.64 10.13
CA ASN H 203 15.55 -37.75 11.09
C ASN H 203 14.76 -37.48 12.36
N ALA H 204 14.79 -36.23 12.87
CA ALA H 204 14.02 -35.86 14.06
C ALA H 204 12.53 -35.80 13.74
N ILE H 205 12.16 -35.25 12.54
CA ILE H 205 10.76 -35.17 12.07
C ILE H 205 10.14 -36.58 12.01
N LYS H 206 10.85 -37.56 11.42
CA LYS H 206 10.40 -38.96 11.31
C LYS H 206 10.23 -39.56 12.70
N PHE H 207 11.20 -39.29 13.61
CA PHE H 207 11.20 -39.75 15.00
C PHE H 207 9.97 -39.24 15.77
N TYR H 208 9.66 -37.93 15.64
CA TYR H 208 8.52 -37.28 16.29
C TYR H 208 7.18 -37.80 15.75
N GLU H 209 7.06 -37.91 14.41
CA GLU H 209 5.85 -38.41 13.75
C GLU H 209 5.53 -39.85 14.11
N GLY H 210 6.58 -40.66 14.27
CA GLY H 210 6.52 -42.06 14.67
C GLY H 210 5.99 -42.24 16.09
N LEU H 211 6.05 -41.16 16.89
CA LEU H 211 5.56 -41.13 18.28
C LEU H 211 4.16 -40.51 18.38
N GLY H 212 3.58 -40.14 17.24
CA GLY H 212 2.25 -39.54 17.20
C GLY H 212 2.17 -38.03 17.16
N ALA H 213 3.33 -37.33 17.23
CA ALA H 213 3.36 -35.87 17.19
C ALA H 213 3.06 -35.37 15.77
N LYS H 214 2.40 -34.21 15.68
CA LYS H 214 2.07 -33.61 14.40
C LYS H 214 2.92 -32.36 14.20
N VAL H 215 3.61 -32.29 13.04
CA VAL H 215 4.41 -31.13 12.65
C VAL H 215 3.39 -30.20 12.01
N MET H 216 3.20 -29.00 12.57
CA MET H 216 2.20 -28.06 12.09
C MET H 216 2.85 -27.05 11.16
N PRO H 217 2.59 -27.15 9.84
CA PRO H 217 3.29 -26.27 8.88
C PRO H 217 2.91 -24.78 8.86
N GLU H 218 1.74 -24.40 9.38
CA GLU H 218 1.22 -23.04 9.33
C GLU H 218 1.88 -22.03 10.31
N TRP H 219 2.44 -22.51 11.41
CA TRP H 219 3.03 -21.64 12.42
C TRP H 219 4.48 -21.28 12.16
N ARG H 220 4.83 -20.03 12.45
CA ARG H 220 6.19 -19.50 12.36
C ARG H 220 6.60 -18.90 13.69
N ILE H 221 7.85 -19.13 14.11
CA ILE H 221 8.39 -18.56 15.33
C ILE H 221 8.90 -17.16 15.07
N CYS H 222 8.55 -16.19 15.96
CA CYS H 222 9.05 -14.81 15.92
C CYS H 222 9.92 -14.58 17.12
N ARG H 223 11.01 -13.87 16.93
CA ARG H 223 11.95 -13.62 17.99
C ARG H 223 12.37 -12.17 18.04
N LEU H 224 12.35 -11.61 19.24
CA LEU H 224 12.84 -10.27 19.52
C LEU H 224 14.01 -10.50 20.49
N THR H 225 15.24 -10.26 20.00
CA THR H 225 16.47 -10.47 20.76
C THR H 225 17.54 -9.47 20.34
N GLY H 226 18.70 -9.54 21.00
CA GLY H 226 19.87 -8.72 20.72
C GLY H 226 19.61 -7.23 20.71
N GLU H 227 20.08 -6.55 19.64
CA GLU H 227 19.95 -5.12 19.47
C GLU H 227 18.52 -4.67 19.30
N ALA H 228 17.69 -5.42 18.57
CA ALA H 228 16.26 -5.12 18.37
C ALA H 228 15.51 -5.10 19.70
N LEU H 229 15.82 -6.08 20.59
CA LEU H 229 15.23 -6.16 21.92
C LEU H 229 15.68 -4.96 22.76
N GLU H 230 17.00 -4.63 22.71
CA GLU H 230 17.58 -3.49 23.42
C GLU H 230 16.99 -2.15 22.95
N ALA H 231 16.74 -2.03 21.63
CA ALA H 231 16.16 -0.82 21.02
C ALA H 231 14.66 -0.67 21.32
N CYS H 232 13.96 -1.77 21.63
CA CYS H 232 12.53 -1.70 21.91
C CYS H 232 12.25 -0.90 23.22
N ALA H 233 11.78 0.35 23.06
CA ALA H 233 11.50 1.27 24.15
C ALA H 233 10.06 1.81 24.17
N LEU H 234 9.58 2.17 25.37
CA LEU H 234 8.25 2.74 25.60
C LEU H 234 8.35 3.89 26.63
N1A COA I . -52.75 19.05 -4.56
N1A COA I . -52.68 19.07 -4.60
C2A COA I . -51.78 18.91 -3.56
C2A COA I . -51.68 18.95 -3.62
N3A COA I . -50.61 18.23 -3.61
N3A COA I . -50.52 18.27 -3.66
C4A COA I . -50.39 17.61 -4.83
C4A COA I . -50.33 17.59 -4.87
C5A COA I . -51.33 17.67 -5.95
C5A COA I . -51.28 17.62 -5.97
C6A COA I . -52.51 18.41 -5.74
C6A COA I . -52.45 18.38 -5.77
N6A COA I . -53.43 18.50 -6.78
N6A COA I . -53.40 18.44 -6.79
N7A COA I . -50.87 16.92 -7.01
N7A COA I . -50.84 16.82 -7.01
C8A COA I . -49.68 16.45 -6.59
C8A COA I . -49.65 16.36 -6.60
N9A COA I . -49.35 16.82 -5.28
N9A COA I . -49.29 16.78 -5.30
C1B COA I . -48.12 16.38 -4.55
C1B COA I . -48.04 16.38 -4.59
C2B COA I . -47.76 14.84 -4.74
C2B COA I . -47.74 14.82 -4.60
O2B COA I . -48.49 14.03 -3.86
O2B COA I . -48.44 14.16 -3.59
C3B COA I . -46.18 14.97 -4.41
C3B COA I . -46.13 14.92 -4.38
O3B COA I . -46.04 14.96 -3.07
O3B COA I . -45.87 14.98 -3.06
P3B COA I . -44.67 14.07 -2.29
P3B COA I . -44.37 14.23 -2.34
O7A COA I . -43.54 14.82 -2.97
O7A COA I . -43.34 15.08 -3.06
O8A COA I . -44.85 14.41 -0.82
O8A COA I . -44.54 14.55 -0.87
O9A COA I . -45.01 12.66 -2.66
O9A COA I . -44.58 12.78 -2.69
C4B COA I . -45.84 16.38 -4.99
C4B COA I . -45.78 16.29 -5.07
O4B COA I . -47.06 17.12 -5.13
O4B COA I . -47.00 16.99 -5.32
C5B COA I . -45.03 16.36 -6.32
C5B COA I . -44.94 16.14 -6.36
O5B COA I . -45.68 15.56 -7.22
O5B COA I . -45.68 15.43 -7.28
P1A COA I . -46.26 16.00 -8.69
P1A COA I . -46.20 15.96 -8.76
O1A COA I . -46.84 17.37 -8.67
O1A COA I . -46.82 17.32 -8.67
O2A COA I . -46.87 14.82 -9.37
O2A COA I . -46.72 14.81 -9.54
O3A COA I . -44.84 16.28 -9.39
O3A COA I . -44.76 16.35 -9.34
P2A COA I . -44.17 17.46 -10.16
P2A COA I . -44.14 17.54 -10.15
O4A COA I . -44.97 17.88 -11.34
O4A COA I . -44.96 17.88 -11.36
O5A COA I . -43.45 18.48 -9.33
O5A COA I . -43.38 18.57 -9.40
O6A COA I . -42.88 16.53 -10.88
O6A COA I . -42.85 16.55 -10.87
CBP COA I . -40.43 16.49 -10.74
CBP COA I . -40.39 16.55 -10.81
CCP COA I . -41.84 15.95 -10.18
CCP COA I . -41.79 16.00 -10.20
CDP COA I . -39.34 16.07 -9.75
CDP COA I . -39.24 16.10 -9.88
CEP COA I . -40.18 15.78 -12.09
CEP COA I . -40.21 15.88 -12.19
CAP COA I . -40.48 18.09 -10.84
CAP COA I . -40.44 18.15 -10.86
OAP COA I . -40.74 18.75 -9.59
OAP COA I . -40.66 18.75 -9.59
C9P COA I . -39.27 18.66 -11.55
C9P COA I . -39.24 18.76 -11.60
O9P COA I . -39.20 18.74 -12.78
O9P COA I . -39.24 18.94 -12.81
N8P COA I . -38.19 19.11 -10.70
N8P COA I . -38.14 19.17 -10.78
C7P COA I . -36.92 19.66 -11.14
C7P COA I . -36.89 19.77 -11.24
C6P COA I . -36.14 18.60 -11.97
C6P COA I . -36.09 18.74 -12.10
C5P COA I . -35.87 17.34 -11.16
C5P COA I . -35.89 17.43 -11.36
O5P COA I . -35.73 17.25 -9.94
O5P COA I . -35.74 17.30 -10.14
N4P COA I . -35.78 16.23 -11.98
N4P COA I . -35.86 16.32 -12.21
C3P COA I . -35.50 14.89 -11.47
C3P COA I . -35.66 14.94 -11.75
C2P COA I . -34.26 14.35 -12.26
C2P COA I . -34.23 14.47 -12.14
S1P COA I . -33.81 12.75 -11.52
S1P COA I . -34.15 14.28 -13.96
N LYS J . -29.12 13.80 -18.43
CA LYS J . -27.96 13.96 -17.57
C LYS J . -26.67 13.77 -18.38
O LYS J . -25.56 13.90 -17.80
CB LYS J . -28.03 13.02 -16.37
CG LYS J . -29.21 13.27 -15.42
CD LYS J . -29.48 12.01 -14.61
CE LYS J . -30.60 12.16 -13.60
NZ LYS J . -31.91 12.29 -14.26
OXT LYS J . -26.77 13.54 -19.59
NA NA K . -31.49 14.97 -9.79
N LYS L . -26.50 -7.33 -12.28
CA LYS L . -27.08 -6.85 -11.02
C LYS L . -28.63 -6.86 -11.05
O LYS L . -29.26 -6.37 -10.08
CB LYS L . -26.54 -5.43 -10.69
CG LYS L . -25.02 -5.34 -10.54
CD LYS L . -24.55 -3.88 -10.83
CE LYS L . -23.09 -3.63 -10.64
NZ LYS L . -22.28 -4.40 -11.59
OXT LYS L . -29.24 -7.35 -12.06
C1 EDO M . -28.72 -0.14 -11.14
O1 EDO M . -29.16 -0.15 -12.50
C2 EDO M . -28.67 -1.56 -10.50
O2 EDO M . -27.37 -1.76 -9.96
S SO4 N . -35.73 26.33 -9.60
O1 SO4 N . -36.02 27.76 -9.51
O2 SO4 N . -36.12 25.69 -8.33
O3 SO4 N . -36.47 25.75 -10.74
O4 SO4 N . -34.30 26.13 -9.82
S SO4 O . -29.92 24.93 -30.86
O1 SO4 O . -30.71 26.09 -30.43
O2 SO4 O . -30.47 23.76 -30.20
O3 SO4 O . -30.01 24.73 -32.32
O4 SO4 O . -28.52 25.16 -30.46
C1 EDO P . -28.10 11.68 -39.36
O1 EDO P . -27.61 11.02 -38.18
C2 EDO P . -28.35 13.20 -39.10
O2 EDO P . -29.74 13.48 -39.16
C1 EDO Q . -35.14 -4.40 -25.87
O1 EDO Q . -33.71 -4.35 -25.88
C2 EDO Q . -35.73 -3.35 -26.86
O2 EDO Q . -37.08 -3.09 -26.48
N1A COA R . 1.17 -8.15 -12.02
N1A COA R . 1.05 -8.24 -12.32
C2A COA R . 0.76 -7.41 -10.90
C2A COA R . 0.69 -7.56 -11.13
N3A COA R . -0.32 -6.61 -10.75
N3A COA R . -0.36 -6.74 -10.90
C4A COA R . -1.10 -6.54 -11.89
C4A COA R . -1.17 -6.57 -12.02
C5A COA R . -0.81 -7.24 -13.11
C5A COA R . -0.92 -7.19 -13.29
C6A COA R . 0.36 -8.05 -13.12
C6A COA R . 0.21 -8.03 -13.39
N6A COA R . 0.70 -8.77 -14.27
N6A COA R . 0.50 -8.66 -14.61
N7A COA R . -1.77 -6.96 -14.09
N7A COA R . -1.91 -6.80 -14.22
C8A COA R . -2.63 -6.11 -13.46
C8A COA R . -2.71 -5.98 -13.51
N9A COA R . -2.25 -5.82 -12.13
N9A COA R . -2.30 -5.79 -12.18
C1B COA R . -3.01 -4.93 -11.19
C1B COA R . -3.00 -4.98 -11.16
C2B COA R . -3.61 -3.64 -11.84
C2B COA R . -3.67 -3.68 -11.73
O2B COA R . -2.68 -2.64 -11.91
O2B COA R . -2.77 -2.64 -11.77
C3B COA R . -4.80 -3.43 -10.77
C3B COA R . -4.81 -3.55 -10.63
O3B COA R . -4.34 -2.69 -9.75
O3B COA R . -4.33 -2.85 -9.60
P3B COA R . -5.31 -1.29 -9.06
P3B COA R . -5.20 -1.36 -9.01
O7A COA R . -6.55 -2.06 -8.70
O7A COA R . -6.57 -1.98 -8.88
O8A COA R . -4.45 -0.88 -7.88
O8A COA R . -4.47 -1.11 -7.71
O9A COA R . -5.30 -0.32 -10.22
O9A COA R . -4.91 -0.39 -10.12
C4B COA R . -5.12 -4.88 -10.31
C4B COA R . -5.10 -5.01 -10.22
O4B COA R . -4.08 -5.72 -10.75
O4B COA R . -4.04 -5.81 -10.66
C5B COA R . -6.48 -5.40 -10.85
C5B COA R . -6.43 -5.53 -10.79
O5B COA R . -6.43 -5.38 -12.23
O5B COA R . -6.36 -5.43 -12.17
P1A COA R . -6.67 -6.65 -13.25
P1A COA R . -6.62 -6.64 -13.26
O1A COA R . -5.93 -7.89 -12.82
O1A COA R . -5.93 -7.91 -12.87
O2A COA R . -6.71 -6.14 -14.65
O2A COA R . -6.64 -6.06 -14.62
O3A COA R . -8.15 -7.05 -12.77
O3A COA R . -8.12 -7.03 -12.81
P2A COA R . -8.89 -8.37 -12.40
P2A COA R . -8.88 -8.35 -12.42
O4A COA R . -8.81 -9.40 -13.48
O4A COA R . -8.76 -9.38 -13.50
O5A COA R . -9.01 -8.73 -10.95
O5A COA R . -8.98 -8.70 -10.99
O6A COA R . -10.47 -7.70 -12.71
O6A COA R . -10.44 -7.72 -12.76
CBP COA R . -12.50 -7.19 -11.46
CBP COA R . -12.46 -7.17 -11.54
CCP COA R . -11.05 -6.71 -11.96
CCP COA R . -11.03 -6.71 -12.02
CDP COA R . -13.03 -6.08 -10.53
CDP COA R . -13.02 -6.03 -10.67
CEP COA R . -13.38 -7.32 -12.69
CEP COA R . -13.31 -7.32 -12.80
CAP COA R . -12.32 -8.56 -10.61
CAP COA R . -12.31 -8.53 -10.68
OAP COA R . -11.49 -8.44 -9.50
OAP COA R . -11.47 -8.41 -9.57
C9P COA R . -13.67 -9.24 -10.26
C9P COA R . -13.65 -9.20 -10.31
O9P COA R . -14.28 -9.98 -11.02
O9P COA R . -14.31 -9.87 -11.09
N8P COA R . -14.14 -9.01 -8.94
N8P COA R . -14.03 -9.07 -8.95
C7P COA R . -15.35 -9.54 -8.35
C7P COA R . -15.20 -9.63 -8.29
C6P COA R . -16.59 -8.93 -9.04
C6P COA R . -16.50 -9.13 -8.94
C5P COA R . -16.54 -7.40 -9.01
C5P COA R . -16.52 -7.62 -9.02
O5P COA R . -15.97 -6.72 -8.15
O5P COA R . -16.20 -6.86 -8.10
N4P COA R . -17.23 -6.81 -10.08
N4P COA R . -16.99 -7.12 -10.26
C3P COA R . -17.37 -5.38 -10.29
C3P COA R . -17.18 -5.72 -10.57
C2P COA R . -18.77 -5.09 -10.87
C2P COA R . -18.66 -5.35 -10.23
S1P COA R . -19.14 -3.34 -10.56
S1P COA R . -19.81 -6.21 -11.41
NA NA S . -19.71 -3.82 -7.21
S SO4 T . -30.31 -23.48 -14.79
O1 SO4 T . -29.32 -24.32 -14.14
O2 SO4 T . -31.33 -23.04 -13.81
O3 SO4 T . -30.99 -24.24 -15.84
O4 SO4 T . -29.64 -22.32 -15.39
N1A COA U . -16.72 47.52 -25.37
N1A COA U . -16.87 47.37 -25.27
C2A COA U . -16.17 46.24 -25.62
C2A COA U . -16.37 46.08 -25.49
N3A COA U . -15.67 45.35 -24.73
N3A COA U . -15.82 45.22 -24.61
C4A COA U . -15.75 45.80 -23.41
C4A COA U . -15.77 45.73 -23.31
C5A COA U . -16.27 47.09 -23.01
C5A COA U . -16.24 47.05 -22.94
C6A COA U . -16.74 47.93 -24.06
C6A COA U . -16.79 47.85 -23.97
N6A COA U . -17.25 49.17 -23.76
N6A COA U . -17.27 49.10 -23.71
N7A COA U . -16.16 47.26 -21.64
N7A COA U . -16.02 47.28 -21.58
C8A COA U . -15.61 46.10 -21.21
C8A COA U . -15.45 46.14 -21.14
N9A COA U . -15.36 45.19 -22.25
N9A COA U . -15.26 45.18 -22.16
C1B COA U . -14.75 43.85 -22.07
C1B COA U . -14.67 43.82 -21.97
C2B COA U . -13.40 43.84 -21.28
C2B COA U . -13.26 43.80 -21.27
O2B COA U . -12.34 44.22 -22.09
O2B COA U . -12.25 44.11 -22.18
C3B COA U . -13.44 42.30 -20.84
C3B COA U . -13.32 42.27 -20.75
O3B COA U . -12.93 41.57 -21.84
O3B COA U . -12.82 41.48 -21.72
P3B COA U . -11.67 40.33 -21.49
P3B COA U . -11.69 40.10 -21.32
O7A COA U . -12.52 39.44 -20.60
O7A COA U . -12.67 39.27 -20.52
O8A COA U . -11.40 39.77 -22.88
O8A COA U . -11.38 39.55 -22.71
O9A COA U . -10.56 41.17 -20.91
O9A COA U . -10.56 40.84 -20.66
C4B COA U . -14.96 42.04 -20.67
C4B COA U . -14.84 42.04 -20.56
O4B COA U . -15.66 43.09 -21.32
O4B COA U . -15.53 43.14 -21.12
C5B COA U . -15.39 41.87 -19.20
C5B COA U . -15.25 41.83 -19.08
O5B COA U . -15.05 43.03 -18.51
O5B COA U . -14.97 43.01 -18.41
P1A COA U . -16.08 44.01 -17.71
P1A COA U . -16.05 43.97 -17.66
O1A COA U . -17.28 44.30 -18.54
O1A COA U . -17.24 44.24 -18.52
O2A COA U . -15.33 45.02 -16.92
O2A COA U . -15.34 45.02 -16.86
O3A COA U . -16.66 42.88 -16.70
O3A COA U . -16.65 42.87 -16.67
P2A COA U . -18.08 42.39 -16.25
P2A COA U . -18.08 42.43 -16.20
O4A COA U . -18.91 43.56 -15.86
O4A COA U . -18.86 43.59 -15.70
O5A COA U . -18.62 41.16 -16.90
O5A COA U . -18.70 41.26 -16.88
O6A COA U . -17.61 41.73 -14.71
O6A COA U . -17.54 41.66 -14.72
CBP COA U . -17.60 39.41 -13.76
CBP COA U . -17.58 39.33 -13.82
CCP COA U . -16.83 40.60 -14.61
CCP COA U . -16.81 40.50 -14.68
CDP COA U . -16.84 38.09 -14.02
CDP COA U . -16.88 37.98 -14.10
CEP COA U . -17.46 39.77 -12.31
CEP COA U . -17.41 39.68 -12.36
CAP COA U . -19.11 39.23 -14.26
CAP COA U . -19.11 39.23 -14.31
OAP COA U . -19.19 38.91 -15.61
OAP COA U . -19.22 38.91 -15.68
C9P COA U . -19.93 38.27 -13.38
C9P COA U . -19.97 38.32 -13.43
O9P COA U . -20.43 38.60 -12.32
O9P COA U . -20.46 38.69 -12.37
N8P COA U . -20.09 36.95 -13.92
N8P COA U . -20.22 37.01 -13.95
C7P COA U . -20.79 35.86 -13.30
C7P COA U . -21.00 35.96 -13.33
C6P COA U . -20.21 35.55 -11.90
C6P COA U . -20.44 35.57 -11.93
C5P COA U . -18.75 35.13 -11.97
C5P COA U . -18.94 35.31 -11.99
O5P COA U . -18.25 34.50 -12.89
O5P COA U . -18.39 34.62 -12.84
N4P COA U . -17.98 35.49 -10.84
N4P COA U . -18.21 35.90 -10.94
C3P COA U . -16.56 35.17 -10.69
C3P COA U . -16.77 35.77 -10.80
C2P COA U . -16.40 34.06 -9.61
C2P COA U . -16.46 34.55 -9.92
S1P COA U . -14.61 33.87 -9.22
S1P COA U . -16.79 35.03 -8.18
NA NA V . -16.06 30.99 -10.58
N LYS W . 3.06 30.14 2.22
CA LYS W . 3.14 30.09 0.76
C LYS W . 3.17 31.50 0.13
O LYS W . 3.27 32.50 0.88
CB LYS W . 1.98 29.27 0.18
CG LYS W . 1.89 27.83 0.66
CD LYS W . 0.43 27.33 0.51
CE LYS W . 0.25 25.86 0.83
NZ LYS W . 0.51 25.60 2.25
OXT LYS W . 3.13 31.61 -1.13
C1 EDO X . -1.99 30.14 -2.63
O1 EDO X . -0.81 29.62 -2.07
C2 EDO X . -2.41 31.39 -1.84
O2 EDO X . -3.83 31.47 -1.64
S SO4 Y . -26.52 33.30 -16.80
O1 SO4 Y . -25.84 34.55 -16.51
O2 SO4 Y . -26.42 32.42 -15.63
O3 SO4 Y . -25.89 32.66 -17.95
O4 SO4 Y . -27.94 33.56 -17.10
N LYS Z . -18.65 32.20 -1.88
CA LYS Z . -18.51 30.78 -2.20
C LYS Z . -18.69 29.88 -0.93
O LYS Z . -19.04 30.43 0.13
CB LYS Z . -17.17 30.49 -2.88
CG LYS Z . -16.97 31.20 -4.20
CD LYS Z . -15.47 31.26 -4.52
CE LYS Z . -15.14 31.90 -5.87
NZ LYS Z . -15.58 33.30 -5.96
OXT LYS Z . -18.43 28.65 -0.99
N1A COA AA . 2.62 5.17 13.79
N1A COA AA . 2.51 5.17 13.84
C2A COA AA . 2.45 4.96 12.41
C2A COA AA . 2.36 4.92 12.46
N3A COA AA . 1.83 5.74 11.49
N3A COA AA . 1.78 5.69 11.51
C4A COA AA . 1.27 6.89 12.04
C4A COA AA . 1.25 6.88 12.01
C5A COA AA . 1.34 7.24 13.45
C5A COA AA . 1.29 7.26 13.40
C6A COA AA . 2.04 6.33 14.29
C6A COA AA . 1.94 6.35 14.29
N6A COA AA . 2.17 6.60 15.64
N6A COA AA . 2.04 6.68 15.64
N7A COA AA . 0.67 8.45 13.70
N7A COA AA . 0.64 8.49 13.60
C8A COA AA . 0.21 8.83 12.48
C8A COA AA . 0.22 8.83 12.36
N9A COA AA . 0.51 7.91 11.45
N9A COA AA . 0.54 7.90 11.37
C1B COA AA . 0.17 8.09 10.01
C1B COA AA . 0.24 8.02 9.92
C2B COA AA . -1.23 8.74 9.74
C2B COA AA . -1.11 8.75 9.62
O2B COA AA . -2.23 7.78 9.75
O2B COA AA . -2.17 7.85 9.62
C3B COA AA . -0.88 9.37 8.29
C3B COA AA . -0.70 9.35 8.18
O3B COA AA . -1.13 8.45 7.35
O3B COA AA . -0.94 8.41 7.26
P3B COA AA . -1.92 8.87 5.77
P3B COA AA . -1.86 8.79 5.75
O7A COA AA . -1.00 10.00 5.34
O7A COA AA . -0.98 9.90 5.22
O8A COA AA . -1.73 7.58 4.99
O8A COA AA . -1.72 7.47 5.00
O9A COA AA . -3.33 9.15 6.23
O9A COA AA . -3.23 9.09 6.30
C4B COA AA . 0.65 9.66 8.41
C4B COA AA . 0.83 9.57 8.34
O4B COA AA . 1.14 8.98 9.55
O4B COA AA . 1.28 8.83 9.45
C5B COA AA . 1.02 11.16 8.48
C5B COA AA . 1.26 11.05 8.46
O5B COA AA . 0.41 11.70 9.60
O5B COA AA . 0.55 11.62 9.51
P1A COA AA . 1.13 12.48 10.86
P1A COA AA . 1.13 12.36 10.85
O1A COA AA . 2.39 11.78 11.28
O1A COA AA . 2.40 11.73 11.32
O2A COA AA . 0.10 13.04 11.79
O2A COA AA . 0.02 12.79 11.74
O3A COA AA . 1.77 13.68 10.02
O3A COA AA . 1.72 13.66 10.15
P2A COA AA . 3.16 14.36 9.90
P2A COA AA . 3.11 14.32 9.97
O4A COA AA . 3.69 14.83 11.23
O4A COA AA . 3.68 14.83 11.26
O5A COA AA . 4.06 13.92 8.79
O5A COA AA . 3.97 13.82 8.86
O6A COA AA . 2.51 15.84 9.25
O6A COA AA . 2.47 15.77 9.30
CBP COA AA . 2.64 17.10 7.16
CBP COA AA . 2.61 17.06 7.26
CCP COA AA . 1.90 15.97 8.03
CCP COA AA . 1.88 15.90 8.08
CDP COA AA . 2.06 17.09 5.74
CDP COA AA . 2.02 17.10 5.83
CEP COA AA . 2.34 18.44 7.84
CEP COA AA . 2.28 18.37 8.00
CAP COA AA . 4.20 16.73 7.10
CAP COA AA . 4.17 16.71 7.21
OAP COA AA . 4.46 15.49 6.49
OAP COA AA . 4.45 15.45 6.67
C9P COA AA . 5.07 17.87 6.52
C9P COA AA . 5.01 17.84 6.57
O9P COA AA . 5.45 18.82 7.20
O9P COA AA . 5.37 18.81 7.21
N8P COA AA . 5.42 17.75 5.13
N8P COA AA . 5.35 17.68 5.19
C7P COA AA . 6.25 18.69 4.35
C7P COA AA . 6.15 18.59 4.34
C6P COA AA . 5.49 20.04 4.14
C6P COA AA . 5.46 19.98 4.20
C5P COA AA . 4.07 19.81 3.62
C5P COA AA . 4.02 19.85 3.69
O5P COA AA . 3.75 18.93 2.82
O5P COA AA . 3.61 19.00 2.89
N4P COA AA . 3.13 20.72 4.11
N4P COA AA . 3.16 20.82 4.19
C3P COA AA . 1.73 20.74 3.75
C3P COA AA . 1.76 20.98 3.84
C2P COA AA . 1.27 22.20 3.57
C2P COA AA . 1.59 22.26 2.97
S1P COA AA . -0.02 22.21 2.30
S1P COA AA . 2.14 23.71 3.97
NA NA BA . 1.69 21.66 -0.49
C1 EDO CA . 7.20 16.94 -8.15
O1 EDO CA . 8.09 16.81 -7.04
C2 EDO CA . 7.56 18.24 -8.92
O2 EDO CA . 6.52 18.62 -9.79
NA NA DA . 16.91 36.92 9.19
N1A COA EA . 52.74 -15.94 13.53
N1A COA EA . 52.72 -15.94 13.55
C2A COA EA . 51.63 -15.25 14.06
C2A COA EA . 51.62 -15.23 14.07
N3A COA EA . 50.55 -14.76 13.42
N3A COA EA . 50.54 -14.73 13.42
C4A COA EA . 50.58 -14.99 12.04
C4A COA EA . 50.58 -14.99 12.04
C5A COA EA . 51.64 -15.69 11.35
C5A COA EA . 51.64 -15.69 11.37
C6A COA EA . 52.72 -16.15 12.17
C6A COA EA . 52.71 -16.16 12.20
N6A COA EA . 53.77 -16.83 11.59
N6A COA EA . 53.77 -16.84 11.62
N7A COA EA . 51.39 -15.75 9.98
N7A COA EA . 51.40 -15.76 9.99
C8A COA EA . 50.20 -15.13 9.84
C8A COA EA . 50.21 -15.14 9.84
N9A COA EA . 49.66 -14.63 11.05
N9A COA EA . 49.68 -14.64 11.04
C1B COA EA . 48.36 -13.91 11.19
C1B COA EA . 48.38 -13.91 11.17
C2B COA EA . 48.19 -12.69 10.20
C2B COA EA . 48.19 -12.73 10.14
O2B COA EA . 48.77 -11.54 10.73
O2B COA EA . 48.80 -11.56 10.60
C3B COA EA . 46.56 -12.70 10.16
C3B COA EA . 46.57 -12.71 10.14
O3B COA EA . 46.11 -11.80 11.03
O3B COA EA . 46.14 -11.80 11.01
P3B COA EA . 44.60 -10.84 10.69
P3B COA EA . 44.66 -10.81 10.69
O7A COA EA . 43.62 -12.00 10.72
O7A COA EA . 43.66 -11.94 10.71
O8A COA EA . 44.52 -9.90 11.88
O8A COA EA . 44.59 -9.88 11.89
O9A COA EA . 44.96 -10.18 9.39
O9A COA EA . 45.03 -10.12 9.40
C4B COA EA . 46.19 -14.15 10.58
C4B COA EA . 46.21 -14.16 10.59
O4B COA EA . 47.40 -14.84 10.84
O4B COA EA . 47.40 -14.84 10.87
C5B COA EA . 45.38 -14.91 9.51
C5B COA EA . 45.39 -14.94 9.52
O5B COA EA . 46.20 -15.08 8.41
O5B COA EA . 46.20 -15.09 8.42
P1A COA EA . 46.90 -16.47 7.86
P1A COA EA . 46.91 -16.47 7.87
O1A COA EA . 47.43 -17.32 8.97
O1A COA EA . 47.44 -17.33 8.97
O2A COA EA . 47.60 -16.16 6.59
O2A COA EA . 47.64 -16.13 6.61
O3A COA EA . 45.54 -17.29 7.58
O3A COA EA . 45.57 -17.30 7.54
P2A COA EA . 44.96 -18.71 7.87
P2A COA EA . 44.96 -18.71 7.86
O4A COA EA . 45.77 -19.83 7.31
O4A COA EA . 45.76 -19.85 7.32
O5A COA EA . 44.09 -18.89 9.07
O5A COA EA . 44.11 -18.85 9.08
O6A COA EA . 43.73 -18.54 6.61
O6A COA EA . 43.73 -18.53 6.62
CBP COA EA . 41.29 -18.60 6.44
CBP COA EA . 41.31 -18.61 6.45
CCP COA EA . 42.63 -17.73 6.70
CCP COA EA . 42.64 -17.73 6.73
CDP COA EA . 40.07 -17.70 6.74
CDP COA EA . 40.08 -17.71 6.78
CEP COA EA . 41.32 -18.99 4.95
CEP COA EA . 41.31 -18.98 4.95
CAP COA EA . 41.29 -19.88 7.44
CAP COA EA . 41.32 -19.89 7.44
OAP COA EA . 41.42 -19.52 8.79
OAP COA EA . 41.48 -19.55 8.80
C9P COA EA . 40.09 -20.84 7.19
C9P COA EA . 40.10 -20.84 7.22
O9P COA EA . 40.12 -21.71 6.33
O9P COA EA . 40.09 -21.69 6.34
N8P COA EA . 38.96 -20.71 8.06
N8P COA EA . 39.01 -20.73 8.15
C7P COA EA . 37.74 -21.52 8.03
C7P COA EA . 37.78 -21.53 8.19
C6P COA EA . 36.96 -21.33 6.68
C6P COA EA . 36.99 -21.45 6.84
C5P COA EA . 36.63 -19.85 6.44
C5P COA EA . 36.69 -20.01 6.46
O5P COA EA . 36.46 -19.01 7.32
O5P COA EA . 36.41 -19.12 7.26
N4P COA EA . 36.54 -19.51 5.08
N4P COA EA . 36.76 -19.76 5.08
C3P COA EA . 36.22 -18.16 4.61
C3P COA EA . 36.50 -18.44 4.49
C2P COA EA . 35.26 -18.25 3.40
C2P COA EA . 35.07 -18.43 3.90
S1P COA EA . 34.53 -16.59 3.15
S1P COA EA . 35.08 -19.49 2.39
NA NA FA . 32.25 -17.26 5.66
N LYS GA . 27.33 -2.88 -11.88
CA LYS GA . 27.85 -2.56 -10.55
C LYS GA . 29.39 -2.60 -10.48
O LYS GA . 29.95 -2.25 -9.41
CB LYS GA . 27.23 -3.47 -9.47
CG LYS GA . 25.73 -3.33 -9.34
CD LYS GA . 25.19 -4.57 -8.67
CE LYS GA . 23.69 -4.58 -8.67
NZ LYS GA . 23.19 -4.78 -10.03
OXT LYS GA . 30.03 -2.99 -11.47
N LYS HA . 30.33 -22.55 -1.44
CA LYS HA . 29.11 -22.11 -0.77
C LYS HA . 27.85 -22.57 -1.55
O LYS HA . 26.71 -22.29 -1.10
CB LYS HA . 29.11 -20.57 -0.56
CG LYS HA . 30.23 -20.07 0.35
CD LYS HA . 30.43 -18.58 0.09
CE LYS HA . 31.50 -17.96 0.95
NZ LYS HA . 32.85 -18.47 0.64
OXT LYS HA . 28.02 -23.26 -2.58
N1A COA IA . 0.17 -3.74 -14.31
N1A COA IA . 0.05 -3.72 -14.25
C2A COA IA . 0.47 -3.28 -13.02
C2A COA IA . 0.30 -3.32 -12.94
N3A COA IA . 1.48 -3.64 -12.20
N3A COA IA . 1.30 -3.68 -12.13
C4A COA IA . 2.30 -4.62 -12.75
C4A COA IA . 2.16 -4.60 -12.70
C5A COA IA . 2.12 -5.19 -14.06
C5A COA IA . 2.02 -5.12 -14.04
C6A COA IA . 1.01 -4.71 -14.81
C6A COA IA . 0.91 -4.63 -14.77
N6A COA IA . 0.77 -5.20 -16.07
N6A COA IA . 0.70 -5.09 -16.04
N7A COA IA . 3.10 -6.15 -14.34
N7A COA IA . 3.03 -6.05 -14.35
C8A COA IA . 3.87 -6.14 -13.22
C8A COA IA . 3.80 -6.05 -13.24
N9A COA IA . 3.42 -5.25 -12.21
N9A COA IA . 3.30 -5.19 -12.20
C1B COA IA . 4.09 -5.02 -10.89
C1B COA IA . 3.90 -5.08 -10.84
C2B COA IA . 4.64 -6.32 -10.22
C2B COA IA . 4.61 -6.40 -10.40
O2B COA IA . 3.65 -6.95 -9.48
O2B COA IA . 3.71 -7.26 -9.84
C3B COA IA . 5.82 -5.63 -9.35
C3B COA IA . 5.68 -5.76 -9.43
O3B COA IA . 5.34 -5.30 -8.14
O3B COA IA . 5.15 -5.66 -8.22
P3B COA IA . 6.24 -5.70 -6.60
P3B COA IA . 6.07 -6.16 -6.74
O7A COA IA . 7.43 -4.78 -6.82
O7A COA IA . 7.31 -5.32 -6.96
O8A COA IA . 5.26 -5.23 -5.54
O8A COA IA . 5.14 -5.66 -5.65
O9A COA IA . 6.38 -7.20 -6.73
O9A COA IA . 6.11 -7.67 -6.93
C4B COA IA . 6.16 -4.36 -10.19
C4B COA IA . 5.96 -4.37 -10.07
O4B COA IA . 5.19 -4.21 -11.21
O4B COA IA . 4.87 -4.07 -10.95
C5B COA IA . 7.60 -4.38 -10.82
C5B COA IA . 7.35 -4.27 -10.81
O5B COA IA . 7.66 -5.40 -11.74
O5B COA IA . 7.48 -5.34 -11.68
P1A COA IA . 7.86 -5.26 -13.38
P1A COA IA . 7.65 -5.26 -13.30
O1A COA IA . 7.15 -4.06 -13.94
O1A COA IA . 6.96 -4.07 -13.89
O2A COA IA . 7.85 -6.61 -14.01
O2A COA IA . 7.61 -6.62 -13.93
O3A COA IA . 9.35 -4.67 -13.37
O3A COA IA . 9.16 -4.70 -13.27
P2A COA IA . 10.04 -3.35 -13.81
P2A COA IA . 9.88 -3.40 -13.76
O4A COA IA . 10.05 -3.19 -15.30
O4A COA IA . 9.95 -3.34 -15.25
O5A COA IA . 10.00 -2.18 -12.88
O5A COA IA . 9.77 -2.19 -12.90
O6A COA IA . 11.69 -3.95 -13.51
O6A COA IA . 11.50 -3.92 -13.37
CBP COA IA . 13.58 -3.34 -12.07
CBP COA IA . 13.46 -3.34 -12.03
CCP COA IA . 12.21 -4.19 -12.27
CCP COA IA . 12.02 -4.10 -12.12
CDP COA IA . 14.00 -3.43 -10.59
CDP COA IA . 13.96 -3.40 -10.55
CEP COA IA . 14.66 -4.00 -12.94
CEP COA IA . 14.45 -4.08 -12.95
CAP COA IA . 13.27 -1.81 -12.44
CAP COA IA . 13.18 -1.83 -12.45
OAP COA IA . 12.29 -1.23 -11.60
OAP COA IA . 12.20 -1.22 -11.66
C9P COA IA . 14.54 -0.96 -12.57
C9P COA IA . 14.47 -1.00 -12.55
O9P COA IA . 15.16 -0.86 -13.63
O9P COA IA . 15.17 -0.99 -13.55
N8P COA IA . 14.95 -0.26 -11.40
N8P COA IA . 14.78 -0.19 -11.41
C7P COA IA . 16.10 0.61 -11.29
C7P COA IA . 15.91 0.70 -11.26
C6P COA IA . 17.40 -0.24 -11.41
C6P COA IA . 17.26 -0.06 -11.47
C5P COA IA . 17.44 -1.33 -10.35
C5P COA IA . 17.41 -1.16 -10.45
O5P COA IA . 16.95 -1.23 -9.23
O5P COA IA . 17.23 -1.01 -9.25
N4P COA IA . 18.11 -2.50 -10.75
N4P COA IA . 17.81 -2.40 -10.98
C3P COA IA . 18.25 -3.66 -9.87
C3P COA IA . 18.04 -3.59 -10.16
C2P COA IA . 19.75 -4.02 -9.72
C2P COA IA . 19.48 -3.60 -9.63
S1P COA IA . 19.93 -4.87 -8.11
S1P COA IA . 20.58 -3.82 -11.07
NA NA JA . 20.38 -2.64 -6.53
C1 EDO KA . -2.15 -3.81 -17.16
O1 EDO KA . -2.46 -5.12 -17.64
C2 EDO KA . -3.07 -3.50 -15.96
O2 EDO KA . -2.51 -2.57 -15.05
N1A COA LA . -2.21 6.16 12.89
N1A COA LA . -2.24 6.17 12.75
C2A COA LA . -2.01 5.30 11.80
C2A COA LA . -1.96 5.34 11.64
N3A COA LA . -1.40 4.10 11.77
N3A COA LA . -1.34 4.15 11.61
C4A COA LA . -0.90 3.71 13.02
C4A COA LA . -0.94 3.72 12.88
C5A COA LA . -1.02 4.50 14.22
C5A COA LA . -1.13 4.48 14.09
C6A COA LA . -1.70 5.74 14.10
C6A COA LA . -1.79 5.72 13.97
N6A COA LA . -1.86 6.56 15.21
N6A COA LA . -2.03 6.50 15.09
N7A COA LA . -0.42 3.86 15.31
N7A COA LA . -0.60 3.80 15.19
C8A COA LA . 0.03 2.70 14.78
C8A COA LA . -0.14 2.65 14.67
N9A COA LA . -0.21 2.56 13.39
N9A COA LA . -0.31 2.55 13.27
C1B COA LA . 0.18 1.39 12.53
C1B COA LA . 0.19 1.43 12.41
C2B COA LA . 1.52 0.74 12.94
C2B COA LA . 1.47 0.78 12.99
O2B COA LA . 2.59 1.46 12.43
O2B COA LA . 2.58 1.50 12.63
C3B COA LA . 1.24 -0.70 12.26
C3B COA LA . 1.30 -0.63 12.30
O3B COA LA . 1.61 -0.66 10.97
O3B COA LA . 1.68 -0.54 11.02
P3B COA LA . 2.55 -2.04 10.21
P3B COA LA . 2.60 -1.88 10.23
O7A COA LA . 1.57 -3.16 10.50
O7A COA LA . 1.64 -3.01 10.50
O8A COA LA . 2.59 -1.62 8.74
O8A COA LA . 2.66 -1.45 8.78
O9A COA LA . 3.86 -1.93 10.94
O9A COA LA . 3.90 -1.78 10.99
C4B COA LA . -0.30 -0.84 12.42
C4B COA LA . -0.22 -0.84 12.40
O4B COA LA . -0.81 0.43 12.74
O4B COA LA . -0.82 0.43 12.43
C5B COA LA . -0.74 -1.88 13.48
C5B COA LA . -0.70 -1.72 13.59
O5B COA LA . -0.20 -1.49 14.69
O5B COA LA . -0.22 -1.18 14.78
P1A COA LA . -0.98 -0.94 16.03
P1A COA LA . -1.04 -0.90 16.15
O1A COA LA . -2.25 -0.22 15.72
O1A COA LA . -2.34 -0.20 15.92
O2A COA LA . 0.04 -0.48 17.01
O2A COA LA . -0.07 -0.58 17.24
O3A COA LA . -1.62 -2.36 16.48
O3A COA LA . -1.64 -2.39 16.36
P2A COA LA . -3.07 -2.98 16.59
P2A COA LA . -3.07 -3.01 16.55
O4A COA LA . -3.83 -2.46 17.78
O4A COA LA . -3.81 -2.46 17.74
O5A COA LA . -3.75 -3.44 15.35
O5A COA LA . -3.79 -3.51 15.33
O6A COA LA . -2.50 -4.52 17.21
O6A COA LA . -2.48 -4.52 17.17
CBP COA LA . -2.56 -6.88 16.60
CBP COA LA . -2.53 -6.86 16.55
CCP COA LA . -1.83 -5.46 16.48
CCP COA LA . -1.82 -5.44 16.44
CDP COA LA . -1.87 -7.85 15.63
CDP COA LA . -1.79 -7.80 15.58
CEP COA LA . -2.38 -7.37 18.03
CEP COA LA . -2.32 -7.36 17.98
CAP COA LA . -4.10 -6.70 16.14
CAP COA LA . -4.07 -6.71 16.12
OAP COA LA . -4.27 -6.28 14.81
OAP COA LA . -4.27 -6.24 14.80
C9P COA LA . -4.98 -7.94 16.48
C9P COA LA . -4.90 -7.96 16.42
O9P COA LA . -5.45 -8.12 17.58
O9P COA LA . -5.30 -8.24 17.53
N8P COA LA . -5.24 -8.83 15.41
N8P COA LA . -5.22 -8.78 15.28
C7P COA LA . -6.06 -10.04 15.50
C7P COA LA . -6.03 -10.01 15.32
C6P COA LA . -5.33 -11.12 16.36
C6P COA LA . -5.44 -11.09 16.27
C5P COA LA . -3.96 -11.45 15.78
C5P COA LA . -3.98 -11.38 15.95
O5P COA LA . -3.70 -11.53 14.59
O5P COA LA . -3.51 -11.46 14.82
N4P COA LA . -2.97 -11.68 16.77
N4P COA LA . -3.18 -11.61 17.10
C3P COA LA . -1.58 -12.04 16.48
C3P COA LA . -1.73 -11.93 17.04
C2P COA LA . -1.19 -13.29 17.31
C2P COA LA . -1.48 -13.45 17.27
S1P COA LA . 0.30 -14.03 16.48
S1P COA LA . -2.41 -14.03 18.75
NA NA MA . -1.45 -15.63 14.34
N LYS NA . 17.95 -24.52 22.37
CA LYS NA . 17.93 -23.71 21.14
C LYS NA . 18.10 -22.22 21.47
O LYS NA . 18.33 -21.89 22.65
CB LYS NA . 16.63 -23.97 20.35
CG LYS NA . 16.48 -25.38 19.83
CD LYS NA . 15.02 -25.66 19.52
CE LYS NA . 14.77 -27.03 18.96
NZ LYS NA . 15.01 -28.11 19.95
OXT LYS NA . 18.04 -21.38 20.53
S SO4 OA . -18.03 -19.30 30.24
O1 SO4 OA . -18.94 -18.43 29.48
O2 SO4 OA . -18.46 -19.39 31.64
O3 SO4 OA . -16.69 -18.72 30.18
O4 SO4 OA . -18.02 -20.64 29.65
N LYS PA . -3.62 -19.72 22.00
CA LYS PA . -3.62 -20.70 20.90
C LYS PA . -3.80 -22.14 21.41
O LYS PA . -3.95 -22.35 22.64
CB LYS PA . -2.34 -20.55 20.07
CG LYS PA . -2.17 -19.19 19.38
CD LYS PA . -0.70 -18.96 19.06
CE LYS PA . -0.44 -17.68 18.31
NZ LYS PA . -0.70 -16.50 19.15
OXT LYS PA . -3.80 -23.09 20.58
N1A COA QA . 16.32 -51.64 15.55
N1A COA QA . 16.30 -51.62 15.58
C2A COA QA . 15.98 -50.81 14.48
C2A COA QA . 16.00 -50.77 14.50
N3A COA QA . 15.43 -49.56 14.51
N3A COA QA . 15.48 -49.52 14.53
C4A COA QA . 15.22 -49.10 15.81
C4A COA QA . 15.23 -49.05 15.82
C5A COA QA . 15.52 -49.85 17.02
C5A COA QA . 15.49 -49.81 17.02
C6A COA QA . 16.08 -51.14 16.81
C6A COA QA . 16.03 -51.12 16.83
N6A COA QA . 16.40 -51.93 17.91
N6A COA QA . 16.30 -51.91 17.94
N7A COA QA . 15.19 -49.11 18.16
N7A COA QA . 15.13 -49.08 18.16
C8A COA QA . 14.71 -47.95 17.66
C8A COA QA . 14.68 -47.91 17.66
N9A COA QA . 14.70 -47.89 16.26
N9A COA QA . 14.71 -47.83 16.24
C1B COA QA . 14.20 -46.75 15.44
C1B COA QA . 14.27 -46.67 15.42
C2B COA QA . 12.72 -46.32 15.76
C2B COA QA . 12.77 -46.25 15.62
O2B COA QA . 11.82 -47.17 15.12
O2B COA QA . 11.93 -47.06 14.86
C3B COA QA . 12.83 -44.80 15.15
C3B COA QA . 12.92 -44.69 15.13
O3B COA QA . 12.38 -44.82 13.89
O3B COA QA . 12.51 -44.63 13.84
P3B COA QA . 11.44 -43.43 13.17
P3B COA QA . 11.42 -43.29 13.22
O7A COA QA . 12.55 -42.40 13.20
O7A COA QA . 12.50 -42.26 12.99
O8A COA QA . 11.10 -43.96 11.79
O8A COA QA . 10.84 -43.92 11.96
O9A COA QA . 10.28 -43.35 14.12
O9A COA QA . 10.43 -43.14 14.36
C4B COA QA . 14.37 -44.51 15.21
C4B COA QA . 14.48 -44.44 15.25
O4B COA QA . 14.99 -45.67 15.74
O4B COA QA . 15.03 -45.59 15.82
C5B COA QA . 14.73 -43.30 16.07
C5B COA QA . 14.84 -43.20 16.12
O5B COA QA . 14.28 -43.59 17.33
O5B COA QA . 14.38 -43.46 17.39
P1A COA QA . 15.19 -43.92 18.67
P1A COA QA . 15.25 -43.82 18.74
O1A COA QA . 16.44 -44.66 18.35
O1A COA QA . 16.46 -44.66 18.45
O2A COA QA . 14.26 -44.22 19.80
O2A COA QA . 14.30 -44.06 19.87
O3A COA QA . 15.79 -42.44 18.84
O3A COA QA . 15.97 -42.40 18.89
P2A COA QA . 17.23 -41.81 18.88
P2A COA QA . 17.43 -41.84 18.82
O4A COA QA . 17.96 -42.17 20.13
O4A COA QA . 18.27 -42.31 19.96
O5A COA QA . 17.94 -41.53 17.59
O5A COA QA . 18.02 -41.51 17.48
O6A COA QA . 16.63 -40.23 19.29
O6A COA QA . 16.95 -40.22 19.36
CBP COA QA . 16.91 -37.95 18.54
CBP COA QA . 17.03 -37.91 18.55
CCP COA QA . 16.10 -39.33 18.44
CCP COA QA . 16.23 -39.31 18.63
CDP COA QA . 16.33 -36.98 17.51
CDP COA QA . 16.39 -37.05 17.44
CEP COA QA . 16.69 -37.41 19.95
CEP COA QA . 16.85 -37.23 19.90
CAP COA QA . 18.47 -38.21 18.21
CAP COA QA . 18.56 -38.22 18.16
OAP COA QA . 18.68 -38.92 17.02
OAP COA QA . 18.71 -38.89 16.93
C9P COA QA . 19.34 -36.93 18.29
C9P COA QA . 19.46 -36.96 18.25
O9P COA QA . 19.79 -36.49 19.33
O9P COA QA . 20.01 -36.62 19.30
N8P COA QA . 19.62 -36.29 17.05
N8P COA QA . 19.68 -36.25 17.05
C7P COA QA . 20.44 -35.08 16.86
C7P COA QA . 20.51 -35.06 16.89
C6P COA QA . 19.82 -33.86 17.61
C6P COA QA . 19.87 -33.84 17.63
C5P COA QA . 18.41 -33.57 17.13
C5P COA QA . 18.40 -33.67 17.27
O5P COA QA . 18.05 -33.60 15.96
O5P COA QA . 17.92 -33.82 16.15
N4P COA QA . 17.52 -33.22 18.18
N4P COA QA . 17.60 -33.30 18.38
C3P COA QA . 16.13 -32.85 17.98
C3P COA QA . 16.17 -33.04 18.29
C2P COA QA . 15.91 -31.43 18.54
C2P COA QA . 15.90 -31.53 18.31
S1P COA QA . 14.36 -30.78 17.84
S1P COA QA . 16.25 -30.89 20.01
NA NA RA . 16.02 -29.48 15.19
S SO4 SA . 32.70 -23.51 30.68
O1 SO4 SA . 32.67 -22.24 29.95
O2 SO4 SA . 32.90 -23.26 32.11
O3 SO4 SA . 31.45 -24.25 30.49
O4 SO4 SA . 33.81 -24.32 30.16
C1 EDO TA . 2.23 -23.47 20.54
O1 EDO TA . 3.64 -23.69 20.67
C2 EDO TA . 1.80 -23.25 19.06
O2 EDO TA . 0.65 -22.42 18.97
#